data_3IQB
# 
_entry.id   3IQB 
# 
_audit_conform.dict_name       mmcif_pdbx.dic 
_audit_conform.dict_version    5.378 
_audit_conform.dict_location   http://mmcif.pdb.org/dictionaries/ascii/mmcif_pdbx.dic 
# 
loop_
_database_2.database_id 
_database_2.database_code 
_database_2.pdbx_database_accession 
_database_2.pdbx_DOI 
PDB   3IQB         pdb_00003iqb 10.2210/pdb3iqb/pdb 
RCSB  RCSB054731   ?            ?                   
WWPDB D_1000054731 ?            ?                   
# 
loop_
_pdbx_database_related.db_name 
_pdbx_database_related.db_id 
_pdbx_database_related.details 
_pdbx_database_related.content_type 
PDB 1U55 'Wild-type H-NOX' unspecified 
PDB 1U4H 'Wild-type H-NOX' unspecified 
PDB 1U56 'Wild-type H-NOX' unspecified 
PDB 3EEE 'P115A H-NOX'     unspecified 
# 
_pdbx_database_status.status_code                     REL 
_pdbx_database_status.entry_id                        3IQB 
_pdbx_database_status.recvd_initial_deposition_date   2009-08-19 
_pdbx_database_status.deposit_site                    RCSB 
_pdbx_database_status.process_site                    RCSB 
_pdbx_database_status.status_code_sf                  REL 
_pdbx_database_status.status_code_mr                  ? 
_pdbx_database_status.SG_entry                        ? 
_pdbx_database_status.pdb_format_compatible           Y 
_pdbx_database_status.status_code_cs                  ? 
_pdbx_database_status.status_code_nmr_data            ? 
_pdbx_database_status.methods_development_category    ? 
# 
loop_
_audit_author.name 
_audit_author.pdbx_ordinal 
'Weinert, E.E.'  1 
'Plate, L.'      2 
'Whited, C.A.'   3 
'Olea Jr, C.'    4 
'Marletta, M.A.' 5 
# 
_citation.id                        primary 
_citation.title                     'Determinants of Ligand Affinity and Heme Reactivity in H-NOX Domains.' 
_citation.journal_abbrev            Angew.Chem.Int.Ed.Engl. 
_citation.journal_volume            49 
_citation.page_first                720 
_citation.page_last                 723 
_citation.year                      2009 
_citation.journal_id_ASTM           ? 
_citation.country                   GE 
_citation.journal_id_ISSN           1433-7851 
_citation.journal_id_CSD            9999 
_citation.book_publisher            ? 
_citation.pdbx_database_id_PubMed   20017169 
_citation.pdbx_database_id_DOI      10.1002/anie.200904799 
# 
loop_
_citation_author.citation_id 
_citation_author.name 
_citation_author.ordinal 
_citation_author.identifier_ORCID 
primary 'Weinert, E.E.'  1 ? 
primary 'Plate, L.'      2 ? 
primary 'Whited, C.A.'   3 ? 
primary 'Olea, C.'       4 ? 
primary 'Marletta, M.A.' 5 ? 
# 
_cell.entry_id           3IQB 
_cell.length_a           75.490 
_cell.length_b           75.490 
_cell.length_c           174.978 
_cell.angle_alpha        90.00 
_cell.angle_beta         90.00 
_cell.angle_gamma        120.00 
_cell.Z_PDB              12 
_cell.pdbx_unique_axis   ? 
# 
_symmetry.entry_id                         3IQB 
_symmetry.space_group_name_H-M             'P 64 2 2' 
_symmetry.pdbx_full_space_group_name_H-M   ? 
_symmetry.cell_setting                     ? 
_symmetry.Int_Tables_number                181 
# 
loop_
_entity.id 
_entity.type 
_entity.src_method 
_entity.pdbx_description 
_entity.formula_weight 
_entity.pdbx_number_of_molecules 
_entity.pdbx_ec 
_entity.pdbx_mutation 
_entity.pdbx_fragment 
_entity.details 
1 polymer     man 'Methyl-accepting chemotaxis protein' 22115.535 1  ? I75F,L144F 'UNP residues 1-188, H-NOX domain,' ? 
2 non-polymer syn 'PROTOPORPHYRIN IX CONTAINING FE'     616.487   1  ? ?          ?                                   ? 
3 non-polymer syn 'OXYGEN MOLECULE'                     31.999    1  ? ?          ?                                   ? 
4 non-polymer syn 'SULFATE ION'                         96.063    1  ? ?          ?                                   ? 
5 water       nat water                                 18.015    49 ? ?          ?                                   ? 
# 
_entity_poly.entity_id                      1 
_entity_poly.type                           'polypeptide(L)' 
_entity_poly.nstd_linkage                   no 
_entity_poly.nstd_monomer                   no 
_entity_poly.pdbx_seq_one_letter_code       
;MKGTIVGTWIKTLRDLYGNDVVDESLKSVGWEPDRVITPLEDIDDDEVRRIFAKVSEKTGKNVNEIWREVGRQNFKTFSE
WFPSYFAGRRLVNFLMMMDEVHLQLTKMIKGATPPRLIAKPVAKDAIEMEYVSKRKMYDYFLGFIEGSSKFFKEEISVEE
VERGEKDGFSRLKVRIKFKNPVFEYKKN
;
_entity_poly.pdbx_seq_one_letter_code_can   
;MKGTIVGTWIKTLRDLYGNDVVDESLKSVGWEPDRVITPLEDIDDDEVRRIFAKVSEKTGKNVNEIWREVGRQNFKTFSE
WFPSYFAGRRLVNFLMMMDEVHLQLTKMIKGATPPRLIAKPVAKDAIEMEYVSKRKMYDYFLGFIEGSSKFFKEEISVEE
VERGEKDGFSRLKVRIKFKNPVFEYKKN
;
_entity_poly.pdbx_strand_id                 A 
_entity_poly.pdbx_target_identifier         ? 
# 
loop_
_entity_poly_seq.entity_id 
_entity_poly_seq.num 
_entity_poly_seq.mon_id 
_entity_poly_seq.hetero 
1 1   MET n 
1 2   LYS n 
1 3   GLY n 
1 4   THR n 
1 5   ILE n 
1 6   VAL n 
1 7   GLY n 
1 8   THR n 
1 9   TRP n 
1 10  ILE n 
1 11  LYS n 
1 12  THR n 
1 13  LEU n 
1 14  ARG n 
1 15  ASP n 
1 16  LEU n 
1 17  TYR n 
1 18  GLY n 
1 19  ASN n 
1 20  ASP n 
1 21  VAL n 
1 22  VAL n 
1 23  ASP n 
1 24  GLU n 
1 25  SER n 
1 26  LEU n 
1 27  LYS n 
1 28  SER n 
1 29  VAL n 
1 30  GLY n 
1 31  TRP n 
1 32  GLU n 
1 33  PRO n 
1 34  ASP n 
1 35  ARG n 
1 36  VAL n 
1 37  ILE n 
1 38  THR n 
1 39  PRO n 
1 40  LEU n 
1 41  GLU n 
1 42  ASP n 
1 43  ILE n 
1 44  ASP n 
1 45  ASP n 
1 46  ASP n 
1 47  GLU n 
1 48  VAL n 
1 49  ARG n 
1 50  ARG n 
1 51  ILE n 
1 52  PHE n 
1 53  ALA n 
1 54  LYS n 
1 55  VAL n 
1 56  SER n 
1 57  GLU n 
1 58  LYS n 
1 59  THR n 
1 60  GLY n 
1 61  LYS n 
1 62  ASN n 
1 63  VAL n 
1 64  ASN n 
1 65  GLU n 
1 66  ILE n 
1 67  TRP n 
1 68  ARG n 
1 69  GLU n 
1 70  VAL n 
1 71  GLY n 
1 72  ARG n 
1 73  GLN n 
1 74  ASN n 
1 75  PHE n 
1 76  LYS n 
1 77  THR n 
1 78  PHE n 
1 79  SER n 
1 80  GLU n 
1 81  TRP n 
1 82  PHE n 
1 83  PRO n 
1 84  SER n 
1 85  TYR n 
1 86  PHE n 
1 87  ALA n 
1 88  GLY n 
1 89  ARG n 
1 90  ARG n 
1 91  LEU n 
1 92  VAL n 
1 93  ASN n 
1 94  PHE n 
1 95  LEU n 
1 96  MET n 
1 97  MET n 
1 98  MET n 
1 99  ASP n 
1 100 GLU n 
1 101 VAL n 
1 102 HIS n 
1 103 LEU n 
1 104 GLN n 
1 105 LEU n 
1 106 THR n 
1 107 LYS n 
1 108 MET n 
1 109 ILE n 
1 110 LYS n 
1 111 GLY n 
1 112 ALA n 
1 113 THR n 
1 114 PRO n 
1 115 PRO n 
1 116 ARG n 
1 117 LEU n 
1 118 ILE n 
1 119 ALA n 
1 120 LYS n 
1 121 PRO n 
1 122 VAL n 
1 123 ALA n 
1 124 LYS n 
1 125 ASP n 
1 126 ALA n 
1 127 ILE n 
1 128 GLU n 
1 129 MET n 
1 130 GLU n 
1 131 TYR n 
1 132 VAL n 
1 133 SER n 
1 134 LYS n 
1 135 ARG n 
1 136 LYS n 
1 137 MET n 
1 138 TYR n 
1 139 ASP n 
1 140 TYR n 
1 141 PHE n 
1 142 LEU n 
1 143 GLY n 
1 144 PHE n 
1 145 ILE n 
1 146 GLU n 
1 147 GLY n 
1 148 SER n 
1 149 SER n 
1 150 LYS n 
1 151 PHE n 
1 152 PHE n 
1 153 LYS n 
1 154 GLU n 
1 155 GLU n 
1 156 ILE n 
1 157 SER n 
1 158 VAL n 
1 159 GLU n 
1 160 GLU n 
1 161 VAL n 
1 162 GLU n 
1 163 ARG n 
1 164 GLY n 
1 165 GLU n 
1 166 LYS n 
1 167 ASP n 
1 168 GLY n 
1 169 PHE n 
1 170 SER n 
1 171 ARG n 
1 172 LEU n 
1 173 LYS n 
1 174 VAL n 
1 175 ARG n 
1 176 ILE n 
1 177 LYS n 
1 178 PHE n 
1 179 LYS n 
1 180 ASN n 
1 181 PRO n 
1 182 VAL n 
1 183 PHE n 
1 184 GLU n 
1 185 TYR n 
1 186 LYS n 
1 187 LYS n 
1 188 ASN n 
# 
_entity_src_gen.entity_id                          1 
_entity_src_gen.pdbx_src_id                        1 
_entity_src_gen.pdbx_alt_source_flag               sample 
_entity_src_gen.pdbx_seq_type                      ? 
_entity_src_gen.pdbx_beg_seq_num                   ? 
_entity_src_gen.pdbx_end_seq_num                   ? 
_entity_src_gen.gene_src_common_name               ? 
_entity_src_gen.gene_src_genus                     ? 
_entity_src_gen.pdbx_gene_src_gene                 'Tar4, TTE0680' 
_entity_src_gen.gene_src_species                   ? 
_entity_src_gen.gene_src_strain                    ? 
_entity_src_gen.gene_src_tissue                    ? 
_entity_src_gen.gene_src_tissue_fraction           ? 
_entity_src_gen.gene_src_details                   ? 
_entity_src_gen.pdbx_gene_src_fragment             ? 
_entity_src_gen.pdbx_gene_src_scientific_name      'Thermoanaerobacter tengcongensis' 
_entity_src_gen.pdbx_gene_src_ncbi_taxonomy_id     119072 
_entity_src_gen.pdbx_gene_src_variant              ? 
_entity_src_gen.pdbx_gene_src_cell_line            ? 
_entity_src_gen.pdbx_gene_src_atcc                 ? 
_entity_src_gen.pdbx_gene_src_organ                ? 
_entity_src_gen.pdbx_gene_src_organelle            ? 
_entity_src_gen.pdbx_gene_src_cell                 ? 
_entity_src_gen.pdbx_gene_src_cellular_location    ? 
_entity_src_gen.host_org_common_name               ? 
_entity_src_gen.pdbx_host_org_scientific_name      'Escherichia coli' 
_entity_src_gen.pdbx_host_org_ncbi_taxonomy_id     562 
_entity_src_gen.host_org_genus                     ? 
_entity_src_gen.pdbx_host_org_gene                 ? 
_entity_src_gen.pdbx_host_org_organ                ? 
_entity_src_gen.host_org_species                   ? 
_entity_src_gen.pdbx_host_org_tissue               ? 
_entity_src_gen.pdbx_host_org_tissue_fraction      ? 
_entity_src_gen.pdbx_host_org_strain               'Tuner (DE3)' 
_entity_src_gen.pdbx_host_org_variant              ? 
_entity_src_gen.pdbx_host_org_cell_line            ? 
_entity_src_gen.pdbx_host_org_atcc                 ? 
_entity_src_gen.pdbx_host_org_culture_collection   ? 
_entity_src_gen.pdbx_host_org_cell                 ? 
_entity_src_gen.pdbx_host_org_organelle            ? 
_entity_src_gen.pdbx_host_org_cellular_location    ? 
_entity_src_gen.pdbx_host_org_vector_type          plasmid 
_entity_src_gen.pdbx_host_org_vector               ? 
_entity_src_gen.host_org_details                   ? 
_entity_src_gen.expression_system_id               ? 
_entity_src_gen.plasmid_name                       pET20b 
_entity_src_gen.plasmid_details                    ? 
_entity_src_gen.pdbx_description                   ? 
# 
_struct_ref.id                         1 
_struct_ref.db_name                    UNP 
_struct_ref.db_code                    Q8RBX6_THETN 
_struct_ref.pdbx_db_accession          Q8RBX6 
_struct_ref.entity_id                  1 
_struct_ref.pdbx_seq_one_letter_code   
;MKGTIVGTWIKTLRDLYGNDVVDESLKSVGWEPDRVITPLEDIDDDEVRRIFAKVSEKTGKNVNEIWREVGRQNIKTFSE
WFPSYFAGRRLVNFLMMMDEVHLQLTKMIKGATPPRLIAKPVAKDAIEMEYVSKRKMYDYFLGLIEGSSKFFKEEISVEE
VERGEKDGFSRLKVRIKFKNPVFEYKKN
;
_struct_ref.pdbx_align_begin           1 
_struct_ref.pdbx_db_isoform            ? 
# 
_struct_ref_seq.align_id                      1 
_struct_ref_seq.ref_id                        1 
_struct_ref_seq.pdbx_PDB_id_code              3IQB 
_struct_ref_seq.pdbx_strand_id                A 
_struct_ref_seq.seq_align_beg                 1 
_struct_ref_seq.pdbx_seq_align_beg_ins_code   ? 
_struct_ref_seq.seq_align_end                 188 
_struct_ref_seq.pdbx_seq_align_end_ins_code   ? 
_struct_ref_seq.pdbx_db_accession             Q8RBX6 
_struct_ref_seq.db_align_beg                  1 
_struct_ref_seq.pdbx_db_align_beg_ins_code    ? 
_struct_ref_seq.db_align_end                  188 
_struct_ref_seq.pdbx_db_align_end_ins_code    ? 
_struct_ref_seq.pdbx_auth_seq_align_beg       1 
_struct_ref_seq.pdbx_auth_seq_align_end       188 
# 
loop_
_struct_ref_seq_dif.align_id 
_struct_ref_seq_dif.pdbx_pdb_id_code 
_struct_ref_seq_dif.mon_id 
_struct_ref_seq_dif.pdbx_pdb_strand_id 
_struct_ref_seq_dif.seq_num 
_struct_ref_seq_dif.pdbx_pdb_ins_code 
_struct_ref_seq_dif.pdbx_seq_db_name 
_struct_ref_seq_dif.pdbx_seq_db_accession_code 
_struct_ref_seq_dif.db_mon_id 
_struct_ref_seq_dif.pdbx_seq_db_seq_num 
_struct_ref_seq_dif.details 
_struct_ref_seq_dif.pdbx_auth_seq_num 
_struct_ref_seq_dif.pdbx_ordinal 
1 3IQB PHE A 75  ? UNP Q8RBX6 ILE 75  'engineered mutation' 75  1 
1 3IQB PHE A 144 ? UNP Q8RBX6 LEU 144 'engineered mutation' 144 2 
# 
loop_
_chem_comp.id 
_chem_comp.type 
_chem_comp.mon_nstd_flag 
_chem_comp.name 
_chem_comp.pdbx_synonyms 
_chem_comp.formula 
_chem_comp.formula_weight 
ALA 'L-peptide linking' y ALANINE                           ?    'C3 H7 N O2'       89.093  
ARG 'L-peptide linking' y ARGININE                          ?    'C6 H15 N4 O2 1'   175.209 
ASN 'L-peptide linking' y ASPARAGINE                        ?    'C4 H8 N2 O3'      132.118 
ASP 'L-peptide linking' y 'ASPARTIC ACID'                   ?    'C4 H7 N O4'       133.103 
GLN 'L-peptide linking' y GLUTAMINE                         ?    'C5 H10 N2 O3'     146.144 
GLU 'L-peptide linking' y 'GLUTAMIC ACID'                   ?    'C5 H9 N O4'       147.129 
GLY 'peptide linking'   y GLYCINE                           ?    'C2 H5 N O2'       75.067  
HEM non-polymer         . 'PROTOPORPHYRIN IX CONTAINING FE' HEME 'C34 H32 Fe N4 O4' 616.487 
HIS 'L-peptide linking' y HISTIDINE                         ?    'C6 H10 N3 O2 1'   156.162 
HOH non-polymer         . WATER                             ?    'H2 O'             18.015  
ILE 'L-peptide linking' y ISOLEUCINE                        ?    'C6 H13 N O2'      131.173 
LEU 'L-peptide linking' y LEUCINE                           ?    'C6 H13 N O2'      131.173 
LYS 'L-peptide linking' y LYSINE                            ?    'C6 H15 N2 O2 1'   147.195 
MET 'L-peptide linking' y METHIONINE                        ?    'C5 H11 N O2 S'    149.211 
OXY non-polymer         . 'OXYGEN MOLECULE'                 ?    O2                 31.999  
PHE 'L-peptide linking' y PHENYLALANINE                     ?    'C9 H11 N O2'      165.189 
PRO 'L-peptide linking' y PROLINE                           ?    'C5 H9 N O2'       115.130 
SER 'L-peptide linking' y SERINE                            ?    'C3 H7 N O3'       105.093 
SO4 non-polymer         . 'SULFATE ION'                     ?    'O4 S -2'          96.063  
THR 'L-peptide linking' y THREONINE                         ?    'C4 H9 N O3'       119.119 
TRP 'L-peptide linking' y TRYPTOPHAN                        ?    'C11 H12 N2 O2'    204.225 
TYR 'L-peptide linking' y TYROSINE                          ?    'C9 H11 N O3'      181.189 
VAL 'L-peptide linking' y VALINE                            ?    'C5 H11 N O2'      117.146 
# 
_exptl.entry_id          3IQB 
_exptl.method            'X-RAY DIFFRACTION' 
_exptl.crystals_number   1 
# 
_exptl_crystal.id                    1 
_exptl_crystal.density_meas          ? 
_exptl_crystal.density_Matthews      3.26 
_exptl_crystal.density_percent_sol   62.28 
_exptl_crystal.description           ? 
# 
_exptl_crystal_grow.crystal_id      1 
_exptl_crystal_grow.method          'VAPOR DIFFUSION, SITTING DROP' 
_exptl_crystal_grow.temp            277 
_exptl_crystal_grow.temp_details    ? 
_exptl_crystal_grow.pH              6.5 
_exptl_crystal_grow.pdbx_pH_range   ? 
_exptl_crystal_grow.pdbx_details    
;0.25 - 0.3M sodium sulfate, 0.05 - 0.2 M Bis-tris propane (pH 6.5), 20 % (w/v) PEG 3350, VAPOR DIFFUSION, SITTING DROP, temperature 277K
;
# 
_diffrn.id                     1 
_diffrn.ambient_temp           100 
_diffrn.ambient_temp_details   ? 
_diffrn.crystal_id             1 
# 
_diffrn_detector.diffrn_id              1 
_diffrn_detector.detector               CCD 
_diffrn_detector.type                   'ADSC QUANTUM 315r' 
_diffrn_detector.pdbx_collection_date   2008-04-29 
_diffrn_detector.details                ? 
# 
_diffrn_radiation.diffrn_id                        1 
_diffrn_radiation.wavelength_id                    1 
_diffrn_radiation.pdbx_monochromatic_or_laue_m_l   M 
_diffrn_radiation.monochromator                    'Asymmetric curved crystal' 
_diffrn_radiation.pdbx_diffrn_protocol             'SINGLE WAVELENGTH' 
_diffrn_radiation.pdbx_scattering_type             x-ray 
# 
_diffrn_radiation_wavelength.id           1 
_diffrn_radiation_wavelength.wavelength   1.0 
_diffrn_radiation_wavelength.wt           1.0 
# 
_diffrn_source.diffrn_id                   1 
_diffrn_source.source                      SYNCHROTRON 
_diffrn_source.type                        'ALS BEAMLINE 5.0.3' 
_diffrn_source.pdbx_synchrotron_site       ALS 
_diffrn_source.pdbx_synchrotron_beamline   5.0.3 
_diffrn_source.pdbx_wavelength             ? 
_diffrn_source.pdbx_wavelength_list        1.0 
# 
_reflns.entry_id                     3IQB 
_reflns.observed_criterion_sigma_I   2.0 
_reflns.observed_criterion_sigma_F   2.0 
_reflns.d_resolution_low             50 
_reflns.d_resolution_high            2.05 
_reflns.number_obs                   19175 
_reflns.number_all                   19409 
_reflns.percent_possible_obs         99.8 
_reflns.pdbx_Rmerge_I_obs            ? 
_reflns.pdbx_Rsym_value              0.064 
_reflns.pdbx_netI_over_sigmaI        35.4 
_reflns.B_iso_Wilson_estimate        ? 
_reflns.pdbx_redundancy              9.7 
_reflns.pdbx_diffrn_id               1 
_reflns.pdbx_ordinal                 1 
# 
_reflns_shell.d_res_high             2.05 
_reflns_shell.d_res_low              2.12 
_reflns_shell.percent_possible_all   98.1 
_reflns_shell.Rmerge_I_obs           ? 
_reflns_shell.pdbx_Rsym_value        0.609 
_reflns_shell.meanI_over_sigI_obs    2.0 
_reflns_shell.pdbx_redundancy        6.7 
_reflns_shell.pdbx_diffrn_id         ? 
_reflns_shell.pdbx_ordinal           1 
# 
_refine.pdbx_refine_id                           'X-RAY DIFFRACTION' 
_refine.entry_id                                 3IQB 
_refine.ls_number_reflns_obs                     17937 
_refine.ls_number_reflns_all                     19409 
_refine.pdbx_ls_sigma_I                          ? 
_refine.pdbx_ls_sigma_F                          1.89 
_refine.pdbx_data_cutoff_high_absF               ? 
_refine.pdbx_data_cutoff_low_absF                ? 
_refine.pdbx_data_cutoff_high_rms_absF           ? 
_refine.ls_d_res_low                             37.745 
_refine.ls_d_res_high                            2.100 
_refine.ls_percent_reflns_obs                    55.09 
_refine.ls_R_factor_obs                          0.2141 
_refine.ls_R_factor_all                          ? 
_refine.ls_R_factor_R_work                       0.2127 
_refine.ls_R_factor_R_free                       0.2390 
_refine.ls_R_factor_R_free_error                 ? 
_refine.ls_R_factor_R_free_error_details         ? 
_refine.ls_percent_reflns_R_free                 5.07 
_refine.ls_number_reflns_R_free                  910 
_refine.ls_number_parameters                     ? 
_refine.ls_number_restraints                     ? 
_refine.occupancy_min                            ? 
_refine.occupancy_max                            ? 
_refine.correlation_coeff_Fo_to_Fc               ? 
_refine.correlation_coeff_Fo_to_Fc_free          ? 
_refine.B_iso_mean                               36.1 
_refine.aniso_B[1][1]                            5.86 
_refine.aniso_B[2][2]                            0 
_refine.aniso_B[3][3]                            0 
_refine.aniso_B[1][2]                            5.86 
_refine.aniso_B[1][3]                            -11.72 
_refine.aniso_B[2][3]                            0 
_refine.solvent_model_details                    'FLAT BULK SOLVENT MODEL' 
_refine.solvent_model_param_ksol                 0.372 
_refine.solvent_model_param_bsol                 50.342 
_refine.pdbx_solvent_vdw_probe_radii             1.11 
_refine.pdbx_solvent_ion_probe_radii             ? 
_refine.pdbx_solvent_shrinkage_radii             0.90 
_refine.pdbx_ls_cross_valid_method               ? 
_refine.details                                  ? 
_refine.pdbx_starting_model                      'PDB Entry 1U55' 
_refine.pdbx_method_to_determine_struct          'MOLECULAR REPLACEMENT' 
_refine.pdbx_isotropic_thermal_model             ? 
_refine.pdbx_stereochemistry_target_values       ML 
_refine.pdbx_stereochem_target_val_spec_case     ? 
_refine.pdbx_R_Free_selection_details            ? 
_refine.pdbx_overall_ESU_R                       ? 
_refine.pdbx_overall_ESU_R_Free                  ? 
_refine.overall_SU_ML                            0.30 
_refine.pdbx_overall_phase_error                 25.52 
_refine.overall_SU_B                             ? 
_refine.pdbx_diffrn_id                           1 
_refine.pdbx_TLS_residual_ADP_flag               ? 
_refine.overall_SU_R_Cruickshank_DPI             ? 
_refine.pdbx_overall_SU_R_free_Cruickshank_DPI   ? 
_refine.pdbx_overall_SU_R_Blow_DPI               ? 
_refine.pdbx_overall_SU_R_free_Blow_DPI          ? 
# 
_refine_analyze.pdbx_refine_id                  'X-RAY DIFFRACTION' 
_refine_analyze.entry_id                        3IQB 
_refine_analyze.Luzzati_coordinate_error_obs    0.30 
_refine_analyze.Luzzati_sigma_a_obs             ? 
_refine_analyze.Luzzati_d_res_low_obs           ? 
_refine_analyze.Luzzati_coordinate_error_free   ? 
_refine_analyze.Luzzati_sigma_a_free            ? 
_refine_analyze.Luzzati_d_res_low_free          ? 
_refine_analyze.number_disordered_residues      ? 
_refine_analyze.occupancy_sum_hydrogen          ? 
_refine_analyze.occupancy_sum_non_hydrogen      ? 
# 
_refine_hist.pdbx_refine_id                   'X-RAY DIFFRACTION' 
_refine_hist.cycle_id                         LAST 
_refine_hist.pdbx_number_atoms_protein        1565 
_refine_hist.pdbx_number_atoms_nucleic_acid   0 
_refine_hist.pdbx_number_atoms_ligand         50 
_refine_hist.number_atoms_solvent             49 
_refine_hist.number_atoms_total               1664 
_refine_hist.d_res_high                       2.100 
_refine_hist.d_res_low                        37.745 
# 
loop_
_refine_ls_restr.type 
_refine_ls_restr.dev_ideal 
_refine_ls_restr.dev_ideal_target 
_refine_ls_restr.weight 
_refine_ls_restr.number 
_refine_ls_restr.pdbx_refine_id 
_refine_ls_restr.pdbx_restraint_function 
f_bond_d           0.007  ? ? 1655 'X-RAY DIFFRACTION' ? 
f_angle_d          0.958  ? ? 2236 'X-RAY DIFFRACTION' ? 
f_dihedral_angle_d 18.180 ? ? 621  'X-RAY DIFFRACTION' ? 
f_chiral_restr     0.063  ? ? 225  'X-RAY DIFFRACTION' ? 
f_plane_restr      0.003  ? ? 280  'X-RAY DIFFRACTION' ? 
# 
loop_
_refine_ls_shell.pdbx_refine_id 
_refine_ls_shell.pdbx_total_number_of_bins_used 
_refine_ls_shell.d_res_high 
_refine_ls_shell.d_res_low 
_refine_ls_shell.number_reflns_R_work 
_refine_ls_shell.R_factor_R_work 
_refine_ls_shell.percent_reflns_obs 
_refine_ls_shell.R_factor_R_free 
_refine_ls_shell.R_factor_R_free_error 
_refine_ls_shell.percent_reflns_R_free 
_refine_ls_shell.number_reflns_R_free 
_refine_ls_shell.number_reflns_all 
_refine_ls_shell.R_factor_all 
'X-RAY DIFFRACTION' . 2.100  2.2316  2750 0.2655 53.00 0.3173 . . 143 . . 
'X-RAY DIFFRACTION' . 2.2316 2.4039  2744 0.2455 54.00 0.3419 . . 172 . . 
'X-RAY DIFFRACTION' . 2.4039 2.6457  2782 0.2408 54.00 0.3078 . . 151 . . 
'X-RAY DIFFRACTION' . 2.6457 3.0285  2848 0.2409 55.00 0.2499 . . 145 . . 
'X-RAY DIFFRACTION' . 3.0285 3.8150  2881 0.2082 56.00 0.2504 . . 133 . . 
'X-RAY DIFFRACTION' . 3.8150 37.7511 3022 0.1819 59.00 0.1799 . . 166 . . 
# 
_struct.entry_id                  3IQB 
_struct.title                     'Tt I75F/L144F H-NOX' 
_struct.pdbx_model_details        ? 
_struct.pdbx_CASP_flag            ? 
_struct.pdbx_model_type_details   ? 
# 
_struct_keywords.entry_id        3IQB 
_struct_keywords.pdbx_keywords   'SIGNALING PROTEIN' 
_struct_keywords.text            'Signaling protein, Hemoprotein' 
# 
loop_
_struct_asym.id 
_struct_asym.pdbx_blank_PDB_chainid_flag 
_struct_asym.pdbx_modified 
_struct_asym.entity_id 
_struct_asym.details 
A N N 1 ? 
B N N 2 ? 
C N N 3 ? 
D N N 4 ? 
E N N 5 ? 
# 
_struct_biol.id        1 
_struct_biol.details   ? 
# 
loop_
_struct_conf.conf_type_id 
_struct_conf.id 
_struct_conf.pdbx_PDB_helix_id 
_struct_conf.beg_label_comp_id 
_struct_conf.beg_label_asym_id 
_struct_conf.beg_label_seq_id 
_struct_conf.pdbx_beg_PDB_ins_code 
_struct_conf.end_label_comp_id 
_struct_conf.end_label_asym_id 
_struct_conf.end_label_seq_id 
_struct_conf.pdbx_end_PDB_ins_code 
_struct_conf.beg_auth_comp_id 
_struct_conf.beg_auth_asym_id 
_struct_conf.beg_auth_seq_id 
_struct_conf.end_auth_comp_id 
_struct_conf.end_auth_asym_id 
_struct_conf.end_auth_seq_id 
_struct_conf.pdbx_PDB_helix_class 
_struct_conf.details 
_struct_conf.pdbx_PDB_helix_length 
HELX_P HELX_P1 1 LYS A 2   ? SER A 28  ? LYS A 2   SER A 28  1 ? 27 
HELX_P HELX_P2 2 ASP A 44  ? GLY A 60  ? ASP A 44  GLY A 60  1 ? 17 
HELX_P HELX_P3 3 ASN A 62  ? PHE A 82  ? ASN A 62  PHE A 82  1 ? 21 
HELX_P HELX_P4 4 PRO A 83  ? PHE A 86  ? PRO A 83  PHE A 86  5 ? 4  
HELX_P HELX_P5 5 ARG A 90  ? ILE A 109 ? ARG A 90  ILE A 109 1 ? 20 
HELX_P HELX_P6 6 MET A 137 ? LYS A 153 ? MET A 137 LYS A 153 1 ? 17 
# 
_struct_conf_type.id          HELX_P 
_struct_conf_type.criteria    ? 
_struct_conf_type.reference   ? 
# 
loop_
_struct_conn.id 
_struct_conn.conn_type_id 
_struct_conn.pdbx_leaving_atom_flag 
_struct_conn.pdbx_PDB_id 
_struct_conn.ptnr1_label_asym_id 
_struct_conn.ptnr1_label_comp_id 
_struct_conn.ptnr1_label_seq_id 
_struct_conn.ptnr1_label_atom_id 
_struct_conn.pdbx_ptnr1_label_alt_id 
_struct_conn.pdbx_ptnr1_PDB_ins_code 
_struct_conn.pdbx_ptnr1_standard_comp_id 
_struct_conn.ptnr1_symmetry 
_struct_conn.ptnr2_label_asym_id 
_struct_conn.ptnr2_label_comp_id 
_struct_conn.ptnr2_label_seq_id 
_struct_conn.ptnr2_label_atom_id 
_struct_conn.pdbx_ptnr2_label_alt_id 
_struct_conn.pdbx_ptnr2_PDB_ins_code 
_struct_conn.ptnr1_auth_asym_id 
_struct_conn.ptnr1_auth_comp_id 
_struct_conn.ptnr1_auth_seq_id 
_struct_conn.ptnr2_auth_asym_id 
_struct_conn.ptnr2_auth_comp_id 
_struct_conn.ptnr2_auth_seq_id 
_struct_conn.ptnr2_symmetry 
_struct_conn.pdbx_ptnr3_label_atom_id 
_struct_conn.pdbx_ptnr3_label_seq_id 
_struct_conn.pdbx_ptnr3_label_comp_id 
_struct_conn.pdbx_ptnr3_label_asym_id 
_struct_conn.pdbx_ptnr3_label_alt_id 
_struct_conn.pdbx_ptnr3_PDB_ins_code 
_struct_conn.details 
_struct_conn.pdbx_dist_value 
_struct_conn.pdbx_value_order 
_struct_conn.pdbx_role 
metalc1 metalc ? ? A HIS 102 NE2 ? ? ? 1_555 B HEM . FE ? ? A HIS 102 A HEM 500 1_555 ? ? ? ? ? ? ? 2.147 ? ? 
metalc2 metalc ? ? B HEM .   FE  ? ? ? 1_555 C OXY . O1 ? ? A HEM 500 A OXY 501 1_555 ? ? ? ? ? ? ? 2.674 ? ? 
# 
_struct_conn_type.id          metalc 
_struct_conn_type.criteria    ? 
_struct_conn_type.reference   ? 
# 
_struct_sheet.id               A 
_struct_sheet.type             ? 
_struct_sheet.number_strands   4 
_struct_sheet.details          ? 
# 
loop_
_struct_sheet_order.sheet_id 
_struct_sheet_order.range_id_1 
_struct_sheet_order.range_id_2 
_struct_sheet_order.offset 
_struct_sheet_order.sense 
A 1 2 ? anti-parallel 
A 2 3 ? anti-parallel 
A 3 4 ? anti-parallel 
# 
loop_
_struct_sheet_range.sheet_id 
_struct_sheet_range.id 
_struct_sheet_range.beg_label_comp_id 
_struct_sheet_range.beg_label_asym_id 
_struct_sheet_range.beg_label_seq_id 
_struct_sheet_range.pdbx_beg_PDB_ins_code 
_struct_sheet_range.end_label_comp_id 
_struct_sheet_range.end_label_asym_id 
_struct_sheet_range.end_label_seq_id 
_struct_sheet_range.pdbx_end_PDB_ins_code 
_struct_sheet_range.beg_auth_comp_id 
_struct_sheet_range.beg_auth_asym_id 
_struct_sheet_range.beg_auth_seq_id 
_struct_sheet_range.end_auth_comp_id 
_struct_sheet_range.end_auth_asym_id 
_struct_sheet_range.end_auth_seq_id 
A 1 ARG A 116 ? ALA A 123 ? ARG A 116 ALA A 123 
A 2 ALA A 126 ? SER A 133 ? ALA A 126 SER A 133 
A 3 PHE A 169 ? PHE A 178 ? PHE A 169 PHE A 178 
A 4 ILE A 156 ? LYS A 166 ? ILE A 156 LYS A 166 
# 
loop_
_pdbx_struct_sheet_hbond.sheet_id 
_pdbx_struct_sheet_hbond.range_id_1 
_pdbx_struct_sheet_hbond.range_id_2 
_pdbx_struct_sheet_hbond.range_1_label_atom_id 
_pdbx_struct_sheet_hbond.range_1_label_comp_id 
_pdbx_struct_sheet_hbond.range_1_label_asym_id 
_pdbx_struct_sheet_hbond.range_1_label_seq_id 
_pdbx_struct_sheet_hbond.range_1_PDB_ins_code 
_pdbx_struct_sheet_hbond.range_1_auth_atom_id 
_pdbx_struct_sheet_hbond.range_1_auth_comp_id 
_pdbx_struct_sheet_hbond.range_1_auth_asym_id 
_pdbx_struct_sheet_hbond.range_1_auth_seq_id 
_pdbx_struct_sheet_hbond.range_2_label_atom_id 
_pdbx_struct_sheet_hbond.range_2_label_comp_id 
_pdbx_struct_sheet_hbond.range_2_label_asym_id 
_pdbx_struct_sheet_hbond.range_2_label_seq_id 
_pdbx_struct_sheet_hbond.range_2_PDB_ins_code 
_pdbx_struct_sheet_hbond.range_2_auth_atom_id 
_pdbx_struct_sheet_hbond.range_2_auth_comp_id 
_pdbx_struct_sheet_hbond.range_2_auth_asym_id 
_pdbx_struct_sheet_hbond.range_2_auth_seq_id 
A 1 2 N LYS A 120 ? N LYS A 120 O GLU A 128 ? O GLU A 128 
A 2 3 N ILE A 127 ? N ILE A 127 O ILE A 176 ? O ILE A 176 
A 3 4 O ARG A 175 ? O ARG A 175 N GLU A 159 ? N GLU A 159 
# 
loop_
_struct_site.id 
_struct_site.pdbx_evidence_code 
_struct_site.pdbx_auth_asym_id 
_struct_site.pdbx_auth_comp_id 
_struct_site.pdbx_auth_seq_id 
_struct_site.pdbx_auth_ins_code 
_struct_site.pdbx_num_residues 
_struct_site.details 
AC1 Software A HEM 500 ? 23 'BINDING SITE FOR RESIDUE HEM A 500' 
AC2 Software A OXY 501 ? 4  'BINDING SITE FOR RESIDUE OXY A 501' 
AC3 Software A SO4 189 ? 4  'BINDING SITE FOR RESIDUE SO4 A 189' 
# 
loop_
_struct_site_gen.id 
_struct_site_gen.site_id 
_struct_site_gen.pdbx_num_res 
_struct_site_gen.label_comp_id 
_struct_site_gen.label_asym_id 
_struct_site_gen.label_seq_id 
_struct_site_gen.pdbx_auth_ins_code 
_struct_site_gen.auth_comp_id 
_struct_site_gen.auth_asym_id 
_struct_site_gen.auth_seq_id 
_struct_site_gen.label_atom_id 
_struct_site_gen.label_alt_id 
_struct_site_gen.symmetry 
_struct_site_gen.details 
1  AC1 23 MET A 1   ? MET A 1   . ? 1_555 ? 
2  AC1 23 LYS A 2   ? LYS A 2   . ? 1_555 ? 
3  AC1 23 THR A 4   ? THR A 4   . ? 1_555 ? 
4  AC1 23 ILE A 5   ? ILE A 5   . ? 1_555 ? 
5  AC1 23 TYR A 85  ? TYR A 85  . ? 1_555 ? 
6  AC1 23 PHE A 86  ? PHE A 86  . ? 1_555 ? 
7  AC1 23 PHE A 94  ? PHE A 94  . ? 1_555 ? 
8  AC1 23 MET A 98  ? MET A 98  . ? 1_555 ? 
9  AC1 23 HIS A 102 ? HIS A 102 . ? 1_555 ? 
10 AC1 23 LEU A 105 ? LEU A 105 . ? 1_555 ? 
11 AC1 23 ALA A 112 ? ALA A 112 . ? 1_555 ? 
12 AC1 23 THR A 113 ? THR A 113 . ? 1_555 ? 
13 AC1 23 PRO A 115 ? PRO A 115 . ? 1_555 ? 
14 AC1 23 TYR A 131 ? TYR A 131 . ? 1_555 ? 
15 AC1 23 SER A 133 ? SER A 133 . ? 1_555 ? 
16 AC1 23 ARG A 135 ? ARG A 135 . ? 1_555 ? 
17 AC1 23 MET A 137 ? MET A 137 . ? 1_555 ? 
18 AC1 23 TYR A 140 ? TYR A 140 . ? 1_555 ? 
19 AC1 23 PHE A 144 ? PHE A 144 . ? 1_555 ? 
20 AC1 23 ILE A 145 ? ILE A 145 . ? 1_555 ? 
21 AC1 23 HOH E .   ? HOH A 190 . ? 1_555 ? 
22 AC1 23 HOH E .   ? HOH A 192 . ? 1_555 ? 
23 AC1 23 OXY C .   ? OXY A 501 . ? 1_555 ? 
24 AC2 4  ILE A 5   ? ILE A 5   . ? 1_555 ? 
25 AC2 4  TYR A 140 ? TYR A 140 . ? 1_555 ? 
26 AC2 4  PHE A 144 ? PHE A 144 . ? 1_555 ? 
27 AC2 4  HEM B .   ? HEM A 500 . ? 1_555 ? 
28 AC3 4  GLY A 88  ? GLY A 88  . ? 1_555 ? 
29 AC3 4  ARG A 89  ? ARG A 89  . ? 1_555 ? 
30 AC3 4  ARG A 90  ? ARG A 90  . ? 1_555 ? 
31 AC3 4  ASN A 93  ? ASN A 93  . ? 1_555 ? 
# 
_atom_sites.entry_id                    3IQB 
_atom_sites.fract_transf_matrix[1][1]   -0.00594718 
_atom_sites.fract_transf_matrix[1][2]   -0.01405630 
_atom_sites.fract_transf_matrix[1][3]   -0.00101307 
_atom_sites.fract_transf_matrix[2][1]   -0.01420703 
_atom_sites.fract_transf_matrix[2][2]   -0.00267185 
_atom_sites.fract_transf_matrix[2][3]   0.00499892 
_atom_sites.fract_transf_matrix[3][1]   -0.00205818 
_atom_sites.fract_transf_matrix[3][2]   0.00124445 
_atom_sites.fract_transf_matrix[3][3]   -0.00518425 
_atom_sites.fract_transf_vector[1]      0.232851 
_atom_sites.fract_transf_vector[2]      -0.077641 
_atom_sites.fract_transf_vector[3]      0.088169 
# 
loop_
_atom_type.symbol 
C  
FE 
N  
O  
S  
# 
loop_
_atom_site.group_PDB 
_atom_site.id 
_atom_site.type_symbol 
_atom_site.label_atom_id 
_atom_site.label_alt_id 
_atom_site.label_comp_id 
_atom_site.label_asym_id 
_atom_site.label_entity_id 
_atom_site.label_seq_id 
_atom_site.pdbx_PDB_ins_code 
_atom_site.Cartn_x 
_atom_site.Cartn_y 
_atom_site.Cartn_z 
_atom_site.occupancy 
_atom_site.B_iso_or_equiv 
_atom_site.pdbx_formal_charge 
_atom_site.auth_seq_id 
_atom_site.auth_comp_id 
_atom_site.auth_asym_id 
_atom_site.auth_atom_id 
_atom_site.pdbx_PDB_model_num 
ATOM   1    N  N   . MET A 1 1   ? -6.749  -11.983 2.759   1.00 30.49  ? 1   MET A N   1 
ATOM   2    C  CA  . MET A 1 1   ? -6.116  -10.756 3.211   1.00 30.07  ? 1   MET A CA  1 
ATOM   3    C  C   . MET A 1 1   ? -6.268  -10.610 4.725   1.00 30.32  ? 1   MET A C   1 
ATOM   4    O  O   . MET A 1 1   ? -7.373  -10.770 5.252   1.00 29.19  ? 1   MET A O   1 
ATOM   5    C  CB  . MET A 1 1   ? -6.778  -9.568  2.530   1.00 30.32  ? 1   MET A CB  1 
ATOM   6    C  CG  . MET A 1 1   ? -5.847  -8.418  2.266   1.00 36.73  ? 1   MET A CG  1 
ATOM   7    S  SD  . MET A 1 1   ? -5.168  -8.483  0.597   1.00 46.78  ? 1   MET A SD  1 
ATOM   8    C  CE  . MET A 1 1   ? -3.553  -7.845  0.968   1.00 29.49  ? 1   MET A CE  1 
ATOM   9    N  N   . LYS A 1 2   ? -5.176  -10.291 5.421   1.00 27.41  ? 2   LYS A N   1 
ATOM   10   C  CA  . LYS A 1 2   ? -5.226  -10.110 6.875   1.00 26.86  ? 2   LYS A CA  1 
ATOM   11   C  C   . LYS A 1 2   ? -6.095  -8.926  7.305   1.00 31.07  ? 2   LYS A C   1 
ATOM   12   O  O   . LYS A 1 2   ? -6.087  -7.876  6.661   1.00 26.98  ? 2   LYS A O   1 
ATOM   13   C  CB  . LYS A 1 2   ? -3.818  -9.953  7.458   1.00 29.18  ? 2   LYS A CB  1 
ATOM   14   C  CG  . LYS A 1 2   ? -2.879  -11.085 7.090   1.00 26.68  ? 2   LYS A CG  1 
ATOM   15   C  CD  . LYS A 1 2   ? -3.473  -12.441 7.470   1.00 28.40  ? 2   LYS A CD  1 
ATOM   16   C  CE  . LYS A 1 2   ? -3.835  -12.510 8.956   1.00 23.79  ? 2   LYS A CE  1 
ATOM   17   N  NZ  . LYS A 1 2   ? -4.128  -13.913 9.360   1.00 24.41  ? 2   LYS A NZ  1 
ATOM   18   N  N   . GLY A 1 3   ? -6.833  -9.102  8.403   1.00 27.90  ? 3   GLY A N   1 
ATOM   19   C  CA  . GLY A 1 3   ? -7.647  -8.036  8.964   1.00 28.83  ? 3   GLY A CA  1 
ATOM   20   C  C   . GLY A 1 3   ? -6.910  -6.729  9.214   1.00 29.00  ? 3   GLY A C   1 
ATOM   21   O  O   . GLY A 1 3   ? -7.473  -5.649  9.038   1.00 33.32  ? 3   GLY A O   1 
ATOM   22   N  N   . THR A 1 4   ? -5.652  -6.815  9.627   1.00 34.84  ? 4   THR A N   1 
ATOM   23   C  CA  . THR A 1 4   ? -4.848  -5.611  9.830   1.00 38.21  ? 4   THR A CA  1 
ATOM   24   C  C   . THR A 1 4   ? -5.058  -4.641  8.667   1.00 32.42  ? 4   THR A C   1 
ATOM   25   O  O   . THR A 1 4   ? -5.530  -3.525  8.871   1.00 34.96  ? 4   THR A O   1 
ATOM   26   C  CB  . THR A 1 4   ? -3.323  -5.912  9.991   1.00 34.31  ? 4   THR A CB  1 
ATOM   27   O  OG1 . THR A 1 4   ? -2.828  -6.586  8.826   1.00 46.70  ? 4   THR A OG1 1 
ATOM   28   C  CG2 . THR A 1 4   ? -3.059  -6.786  11.196  1.00 37.37  ? 4   THR A CG2 1 
ATOM   29   N  N   . ILE A 1 5   ? -4.720  -5.063  7.449   1.00 27.78  ? 5   ILE A N   1 
ATOM   30   C  CA  . ILE A 1 5   ? -4.808  -4.158  6.308   1.00 27.04  ? 5   ILE A CA  1 
ATOM   31   C  C   . ILE A 1 5   ? -6.262  -3.854  5.898   1.00 27.57  ? 5   ILE A C   1 
ATOM   32   O  O   . ILE A 1 5   ? -6.601  -2.713  5.631   1.00 28.39  ? 5   ILE A O   1 
ATOM   33   C  CB  . ILE A 1 5   ? -3.941  -4.624  5.087   1.00 32.02  ? 5   ILE A CB  1 
ATOM   34   C  CG1 . ILE A 1 5   ? -3.739  -3.465  4.094   1.00 31.96  ? 5   ILE A CG1 1 
ATOM   35   C  CG2 . ILE A 1 5   ? -4.550  -5.854  4.403   1.00 24.42  ? 5   ILE A CG2 1 
ATOM   36   C  CD1 . ILE A 1 5   ? -2.655  -3.720  3.049   1.00 25.74  ? 5   ILE A CD1 1 
ATOM   37   N  N   . VAL A 1 6   ? -7.125  -4.859  5.872   1.00 29.07  ? 6   VAL A N   1 
ATOM   38   C  CA  . VAL A 1 6   ? -8.494  -4.610  5.438   1.00 28.89  ? 6   VAL A CA  1 
ATOM   39   C  C   . VAL A 1 6   ? -9.186  -3.614  6.378   1.00 29.53  ? 6   VAL A C   1 
ATOM   40   O  O   . VAL A 1 6   ? -9.905  -2.735  5.929   1.00 32.21  ? 6   VAL A O   1 
ATOM   41   C  CB  . VAL A 1 6   ? -9.301  -5.918  5.290   1.00 30.15  ? 6   VAL A CB  1 
ATOM   42   C  CG1 . VAL A 1 6   ? -10.760 -5.614  4.961   1.00 29.91  ? 6   VAL A CG1 1 
ATOM   43   C  CG2 . VAL A 1 6   ? -8.670  -6.807  4.207   1.00 30.05  ? 6   VAL A CG2 1 
ATOM   44   N  N   . GLY A 1 7   ? -8.945  -3.731  7.679   1.00 32.34  ? 7   GLY A N   1 
ATOM   45   C  CA  . GLY A 1 7   ? -9.501  -2.778  8.623   1.00 32.72  ? 7   GLY A CA  1 
ATOM   46   C  C   . GLY A 1 7   ? -9.097  -1.345  8.316   1.00 34.51  ? 7   GLY A C   1 
ATOM   47   O  O   . GLY A 1 7   ? -9.909  -0.422  8.414   1.00 33.72  ? 7   GLY A O   1 
ATOM   48   N  N   . THR A 1 8   ? -7.835  -1.151  7.939   1.00 32.32  ? 8   THR A N   1 
ATOM   49   C  CA  . THR A 1 8   ? -7.368  0.180   7.559   1.00 33.88  ? 8   THR A CA  1 
ATOM   50   C  C   . THR A 1 8   ? -8.010  0.638   6.249   1.00 33.05  ? 8   THR A C   1 
ATOM   51   O  O   . THR A 1 8   ? -8.268  1.822   6.064   1.00 35.46  ? 8   THR A O   1 
ATOM   52   C  CB  . THR A 1 8   ? -5.820  0.271   7.485   1.00 25.96  ? 8   THR A CB  1 
ATOM   53   O  OG1 . THR A 1 8   ? -5.338  -0.533  6.407   1.00 28.61  ? 8   THR A OG1 1 
ATOM   54   C  CG2 . THR A 1 8   ? -5.189  -0.218  8.787   1.00 32.73  ? 8   THR A CG2 1 
ATOM   55   N  N   . TRP A 1 9   ? -8.277  -0.293  5.342   1.00 32.90  ? 9   TRP A N   1 
ATOM   56   C  CA  . TRP A 1 9   ? -8.927  0.059   4.083   1.00 32.21  ? 9   TRP A CA  1 
ATOM   57   C  C   . TRP A 1 9   ? -10.342 0.578   4.335   1.00 35.47  ? 9   TRP A C   1 
ATOM   58   O  O   . TRP A 1 9   ? -10.741 1.598   3.767   1.00 34.83  ? 9   TRP A O   1 
ATOM   59   C  CB  . TRP A 1 9   ? -8.944  -1.124  3.104   1.00 30.83  ? 9   TRP A CB  1 
ATOM   60   C  CG  . TRP A 1 9   ? -7.604  -1.407  2.502   1.00 29.28  ? 9   TRP A CG  1 
ATOM   61   C  CD1 . TRP A 1 9   ? -6.516  -0.577  2.506   1.00 25.96  ? 9   TRP A CD1 1 
ATOM   62   C  CD2 . TRP A 1 9   ? -7.206  -2.586  1.790   1.00 25.67  ? 9   TRP A CD2 1 
ATOM   63   N  NE1 . TRP A 1 9   ? -5.469  -1.169  1.844   1.00 27.35  ? 9   TRP A NE1 1 
ATOM   64   C  CE2 . TRP A 1 9   ? -5.865  -2.400  1.390   1.00 28.49  ? 9   TRP A CE2 1 
ATOM   65   C  CE3 . TRP A 1 9   ? -7.852  -3.778  1.446   1.00 27.73  ? 9   TRP A CE3 1 
ATOM   66   C  CZ2 . TRP A 1 9   ? -5.157  -3.363  0.662   1.00 28.26  ? 9   TRP A CZ2 1 
ATOM   67   C  CZ3 . TRP A 1 9   ? -7.146  -4.738  0.724   1.00 31.40  ? 9   TRP A CZ3 1 
ATOM   68   C  CH2 . TRP A 1 9   ? -5.813  -4.523  0.342   1.00 28.86  ? 9   TRP A CH2 1 
ATOM   69   N  N   . ILE A 1 10  ? -11.091 -0.114  5.195   1.00 32.20  ? 10  ILE A N   1 
ATOM   70   C  CA  . ILE A 1 10  ? -12.451 0.311   5.541   1.00 38.02  ? 10  ILE A CA  1 
ATOM   71   C  C   . ILE A 1 10  ? -12.498 1.707   6.183   1.00 38.73  ? 10  ILE A C   1 
ATOM   72   O  O   . ILE A 1 10  ? -13.342 2.528   5.830   1.00 40.60  ? 10  ILE A O   1 
ATOM   73   C  CB  . ILE A 1 10  ? -13.184 -0.697  6.467   1.00 35.56  ? 10  ILE A CB  1 
ATOM   74   C  CG1 . ILE A 1 10  ? -13.185 -2.103  5.864   1.00 36.53  ? 10  ILE A CG1 1 
ATOM   75   C  CG2 . ILE A 1 10  ? -14.621 -0.249  6.709   1.00 37.14  ? 10  ILE A CG2 1 
ATOM   76   C  CD1 . ILE A 1 10  ? -13.638 -2.147  4.427   1.00 35.11  ? 10  ILE A CD1 1 
ATOM   77   N  N   . LYS A 1 11  ? -11.607 1.981   7.127   1.00 36.48  ? 11  LYS A N   1 
ATOM   78   C  CA  . LYS A 1 11  ? -11.581 3.309   7.722   1.00 37.97  ? 11  LYS A CA  1 
ATOM   79   C  C   . LYS A 1 11  ? -11.229 4.369   6.684   1.00 42.32  ? 11  LYS A C   1 
ATOM   80   O  O   . LYS A 1 11  ? -11.894 5.401   6.582   1.00 43.78  ? 11  LYS A O   1 
ATOM   81   C  CB  . LYS A 1 11  ? -10.598 3.386   8.883   1.00 40.19  ? 11  LYS A CB  1 
ATOM   82   C  CG  . LYS A 1 11  ? -10.550 4.771   9.511   1.00 48.56  ? 11  LYS A CG  1 
ATOM   83   C  CD  . LYS A 1 11  ? -9.488  4.839   10.594  1.00 66.35  ? 11  LYS A CD  1 
ATOM   84   C  CE  . LYS A 1 11  ? -9.543  6.142   11.382  1.00 77.18  ? 11  LYS A CE  1 
ATOM   85   N  NZ  . LYS A 1 11  ? -8.732  6.048   12.639  1.00 73.72  ? 11  LYS A NZ  1 
ATOM   86   N  N   . THR A 1 12  ? -10.175 4.111   5.921   1.00 36.01  ? 12  THR A N   1 
ATOM   87   C  CA  . THR A 1 12  ? -9.725  5.043   4.895   1.00 39.65  ? 12  THR A CA  1 
ATOM   88   C  C   . THR A 1 12  ? -10.813 5.331   3.857   1.00 42.29  ? 12  THR A C   1 
ATOM   89   O  O   . THR A 1 12  ? -10.961 6.463   3.396   1.00 42.07  ? 12  THR A O   1 
ATOM   90   C  CB  . THR A 1 12  ? -8.444  4.528   4.211   1.00 34.10  ? 12  THR A CB  1 
ATOM   91   O  OG1 . THR A 1 12  ? -7.350  4.616   5.135   1.00 34.69  ? 12  THR A OG1 1 
ATOM   92   C  CG2 . THR A 1 12  ? -8.125  5.349   2.967   1.00 34.50  ? 12  THR A CG2 1 
ATOM   93   N  N   . LEU A 1 13  ? -11.577 4.306   3.498   1.00 38.15  ? 13  LEU A N   1 
ATOM   94   C  CA  . LEU A 1 13  ? -12.695 4.485   2.584   1.00 41.93  ? 13  LEU A CA  1 
ATOM   95   C  C   . LEU A 1 13  ? -13.704 5.445   3.196   1.00 45.49  ? 13  LEU A C   1 
ATOM   96   O  O   . LEU A 1 13  ? -14.283 6.265   2.498   1.00 43.63  ? 13  LEU A O   1 
ATOM   97   C  CB  . LEU A 1 13  ? -13.363 3.147   2.259   1.00 36.05  ? 13  LEU A CB  1 
ATOM   98   C  CG  . LEU A 1 13  ? -12.644 2.275   1.228   1.00 33.86  ? 13  LEU A CG  1 
ATOM   99   C  CD1 . LEU A 1 13  ? -13.240 0.883   1.161   1.00 29.95  ? 13  LEU A CD1 1 
ATOM   100  C  CD2 . LEU A 1 13  ? -12.684 2.944   -0.138  1.00 30.77  ? 13  LEU A CD2 1 
ATOM   101  N  N   . ARG A 1 14  ? -13.902 5.353   4.504   1.00 40.87  ? 14  ARG A N   1 
ATOM   102  C  CA  . ARG A 1 14  ? -14.848 6.234   5.177   1.00 47.43  ? 14  ARG A CA  1 
ATOM   103  C  C   . ARG A 1 14  ? -14.356 7.678   5.190   1.00 53.97  ? 14  ARG A C   1 
ATOM   104  O  O   . ARG A 1 14  ? -15.120 8.604   4.912   1.00 52.00  ? 14  ARG A O   1 
ATOM   105  C  CB  . ARG A 1 14  ? -15.112 5.763   6.604   1.00 48.34  ? 14  ARG A CB  1 
ATOM   106  C  CG  . ARG A 1 14  ? -15.926 4.490   6.705   1.00 41.33  ? 14  ARG A CG  1 
ATOM   107  C  CD  . ARG A 1 14  ? -16.222 4.187   8.157   1.00 40.25  ? 14  ARG A CD  1 
ATOM   108  N  NE  . ARG A 1 14  ? -16.778 2.850   8.354   1.00 50.22  ? 14  ARG A NE  1 
ATOM   109  C  CZ  . ARG A 1 14  ? -18.037 2.512   8.089   1.00 51.22  ? 14  ARG A CZ  1 
ATOM   110  N  NH1 . ARG A 1 14  ? -18.885 3.412   7.601   1.00 49.24  ? 14  ARG A NH1 1 
ATOM   111  N  NH2 . ARG A 1 14  ? -18.447 1.268   8.306   1.00 50.49  ? 14  ARG A NH2 1 
ATOM   112  N  N   . ASP A 1 15  ? -13.080 7.867   5.515   1.00 48.89  ? 15  ASP A N   1 
ATOM   113  C  CA  . ASP A 1 15  ? -12.491 9.204   5.534   1.00 48.74  ? 15  ASP A CA  1 
ATOM   114  C  C   . ASP A 1 15  ? -12.572 9.896   4.162   1.00 50.65  ? 15  ASP A C   1 
ATOM   115  O  O   . ASP A 1 15  ? -12.675 11.119  4.081   1.00 55.09  ? 15  ASP A O   1 
ATOM   116  C  CB  . ASP A 1 15  ? -11.040 9.153   6.036   1.00 43.49  ? 15  ASP A CB  1 
ATOM   117  C  CG  . ASP A 1 15  ? -10.930 8.687   7.490   1.00 49.72  ? 15  ASP A CG  1 
ATOM   118  O  OD1 . ASP A 1 15  ? -11.957 8.644   8.204   1.00 55.01  ? 15  ASP A OD1 1 
ATOM   119  O  OD2 . ASP A 1 15  ? -9.805  8.370   7.926   1.00 54.47  ? 15  ASP A OD2 1 
ATOM   120  N  N   . LEU A 1 16  ? -12.546 9.112   3.088   1.00 46.09  ? 16  LEU A N   1 
ATOM   121  C  CA  . LEU A 1 16  ? -12.501 9.667   1.735   1.00 48.30  ? 16  LEU A CA  1 
ATOM   122  C  C   . LEU A 1 16  ? -13.878 9.851   1.101   1.00 49.54  ? 16  LEU A C   1 
ATOM   123  O  O   . LEU A 1 16  ? -14.106 10.814  0.372   1.00 50.71  ? 16  LEU A O   1 
ATOM   124  C  CB  . LEU A 1 16  ? -11.651 8.789   0.808   1.00 44.26  ? 16  LEU A CB  1 
ATOM   125  C  CG  . LEU A 1 16  ? -10.160 8.626   1.104   1.00 50.48  ? 16  LEU A CG  1 
ATOM   126  C  CD1 . LEU A 1 16  ? -9.506  7.762   0.033   1.00 39.35  ? 16  LEU A CD1 1 
ATOM   127  C  CD2 . LEU A 1 16  ? -9.475  9.981   1.200   1.00 47.88  ? 16  LEU A CD2 1 
ATOM   128  N  N   . TYR A 1 17  ? -14.785 8.918   1.364   1.00 49.55  ? 17  TYR A N   1 
ATOM   129  C  CA  . TYR A 1 17  ? -16.048 8.882   0.642   1.00 51.46  ? 17  TYR A CA  1 
ATOM   130  C  C   . TYR A 1 17  ? -17.269 8.833   1.565   1.00 49.38  ? 17  TYR A C   1 
ATOM   131  O  O   . TYR A 1 17  ? -18.404 8.746   1.100   1.00 55.76  ? 17  TYR A O   1 
ATOM   132  C  CB  . TYR A 1 17  ? -16.070 7.698   -0.330  1.00 46.66  ? 17  TYR A CB  1 
ATOM   133  C  CG  . TYR A 1 17  ? -14.810 7.544   -1.152  1.00 47.12  ? 17  TYR A CG  1 
ATOM   134  C  CD1 . TYR A 1 17  ? -13.973 6.441   -0.984  1.00 44.02  ? 17  TYR A CD1 1 
ATOM   135  C  CD2 . TYR A 1 17  ? -14.455 8.495   -2.103  1.00 51.07  ? 17  TYR A CD2 1 
ATOM   136  C  CE1 . TYR A 1 17  ? -12.815 6.293   -1.743  1.00 41.41  ? 17  TYR A CE1 1 
ATOM   137  C  CE2 . TYR A 1 17  ? -13.301 8.356   -2.868  1.00 46.07  ? 17  TYR A CE2 1 
ATOM   138  C  CZ  . TYR A 1 17  ? -12.485 7.255   -2.681  1.00 41.62  ? 17  TYR A CZ  1 
ATOM   139  O  OH  . TYR A 1 17  ? -11.347 7.120   -3.437  1.00 37.98  ? 17  TYR A OH  1 
ATOM   140  N  N   . GLY A 1 18  ? -17.036 8.879   2.869   1.00 51.84  ? 18  GLY A N   1 
ATOM   141  C  CA  . GLY A 1 18  ? -18.127 9.014   3.819   1.00 50.60  ? 18  GLY A CA  1 
ATOM   142  C  C   . GLY A 1 18  ? -18.801 7.718   4.213   1.00 54.46  ? 18  GLY A C   1 
ATOM   143  O  O   . GLY A 1 18  ? -18.669 6.698   3.536   1.00 52.05  ? 18  GLY A O   1 
ATOM   144  N  N   . ASN A 1 19  ? -19.550 7.771   5.311   1.00 52.58  ? 19  ASN A N   1 
ATOM   145  C  CA  . ASN A 1 19  ? -20.099 6.575   5.940   1.00 50.93  ? 19  ASN A CA  1 
ATOM   146  C  C   . ASN A 1 19  ? -21.207 5.872   5.166   1.00 52.66  ? 19  ASN A C   1 
ATOM   147  O  O   . ASN A 1 19  ? -21.409 4.673   5.328   1.00 53.79  ? 19  ASN A O   1 
ATOM   148  C  CB  . ASN A 1 19  ? -20.579 6.900   7.357   1.00 55.03  ? 19  ASN A CB  1 
ATOM   149  C  CG  . ASN A 1 19  ? -19.431 7.128   8.325   1.00 61.93  ? 19  ASN A CG  1 
ATOM   150  O  OD1 . ASN A 1 19  ? -18.435 6.402   8.311   1.00 56.08  ? 19  ASN A OD1 1 
ATOM   151  N  ND2 . ASN A 1 19  ? -19.569 8.140   9.175   1.00 56.70  ? 19  ASN A ND2 1 
ATOM   152  N  N   . ASP A 1 20  ? -21.928 6.608   4.330   1.00 58.39  ? 20  ASP A N   1 
ATOM   153  C  CA  . ASP A 1 20  ? -23.047 6.014   3.603   1.00 63.07  ? 20  ASP A CA  1 
ATOM   154  C  C   . ASP A 1 20  ? -22.569 5.119   2.469   1.00 53.37  ? 20  ASP A C   1 
ATOM   155  O  O   . ASP A 1 20  ? -23.047 3.994   2.315   1.00 53.14  ? 20  ASP A O   1 
ATOM   156  C  CB  . ASP A 1 20  ? -23.998 7.095   3.076   1.00 72.17  ? 20  ASP A CB  1 
ATOM   157  C  CG  . ASP A 1 20  ? -24.927 7.631   4.153   1.00 80.27  ? 20  ASP A CG  1 
ATOM   158  O  OD1 . ASP A 1 20  ? -25.475 8.742   3.964   1.00 87.43  ? 20  ASP A OD1 1 
ATOM   159  O  OD2 . ASP A 1 20  ? -25.109 6.943   5.186   1.00 72.73  ? 20  ASP A OD2 1 
ATOM   160  N  N   . VAL A 1 21  ? -21.628 5.624   1.676   1.00 51.76  ? 21  VAL A N   1 
ATOM   161  C  CA  . VAL A 1 21  ? -21.034 4.841   0.597   1.00 49.83  ? 21  VAL A CA  1 
ATOM   162  C  C   . VAL A 1 21  ? -20.489 3.513   1.130   1.00 49.90  ? 21  VAL A C   1 
ATOM   163  O  O   . VAL A 1 21  ? -20.737 2.442   0.554   1.00 46.74  ? 21  VAL A O   1 
ATOM   164  C  CB  . VAL A 1 21  ? -19.900 5.623   -0.098  1.00 50.92  ? 21  VAL A CB  1 
ATOM   165  C  CG1 . VAL A 1 21  ? -19.159 4.733   -1.089  1.00 50.08  ? 21  VAL A CG1 1 
ATOM   166  C  CG2 . VAL A 1 21  ? -20.457 6.845   -0.803  1.00 56.41  ? 21  VAL A CG2 1 
ATOM   167  N  N   . VAL A 1 22  ? -19.761 3.591   2.244   1.00 45.73  ? 22  VAL A N   1 
ATOM   168  C  CA  . VAL A 1 22  ? -19.114 2.426   2.837   1.00 42.84  ? 22  VAL A CA  1 
ATOM   169  C  C   . VAL A 1 22  ? -20.127 1.466   3.458   1.00 47.22  ? 22  VAL A C   1 
ATOM   170  O  O   . VAL A 1 22  ? -20.099 0.264   3.181   1.00 47.43  ? 22  VAL A O   1 
ATOM   171  C  CB  . VAL A 1 22  ? -18.054 2.840   3.885   1.00 46.22  ? 22  VAL A CB  1 
ATOM   172  C  CG1 . VAL A 1 22  ? -17.447 1.613   4.558   1.00 39.76  ? 22  VAL A CG1 1 
ATOM   173  C  CG2 . VAL A 1 22  ? -16.966 3.680   3.227   1.00 40.36  ? 22  VAL A CG2 1 
ATOM   174  N  N   . ASP A 1 23  ? -21.025 1.997   4.283   1.00 51.24  ? 23  ASP A N   1 
ATOM   175  C  CA  . ASP A 1 23  ? -22.054 1.174   4.917   1.00 50.45  ? 23  ASP A CA  1 
ATOM   176  C  C   . ASP A 1 23  ? -22.823 0.343   3.889   1.00 44.09  ? 23  ASP A C   1 
ATOM   177  O  O   . ASP A 1 23  ? -23.063 -0.850  4.096   1.00 47.68  ? 23  ASP A O   1 
ATOM   178  C  CB  . ASP A 1 23  ? -23.022 2.038   5.731   1.00 46.56  ? 23  ASP A CB  1 
ATOM   179  C  CG  . ASP A 1 23  ? -22.419 2.519   7.041   1.00 58.54  ? 23  ASP A CG  1 
ATOM   180  O  OD1 . ASP A 1 23  ? -21.457 1.889   7.533   1.00 57.98  ? 23  ASP A OD1 1 
ATOM   181  O  OD2 . ASP A 1 23  ? -22.911 3.531   7.583   1.00 58.60  ? 23  ASP A OD2 1 
ATOM   182  N  N   . GLU A 1 24  ? -23.203 0.976   2.784   1.00 49.47  ? 24  GLU A N   1 
ATOM   183  C  CA  . GLU A 1 24  ? -23.941 0.288   1.724   1.00 58.27  ? 24  GLU A CA  1 
ATOM   184  C  C   . GLU A 1 24  ? -23.088 -0.774  1.040   1.00 52.42  ? 24  GLU A C   1 
ATOM   185  O  O   . GLU A 1 24  ? -23.559 -1.879  0.753   1.00 49.43  ? 24  GLU A O   1 
ATOM   186  C  CB  . GLU A 1 24  ? -24.455 1.283   0.679   1.00 52.86  ? 24  GLU A CB  1 
ATOM   187  C  CG  . GLU A 1 24  ? -25.493 2.255   1.205   1.00 62.50  ? 24  GLU A CG  1 
ATOM   188  C  CD  . GLU A 1 24  ? -25.749 3.401   0.241   1.00 71.87  ? 24  GLU A CD  1 
ATOM   189  O  OE1 . GLU A 1 24  ? -25.642 3.182   -0.987  1.00 64.85  ? 24  GLU A OE1 1 
ATOM   190  O  OE2 . GLU A 1 24  ? -26.057 4.518   0.716   1.00 78.60  ? 24  GLU A OE2 1 
ATOM   191  N  N   . SER A 1 25  ? -21.831 -0.423  0.774   1.00 54.35  ? 25  SER A N   1 
ATOM   192  C  CA  . SER A 1 25  ? -20.900 -1.332  0.112   1.00 49.32  ? 25  SER A CA  1 
ATOM   193  C  C   . SER A 1 25  ? -20.646 -2.583  0.956   1.00 47.71  ? 25  SER A C   1 
ATOM   194  O  O   . SER A 1 25  ? -20.621 -3.702  0.434   1.00 43.03  ? 25  SER A O   1 
ATOM   195  C  CB  . SER A 1 25  ? -19.589 -0.608  -0.199  1.00 44.05  ? 25  SER A CB  1 
ATOM   196  O  OG  . SER A 1 25  ? -19.827 0.532   -1.006  1.00 40.53  ? 25  SER A OG  1 
ATOM   197  N  N   . LEU A 1 26  ? -20.467 -2.393  2.261   1.00 38.25  ? 26  LEU A N   1 
ATOM   198  C  CA  . LEU A 1 26  ? -20.272 -3.522  3.160   1.00 44.27  ? 26  LEU A CA  1 
ATOM   199  C  C   . LEU A 1 26  ? -21.537 -4.366  3.231   1.00 50.64  ? 26  LEU A C   1 
ATOM   200  O  O   . LEU A 1 26  ? -21.479 -5.596  3.216   1.00 50.40  ? 26  LEU A O   1 
ATOM   201  C  CB  . LEU A 1 26  ? -19.890 -3.059  4.567   1.00 39.66  ? 26  LEU A CB  1 
ATOM   202  C  CG  . LEU A 1 26  ? -18.565 -2.318  4.782   1.00 46.52  ? 26  LEU A CG  1 
ATOM   203  C  CD1 . LEU A 1 26  ? -18.139 -2.450  6.234   1.00 40.85  ? 26  LEU A CD1 1 
ATOM   204  C  CD2 . LEU A 1 26  ? -17.473 -2.831  3.858   1.00 44.42  ? 26  LEU A CD2 1 
ATOM   205  N  N   . LYS A 1 27  ? -22.685 -3.700  3.317   1.00 47.99  ? 27  LYS A N   1 
ATOM   206  C  CA  . LYS A 1 27  ? -23.950 -4.408  3.400   1.00 49.84  ? 27  LYS A CA  1 
ATOM   207  C  C   . LYS A 1 27  ? -24.155 -5.271  2.151   1.00 50.91  ? 27  LYS A C   1 
ATOM   208  O  O   . LYS A 1 27  ? -24.673 -6.387  2.235   1.00 49.03  ? 27  LYS A O   1 
ATOM   209  C  CB  . LYS A 1 27  ? -25.101 -3.419  3.583   1.00 62.46  ? 27  LYS A CB  1 
ATOM   210  C  CG  . LYS A 1 27  ? -26.362 -4.029  4.182   1.00 79.34  ? 27  LYS A CG  1 
ATOM   211  C  CD  . LYS A 1 27  ? -27.529 -3.040  4.148   1.00 91.34  ? 27  LYS A CD  1 
ATOM   212  C  CE  . LYS A 1 27  ? -28.867 -3.735  4.407   1.00 104.66 ? 27  LYS A CE  1 
ATOM   213  N  NZ  . LYS A 1 27  ? -30.029 -2.802  4.308   1.00 104.29 ? 27  LYS A NZ  1 
ATOM   214  N  N   . SER A 1 28  ? -23.709 -4.766  1.002   1.00 45.27  ? 28  SER A N   1 
ATOM   215  C  CA  . SER A 1 28  ? -23.860 -5.475  -0.264  1.00 43.46  ? 28  SER A CA  1 
ATOM   216  C  C   . SER A 1 28  ? -23.067 -6.788  -0.363  1.00 48.46  ? 28  SER A C   1 
ATOM   217  O  O   . SER A 1 28  ? -23.346 -7.611  -1.238  1.00 43.80  ? 28  SER A O   1 
ATOM   218  C  CB  . SER A 1 28  ? -23.517 -4.560  -1.446  1.00 51.78  ? 28  SER A CB  1 
ATOM   219  O  OG  . SER A 1 28  ? -22.118 -4.499  -1.676  1.00 50.91  ? 28  SER A OG  1 
ATOM   220  N  N   . VAL A 1 29  ? -22.083 -6.991  0.514   1.00 47.58  ? 29  VAL A N   1 
ATOM   221  C  CA  . VAL A 1 29  ? -21.348 -8.261  0.522   1.00 44.09  ? 29  VAL A CA  1 
ATOM   222  C  C   . VAL A 1 29  ? -21.698 -9.128  1.730   1.00 48.74  ? 29  VAL A C   1 
ATOM   223  O  O   . VAL A 1 29  ? -21.113 -10.195 1.932   1.00 45.82  ? 29  VAL A O   1 
ATOM   224  C  CB  . VAL A 1 29  ? -19.810 -8.070  0.456   1.00 43.42  ? 29  VAL A CB  1 
ATOM   225  C  CG1 . VAL A 1 29  ? -19.404 -7.468  -0.880  1.00 40.33  ? 29  VAL A CG1 1 
ATOM   226  C  CG2 . VAL A 1 29  ? -19.319 -7.225  1.625   1.00 36.44  ? 29  VAL A CG2 1 
ATOM   227  N  N   . GLY A 1 30  ? -22.642 -8.661  2.540   1.00 50.40  ? 30  GLY A N   1 
ATOM   228  C  CA  . GLY A 1 30  ? -23.131 -9.452  3.653   1.00 48.84  ? 30  GLY A CA  1 
ATOM   229  C  C   . GLY A 1 30  ? -22.431 -9.194  4.971   1.00 56.22  ? 30  GLY A C   1 
ATOM   230  O  O   . GLY A 1 30  ? -22.497 -10.021 5.883   1.00 61.43  ? 30  GLY A O   1 
ATOM   231  N  N   . TRP A 1 31  ? -21.757 -8.056  5.080   1.00 50.52  ? 31  TRP A N   1 
ATOM   232  C  CA  . TRP A 1 31  ? -21.136 -7.672  6.345   1.00 60.59  ? 31  TRP A CA  1 
ATOM   233  C  C   . TRP A 1 31  ? -22.101 -6.802  7.130   1.00 58.73  ? 31  TRP A C   1 
ATOM   234  O  O   . TRP A 1 31  ? -23.016 -6.211  6.562   1.00 62.01  ? 31  TRP A O   1 
ATOM   235  C  CB  . TRP A 1 31  ? -19.856 -6.863  6.111   1.00 52.48  ? 31  TRP A CB  1 
ATOM   236  C  CG  . TRP A 1 31  ? -18.745 -7.600  5.443   1.00 46.62  ? 31  TRP A CG  1 
ATOM   237  C  CD1 . TRP A 1 31  ? -18.820 -8.806  4.809   1.00 48.14  ? 31  TRP A CD1 1 
ATOM   238  C  CD2 . TRP A 1 31  ? -17.389 -7.158  5.304   1.00 40.80  ? 31  TRP A CD2 1 
ATOM   239  N  NE1 . TRP A 1 31  ? -17.588 -9.151  4.301   1.00 45.87  ? 31  TRP A NE1 1 
ATOM   240  C  CE2 . TRP A 1 31  ? -16.695 -8.152  4.586   1.00 44.02  ? 31  TRP A CE2 1 
ATOM   241  C  CE3 . TRP A 1 31  ? -16.694 -6.019  5.723   1.00 42.51  ? 31  TRP A CE3 1 
ATOM   242  C  CZ2 . TRP A 1 31  ? -15.339 -8.044  4.278   1.00 44.70  ? 31  TRP A CZ2 1 
ATOM   243  C  CZ3 . TRP A 1 31  ? -15.348 -5.913  5.416   1.00 40.29  ? 31  TRP A CZ3 1 
ATOM   244  C  CH2 . TRP A 1 31  ? -14.685 -6.917  4.700   1.00 39.60  ? 31  TRP A CH2 1 
ATOM   245  N  N   . GLU A 1 32  ? -21.894 -6.721  8.438   1.00 58.77  ? 32  GLU A N   1 
ATOM   246  C  CA  . GLU A 1 32  ? -22.512 -5.670  9.220   1.00 59.20  ? 32  GLU A CA  1 
ATOM   247  C  C   . GLU A 1 32  ? -21.818 -4.373  8.833   1.00 58.70  ? 32  GLU A C   1 
ATOM   248  O  O   . GLU A 1 32  ? -20.599 -4.346  8.679   1.00 61.82  ? 32  GLU A O   1 
ATOM   249  C  CB  . GLU A 1 32  ? -22.332 -5.930  10.714  1.00 61.20  ? 32  GLU A CB  1 
ATOM   250  C  CG  . GLU A 1 32  ? -23.084 -7.142  11.223  1.00 71.26  ? 32  GLU A CG  1 
ATOM   251  C  CD  . GLU A 1 32  ? -24.570 -7.058  10.939  1.00 76.54  ? 32  GLU A CD  1 
ATOM   252  O  OE1 . GLU A 1 32  ? -25.083 -5.928  10.779  1.00 74.29  ? 32  GLU A OE1 1 
ATOM   253  O  OE2 . GLU A 1 32  ? -25.224 -8.122  10.874  1.00 83.58  ? 32  GLU A OE2 1 
ATOM   254  N  N   . PRO A 1 33  ? -22.589 -3.291  8.673   1.00 63.12  ? 33  PRO A N   1 
ATOM   255  C  CA  . PRO A 1 33  ? -21.996 -2.012  8.269   1.00 54.82  ? 33  PRO A CA  1 
ATOM   256  C  C   . PRO A 1 33  ? -20.979 -1.540  9.297   1.00 56.72  ? 33  PRO A C   1 
ATOM   257  O  O   . PRO A 1 33  ? -20.078 -0.777  8.964   1.00 63.24  ? 33  PRO A O   1 
ATOM   258  C  CB  . PRO A 1 33  ? -23.194 -1.059  8.251   1.00 57.10  ? 33  PRO A CB  1 
ATOM   259  C  CG  . PRO A 1 33  ? -24.400 -1.944  8.178   1.00 65.70  ? 33  PRO A CG  1 
ATOM   260  C  CD  . PRO A 1 33  ? -24.033 -3.176  8.932   1.00 62.60  ? 33  PRO A CD  1 
ATOM   261  N  N   . ASP A 1 34  ? -21.130 -1.996  10.536  1.00 58.86  ? 34  ASP A N   1 
ATOM   262  C  CA  . ASP A 1 34  ? -20.273 -1.569  11.634  1.00 62.26  ? 34  ASP A CA  1 
ATOM   263  C  C   . ASP A 1 34  ? -19.343 -2.693  12.089  1.00 66.08  ? 34  ASP A C   1 
ATOM   264  O  O   . ASP A 1 34  ? -18.888 -2.703  13.237  1.00 59.30  ? 34  ASP A O   1 
ATOM   265  C  CB  . ASP A 1 34  ? -21.128 -1.099  12.815  1.00 65.02  ? 34  ASP A CB  1 
ATOM   266  C  CG  . ASP A 1 34  ? -21.934 -2.229  13.446  1.00 69.48  ? 34  ASP A CG  1 
ATOM   267  O  OD1 . ASP A 1 34  ? -22.255 -2.132  14.648  1.00 73.71  ? 34  ASP A OD1 1 
ATOM   268  O  OD2 . ASP A 1 34  ? -22.243 -3.220  12.746  1.00 68.62  ? 34  ASP A OD2 1 
ATOM   269  N  N   . ARG A 1 35  ? -19.068 -3.636  11.187  1.00 69.01  ? 35  ARG A N   1 
ATOM   270  C  CA  . ARG A 1 35  ? -18.224 -4.793  11.499  1.00 63.23  ? 35  ARG A CA  1 
ATOM   271  C  C   . ARG A 1 35  ? -16.860 -4.375  12.050  1.00 53.33  ? 35  ARG A C   1 
ATOM   272  O  O   . ARG A 1 35  ? -16.150 -3.580  11.430  1.00 52.51  ? 35  ARG A O   1 
ATOM   273  C  CB  . ARG A 1 35  ? -18.040 -5.677  10.257  1.00 62.62  ? 35  ARG A CB  1 
ATOM   274  C  CG  . ARG A 1 35  ? -17.150 -6.903  10.480  1.00 56.31  ? 35  ARG A CG  1 
ATOM   275  C  CD  . ARG A 1 35  ? -16.982 -7.720  9.198   1.00 50.15  ? 35  ARG A CD  1 
ATOM   276  N  NE  . ARG A 1 35  ? -16.162 -8.913  9.416   1.00 55.13  ? 35  ARG A NE  1 
ATOM   277  C  CZ  . ARG A 1 35  ? -15.970 -9.866  8.508   1.00 50.03  ? 35  ARG A CZ  1 
ATOM   278  N  NH1 . ARG A 1 35  ? -16.540 -9.775  7.315   1.00 44.13  ? 35  ARG A NH1 1 
ATOM   279  N  NH2 . ARG A 1 35  ? -15.207 -10.912 8.793   1.00 45.89  ? 35  ARG A NH2 1 
ATOM   280  N  N   . VAL A 1 36  ? -16.507 -4.898  13.222  1.00 52.41  ? 36  VAL A N   1 
ATOM   281  C  CA  . VAL A 1 36  ? -15.180 -4.668  13.782  1.00 53.16  ? 36  VAL A CA  1 
ATOM   282  C  C   . VAL A 1 36  ? -14.214 -5.729  13.261  1.00 48.04  ? 36  VAL A C   1 
ATOM   283  O  O   . VAL A 1 36  ? -14.320 -6.912  13.608  1.00 45.87  ? 36  VAL A O   1 
ATOM   284  C  CB  . VAL A 1 36  ? -15.176 -4.703  15.324  1.00 57.88  ? 36  VAL A CB  1 
ATOM   285  C  CG1 . VAL A 1 36  ? -13.744 -4.698  15.842  1.00 53.30  ? 36  VAL A CG1 1 
ATOM   286  C  CG2 . VAL A 1 36  ? -15.951 -3.520  15.896  1.00 55.84  ? 36  VAL A CG2 1 
ATOM   287  N  N   . ILE A 1 37  ? -13.284 -5.307  12.415  1.00 42.04  ? 37  ILE A N   1 
ATOM   288  C  CA  . ILE A 1 37  ? -12.317 -6.236  11.843  1.00 43.17  ? 37  ILE A CA  1 
ATOM   289  C  C   . ILE A 1 37  ? -11.083 -6.316  12.734  1.00 38.47  ? 37  ILE A C   1 
ATOM   290  O  O   . ILE A 1 37  ? -10.488 -5.293  13.070  1.00 42.29  ? 37  ILE A O   1 
ATOM   291  C  CB  . ILE A 1 37  ? -11.938 -5.840  10.398  1.00 37.72  ? 37  ILE A CB  1 
ATOM   292  C  CG1 . ILE A 1 37  ? -13.166 -5.950  9.491   1.00 34.91  ? 37  ILE A CG1 1 
ATOM   293  C  CG2 . ILE A 1 37  ? -10.816 -6.726  9.869   1.00 35.25  ? 37  ILE A CG2 1 
ATOM   294  C  CD1 . ILE A 1 37  ? -12.952 -5.397  8.110   1.00 42.74  ? 37  ILE A CD1 1 
ATOM   295  N  N   . THR A 1 38  ? -10.725 -7.531  13.137  1.00 35.35  ? 38  THR A N   1 
ATOM   296  C  CA  . THR A 1 38  ? -9.553  -7.736  13.986  1.00 40.10  ? 38  THR A CA  1 
ATOM   297  C  C   . THR A 1 38  ? -8.297  -7.968  13.141  1.00 38.89  ? 38  THR A C   1 
ATOM   298  O  O   . THR A 1 38  ? -8.380  -8.463  12.011  1.00 34.32  ? 38  THR A O   1 
ATOM   299  C  CB  . THR A 1 38  ? -9.759  -8.898  14.988  1.00 39.06  ? 38  THR A CB  1 
ATOM   300  O  OG1 . THR A 1 38  ? -9.718  -10.161 14.304  1.00 38.16  ? 38  THR A OG1 1 
ATOM   301  C  CG2 . THR A 1 38  ? -11.096 -8.746  15.693  1.00 44.31  ? 38  THR A CG2 1 
ATOM   302  N  N   . PRO A 1 39  ? -7.129  -7.619  13.695  1.00 40.31  ? 39  PRO A N   1 
ATOM   303  C  CA  . PRO A 1 39  ? -5.854  -7.628  12.965  1.00 36.37  ? 39  PRO A CA  1 
ATOM   304  C  C   . PRO A 1 39  ? -5.449  -8.978  12.362  1.00 29.45  ? 39  PRO A C   1 
ATOM   305  O  O   . PRO A 1 39  ? -4.861  -8.996  11.279  1.00 30.55  ? 39  PRO A O   1 
ATOM   306  C  CB  . PRO A 1 39  ? -4.838  -7.198  14.035  1.00 35.77  ? 39  PRO A CB  1 
ATOM   307  C  CG  . PRO A 1 39  ? -5.638  -6.448  15.034  1.00 41.57  ? 39  PRO A CG  1 
ATOM   308  C  CD  . PRO A 1 39  ? -6.960  -7.158  15.083  1.00 40.56  ? 39  PRO A CD  1 
ATOM   309  N  N   . LEU A 1 40  ? -5.752  -10.086 13.029  1.00 29.97  ? 40  LEU A N   1 
ATOM   310  C  CA  . LEU A 1 40  ? -5.233  -11.374 12.575  1.00 29.89  ? 40  LEU A CA  1 
ATOM   311  C  C   . LEU A 1 40  ? -6.267  -12.309 11.961  1.00 29.82  ? 40  LEU A C   1 
ATOM   312  O  O   . LEU A 1 40  ? -5.934  -13.431 11.589  1.00 29.94  ? 40  LEU A O   1 
ATOM   313  C  CB  . LEU A 1 40  ? -4.469  -12.089 13.698  1.00 26.40  ? 40  LEU A CB  1 
ATOM   314  C  CG  . LEU A 1 40  ? -3.235  -11.374 14.258  1.00 30.85  ? 40  LEU A CG  1 
ATOM   315  C  CD1 . LEU A 1 40  ? -2.681  -12.096 15.500  1.00 37.42  ? 40  LEU A CD1 1 
ATOM   316  C  CD2 . LEU A 1 40  ? -2.150  -11.207 13.203  1.00 32.62  ? 40  LEU A CD2 1 
ATOM   317  N  N   . GLU A 1 41  ? -7.516  -11.867 11.843  1.00 28.54  ? 41  GLU A N   1 
ATOM   318  C  CA  . GLU A 1 41  ? -8.483  -12.682 11.118  1.00 34.77  ? 41  GLU A CA  1 
ATOM   319  C  C   . GLU A 1 41  ? -8.199  -12.587 9.628   1.00 34.89  ? 41  GLU A C   1 
ATOM   320  O  O   . GLU A 1 41  ? -7.460  -11.707 9.189   1.00 32.60  ? 41  GLU A O   1 
ATOM   321  C  CB  . GLU A 1 41  ? -9.923  -12.270 11.410  1.00 36.28  ? 41  GLU A CB  1 
ATOM   322  C  CG  . GLU A 1 41  ? -10.307 -10.897 10.910  1.00 32.74  ? 41  GLU A CG  1 
ATOM   323  C  CD  . GLU A 1 41  ? -11.768 -10.577 11.190  1.00 36.91  ? 41  GLU A CD  1 
ATOM   324  O  OE1 . GLU A 1 41  ? -12.028 -9.595  11.904  1.00 39.47  ? 41  GLU A OE1 1 
ATOM   325  O  OE2 . GLU A 1 41  ? -12.655 -11.311 10.703  1.00 41.29  ? 41  GLU A OE2 1 
ATOM   326  N  N   . ASP A 1 42  ? -8.772  -13.511 8.864   1.00 31.13  ? 42  ASP A N   1 
ATOM   327  C  CA  . ASP A 1 42  ? -8.612  -13.536 7.415   1.00 37.11  ? 42  ASP A CA  1 
ATOM   328  C  C   . ASP A 1 42  ? -9.873  -13.042 6.733   1.00 36.10  ? 42  ASP A C   1 
ATOM   329  O  O   . ASP A 1 42  ? -10.979 -13.460 7.075   1.00 37.35  ? 42  ASP A O   1 
ATOM   330  C  CB  . ASP A 1 42  ? -8.272  -14.951 6.942   1.00 29.94  ? 42  ASP A CB  1 
ATOM   331  C  CG  . ASP A 1 42  ? -6.936  -15.430 7.477   1.00 35.51  ? 42  ASP A CG  1 
ATOM   332  O  OD1 . ASP A 1 42  ? -6.884  -16.517 8.103   1.00 37.82  ? 42  ASP A OD1 1 
ATOM   333  O  OD2 . ASP A 1 42  ? -5.937  -14.694 7.295   1.00 34.68  ? 42  ASP A OD2 1 
ATOM   334  N  N   . ILE A 1 43  ? -9.700  -12.136 5.776   1.00 34.03  ? 43  ILE A N   1 
ATOM   335  C  CA  . ILE A 1 43  ? -10.810 -11.624 4.987   1.00 34.33  ? 43  ILE A CA  1 
ATOM   336  C  C   . ILE A 1 43  ? -10.666 -12.105 3.537   1.00 34.13  ? 43  ILE A C   1 
ATOM   337  O  O   . ILE A 1 43  ? -9.601  -11.978 2.930   1.00 28.03  ? 43  ILE A O   1 
ATOM   338  C  CB  . ILE A 1 43  ? -10.849 -10.082 5.021   1.00 42.06  ? 43  ILE A CB  1 
ATOM   339  C  CG1 . ILE A 1 43  ? -10.840 -9.575  6.469   1.00 34.82  ? 43  ILE A CG1 1 
ATOM   340  C  CG2 . ILE A 1 43  ? -12.045 -9.546  4.236   1.00 33.72  ? 43  ILE A CG2 1 
ATOM   341  C  CD1 . ILE A 1 43  ? -12.027 -10.050 7.294   1.00 43.54  ? 43  ILE A CD1 1 
ATOM   342  N  N   . ASP A 1 44  ? -11.739 -12.659 2.983   1.00 33.09  ? 44  ASP A N   1 
ATOM   343  C  CA  . ASP A 1 44  ? -11.706 -13.163 1.614   1.00 33.65  ? 44  ASP A CA  1 
ATOM   344  C  C   . ASP A 1 44  ? -11.349 -12.048 0.621   1.00 28.64  ? 44  ASP A C   1 
ATOM   345  O  O   . ASP A 1 44  ? -11.970 -10.980 0.634   1.00 31.10  ? 44  ASP A O   1 
ATOM   346  C  CB  . ASP A 1 44  ? -13.053 -13.800 1.266   1.00 40.89  ? 44  ASP A CB  1 
ATOM   347  C  CG  . ASP A 1 44  ? -13.118 -14.273 -0.167  1.00 44.73  ? 44  ASP A CG  1 
ATOM   348  O  OD1 . ASP A 1 44  ? -12.180 -14.961 -0.631  1.00 49.99  ? 44  ASP A OD1 1 
ATOM   349  O  OD2 . ASP A 1 44  ? -14.111 -13.938 -0.846  1.00 61.70  ? 44  ASP A OD2 1 
ATOM   350  N  N   . ASP A 1 45  ? -10.347 -12.285 -0.226  1.00 27.78  ? 45  ASP A N   1 
ATOM   351  C  CA  . ASP A 1 45  ? -9.909  -11.273 -1.202  1.00 31.23  ? 45  ASP A CA  1 
ATOM   352  C  C   . ASP A 1 45  ? -11.063 -10.806 -2.100  1.00 36.79  ? 45  ASP A C   1 
ATOM   353  O  O   . ASP A 1 45  ? -11.170 -9.623  -2.426  1.00 33.30  ? 45  ASP A O   1 
ATOM   354  C  CB  . ASP A 1 45  ? -8.772  -11.793 -2.091  1.00 31.39  ? 45  ASP A CB  1 
ATOM   355  C  CG  . ASP A 1 45  ? -7.436  -11.931 -1.354  1.00 43.18  ? 45  ASP A CG  1 
ATOM   356  O  OD1 . ASP A 1 45  ? -7.376  -11.754 -0.113  1.00 39.34  ? 45  ASP A OD1 1 
ATOM   357  O  OD2 . ASP A 1 45  ? -6.427  -12.223 -2.039  1.00 41.66  ? 45  ASP A OD2 1 
ATOM   358  N  N   . ASP A 1 46  ? -11.920 -11.740 -2.509  1.00 34.12  ? 46  ASP A N   1 
ATOM   359  C  CA  . ASP A 1 46  ? -12.989 -11.402 -3.436  1.00 32.59  ? 46  ASP A CA  1 
ATOM   360  C  C   . ASP A 1 46  ? -14.039 -10.482 -2.804  1.00 34.88  ? 46  ASP A C   1 
ATOM   361  O  O   . ASP A 1 46  ? -14.605 -9.636  -3.487  1.00 34.18  ? 46  ASP A O   1 
ATOM   362  C  CB  . ASP A 1 46  ? -13.647 -12.653 -4.013  1.00 31.37  ? 46  ASP A CB  1 
ATOM   363  C  CG  . ASP A 1 46  ? -14.464 -12.349 -5.275  1.00 46.42  ? 46  ASP A CG  1 
ATOM   364  O  OD1 . ASP A 1 46  ? -15.710 -12.418 -5.216  1.00 38.67  ? 46  ASP A OD1 1 
ATOM   365  O  OD2 . ASP A 1 46  ? -13.851 -12.020 -6.317  1.00 37.64  ? 46  ASP A OD2 1 
ATOM   366  N  N   . GLU A 1 47  ? -14.295 -10.643 -1.508  1.00 33.89  ? 47  GLU A N   1 
ATOM   367  C  CA  . GLU A 1 47  ? -15.210 -9.741  -0.811  1.00 34.47  ? 47  GLU A CA  1 
ATOM   368  C  C   . GLU A 1 47  ? -14.682 -8.305  -0.778  1.00 34.20  ? 47  GLU A C   1 
ATOM   369  O  O   . GLU A 1 47  ? -15.435 -7.347  -0.959  1.00 30.78  ? 47  GLU A O   1 
ATOM   370  C  CB  . GLU A 1 47  ? -15.513 -10.236 0.599   1.00 36.37  ? 47  GLU A CB  1 
ATOM   371  C  CG  . GLU A 1 47  ? -16.315 -11.527 0.641   1.00 37.68  ? 47  GLU A CG  1 
ATOM   372  C  CD  . GLU A 1 47  ? -16.673 -11.948 2.058   1.00 51.53  ? 47  GLU A CD  1 
ATOM   373  O  OE1 . GLU A 1 47  ? -16.249 -11.261 3.011   1.00 39.88  ? 47  GLU A OE1 1 
ATOM   374  O  OE2 . GLU A 1 47  ? -17.376 -12.969 2.217   1.00 55.33  ? 47  GLU A OE2 1 
ATOM   375  N  N   . VAL A 1 48  ? -13.386 -8.147  -0.548  1.00 29.37  ? 48  VAL A N   1 
ATOM   376  C  CA  . VAL A 1 48  ? -12.789 -6.826  -0.665  1.00 31.04  ? 48  VAL A CA  1 
ATOM   377  C  C   . VAL A 1 48  ? -12.967 -6.269  -2.093  1.00 29.77  ? 48  VAL A C   1 
ATOM   378  O  O   . VAL A 1 48  ? -13.276 -5.095  -2.275  1.00 30.46  ? 48  VAL A O   1 
ATOM   379  C  CB  . VAL A 1 48  ? -11.295 -6.832  -0.267  1.00 30.10  ? 48  VAL A CB  1 
ATOM   380  C  CG1 . VAL A 1 48  ? -10.700 -5.429  -0.405  1.00 30.16  ? 48  VAL A CG1 1 
ATOM   381  C  CG2 . VAL A 1 48  ? -11.126 -7.335  1.158   1.00 29.35  ? 48  VAL A CG2 1 
ATOM   382  N  N   . ARG A 1 49  ? -12.781 -7.114  -3.102  1.00 30.17  ? 49  ARG A N   1 
ATOM   383  C  CA  . ARG A 1 49  ? -12.919 -6.664  -4.481  1.00 32.61  ? 49  ARG A CA  1 
ATOM   384  C  C   . ARG A 1 49  ? -14.335 -6.157  -4.753  1.00 33.54  ? 49  ARG A C   1 
ATOM   385  O  O   . ARG A 1 49  ? -14.531 -5.106  -5.368  1.00 34.11  ? 49  ARG A O   1 
ATOM   386  C  CB  . ARG A 1 49  ? -12.571 -7.777  -5.469  1.00 33.47  ? 49  ARG A CB  1 
ATOM   387  C  CG  . ARG A 1 49  ? -12.768 -7.337  -6.920  1.00 34.90  ? 49  ARG A CG  1 
ATOM   388  C  CD  . ARG A 1 49  ? -12.713 -8.477  -7.921  1.00 35.24  ? 49  ARG A CD  1 
ATOM   389  N  NE  . ARG A 1 49  ? -13.767 -9.469  -7.708  1.00 46.44  ? 49  ARG A NE  1 
ATOM   390  C  CZ  . ARG A 1 49  ? -15.044 -9.304  -8.043  1.00 49.57  ? 49  ARG A CZ  1 
ATOM   391  N  NH1 . ARG A 1 49  ? -15.453 -8.168  -8.604  1.00 46.81  ? 49  ARG A NH1 1 
ATOM   392  N  NH2 . ARG A 1 49  ? -15.919 -10.281 -7.810  1.00 45.72  ? 49  ARG A NH2 1 
ATOM   393  N  N   . ARG A 1 50  ? -15.321 -6.907  -4.284  1.00 32.17  ? 50  ARG A N   1 
ATOM   394  C  CA  . ARG A 1 50  ? -16.713 -6.537  -4.501  1.00 39.19  ? 50  ARG A CA  1 
ATOM   395  C  C   . ARG A 1 50  ? -17.085 -5.276  -3.721  1.00 37.56  ? 50  ARG A C   1 
ATOM   396  O  O   . ARG A 1 50  ? -17.850 -4.444  -4.200  1.00 39.63  ? 50  ARG A O   1 
ATOM   397  C  CB  . ARG A 1 50  ? -17.636 -7.715  -4.169  1.00 38.90  ? 50  ARG A CB  1 
ATOM   398  C  CG  . ARG A 1 50  ? -17.747 -8.732  -5.307  1.00 42.66  ? 50  ARG A CG  1 
ATOM   399  C  CD  . ARG A 1 50  ? -17.731 -10.171 -4.803  1.00 45.69  ? 50  ARG A CD  1 
ATOM   400  N  NE  . ARG A 1 50  ? -18.679 -10.392 -3.722  1.00 45.45  ? 50  ARG A NE  1 
ATOM   401  C  CZ  . ARG A 1 50  ? -18.561 -11.349 -2.810  1.00 42.43  ? 50  ARG A CZ  1 
ATOM   402  N  NH1 . ARG A 1 50  ? -17.529 -12.188 -2.843  1.00 42.05  ? 50  ARG A NH1 1 
ATOM   403  N  NH2 . ARG A 1 50  ? -19.477 -11.465 -1.860  1.00 47.33  ? 50  ARG A NH2 1 
ATOM   404  N  N   . ILE A 1 51  ? -16.527 -5.125  -2.526  1.00 33.97  ? 51  ILE A N   1 
ATOM   405  C  CA  . ILE A 1 51  ? -16.695 -3.897  -1.763  1.00 33.40  ? 51  ILE A CA  1 
ATOM   406  C  C   . ILE A 1 51  ? -16.190 -2.683  -2.544  1.00 37.16  ? 51  ILE A C   1 
ATOM   407  O  O   . ILE A 1 51  ? -16.884 -1.675  -2.667  1.00 39.56  ? 51  ILE A O   1 
ATOM   408  C  CB  . ILE A 1 51  ? -15.959 -3.968  -0.405  1.00 37.89  ? 51  ILE A CB  1 
ATOM   409  C  CG1 . ILE A 1 51  ? -16.683 -4.929  0.541   1.00 34.59  ? 51  ILE A CG1 1 
ATOM   410  C  CG2 . ILE A 1 51  ? -15.868 -2.583  0.221   1.00 34.88  ? 51  ILE A CG2 1 
ATOM   411  C  CD1 . ILE A 1 51  ? -15.963 -5.143  1.873   1.00 38.34  ? 51  ILE A CD1 1 
ATOM   412  N  N   . PHE A 1 52  ? -14.979 -2.785  -3.075  1.00 33.55  ? 52  PHE A N   1 
ATOM   413  C  CA  . PHE A 1 52  ? -14.393 -1.675  -3.810  1.00 36.99  ? 52  PHE A CA  1 
ATOM   414  C  C   . PHE A 1 52  ? -15.149 -1.397  -5.115  1.00 38.56  ? 52  PHE A C   1 
ATOM   415  O  O   . PHE A 1 52  ? -15.225 -0.256  -5.563  1.00 34.55  ? 52  PHE A O   1 
ATOM   416  C  CB  . PHE A 1 52  ? -12.899 -1.912  -4.060  1.00 34.85  ? 52  PHE A CB  1 
ATOM   417  C  CG  . PHE A 1 52  ? -12.012 -1.402  -2.949  1.00 35.91  ? 52  PHE A CG  1 
ATOM   418  C  CD1 . PHE A 1 52  ? -12.000 -2.025  -1.710  1.00 29.91  ? 52  PHE A CD1 1 
ATOM   419  C  CD2 . PHE A 1 52  ? -11.199 -0.298  -3.144  1.00 29.18  ? 52  PHE A CD2 1 
ATOM   420  C  CE1 . PHE A 1 52  ? -11.192 -1.555  -0.675  1.00 33.28  ? 52  PHE A CE1 1 
ATOM   421  C  CE2 . PHE A 1 52  ? -10.386 0.182   -2.118  1.00 35.49  ? 52  PHE A CE2 1 
ATOM   422  C  CZ  . PHE A 1 52  ? -10.383 -0.449  -0.877  1.00 33.05  ? 52  PHE A CZ  1 
ATOM   423  N  N   . ALA A 1 53  ? -15.708 -2.439  -5.722  1.00 37.66  ? 53  ALA A N   1 
ATOM   424  C  CA  . ALA A 1 53  ? -16.529 -2.245  -6.915  1.00 39.96  ? 53  ALA A CA  1 
ATOM   425  C  C   . ALA A 1 53  ? -17.790 -1.458  -6.565  1.00 40.59  ? 53  ALA A C   1 
ATOM   426  O  O   . ALA A 1 53  ? -18.258 -0.653  -7.360  1.00 40.62  ? 53  ALA A O   1 
ATOM   427  C  CB  . ALA A 1 53  ? -16.880 -3.579  -7.571  1.00 30.92  ? 53  ALA A CB  1 
ATOM   428  N  N   . LYS A 1 54  ? -18.332 -1.683  -5.370  1.00 38.86  ? 54  LYS A N   1 
ATOM   429  C  CA  . LYS A 1 54  ? -19.522 -0.953  -4.956  1.00 45.15  ? 54  LYS A CA  1 
ATOM   430  C  C   . LYS A 1 54  ? -19.205 0.510   -4.694  1.00 45.52  ? 54  LYS A C   1 
ATOM   431  O  O   . LYS A 1 54  ? -19.972 1.392   -5.078  1.00 44.10  ? 54  LYS A O   1 
ATOM   432  C  CB  . LYS A 1 54  ? -20.189 -1.596  -3.741  1.00 46.24  ? 54  LYS A CB  1 
ATOM   433  C  CG  . LYS A 1 54  ? -21.129 -2.747  -4.089  1.00 56.37  ? 54  LYS A CG  1 
ATOM   434  C  CD  . LYS A 1 54  ? -22.394 -2.264  -4.814  1.00 63.84  ? 54  LYS A CD  1 
ATOM   435  C  CE  . LYS A 1 54  ? -23.220 -3.448  -5.330  1.00 70.12  ? 54  LYS A CE  1 
ATOM   436  N  NZ  . LYS A 1 54  ? -24.531 -3.049  -5.916  1.00 66.04  ? 54  LYS A NZ  1 
ATOM   437  N  N   . VAL A 1 55  ? -18.075 0.767   -4.048  1.00 38.60  ? 55  VAL A N   1 
ATOM   438  C  CA  . VAL A 1 55  ? -17.628 2.140   -3.829  1.00 35.49  ? 55  VAL A CA  1 
ATOM   439  C  C   . VAL A 1 55  ? -17.479 2.858   -5.169  1.00 41.69  ? 55  VAL A C   1 
ATOM   440  O  O   . VAL A 1 55  ? -17.826 4.031   -5.300  1.00 43.25  ? 55  VAL A O   1 
ATOM   441  C  CB  . VAL A 1 55  ? -16.273 2.196   -3.082  1.00 39.89  ? 55  VAL A CB  1 
ATOM   442  C  CG1 . VAL A 1 55  ? -15.836 3.641   -2.883  1.00 33.90  ? 55  VAL A CG1 1 
ATOM   443  C  CG2 . VAL A 1 55  ? -16.364 1.466   -1.745  1.00 34.51  ? 55  VAL A CG2 1 
ATOM   444  N  N   . SER A 1 56  ? -16.954 2.138   -6.155  1.00 34.46  ? 56  SER A N   1 
ATOM   445  C  CA  . SER A 1 56  ? -16.747 2.664   -7.494  1.00 40.23  ? 56  SER A CA  1 
ATOM   446  C  C   . SER A 1 56  ? -18.090 3.023   -8.127  1.00 46.50  ? 56  SER A C   1 
ATOM   447  O  O   . SER A 1 56  ? -18.277 4.114   -8.659  1.00 43.47  ? 56  SER A O   1 
ATOM   448  C  CB  . SER A 1 56  ? -16.012 1.625   -8.345  1.00 39.06  ? 56  SER A CB  1 
ATOM   449  O  OG  . SER A 1 56  ? -16.058 1.954   -9.719  1.00 40.47  ? 56  SER A OG  1 
ATOM   450  N  N   . GLU A 1 57  ? -19.020 2.083   -8.052  1.00 49.72  ? 57  GLU A N   1 
ATOM   451  C  CA  . GLU A 1 57  ? -20.370 2.264   -8.563  1.00 53.72  ? 57  GLU A CA  1 
ATOM   452  C  C   . GLU A 1 57  ? -21.025 3.485   -7.922  1.00 51.17  ? 57  GLU A C   1 
ATOM   453  O  O   . GLU A 1 57  ? -21.591 4.328   -8.610  1.00 56.70  ? 57  GLU A O   1 
ATOM   454  C  CB  . GLU A 1 57  ? -21.191 1.002   -8.269  1.00 52.85  ? 57  GLU A CB  1 
ATOM   455  C  CG  . GLU A 1 57  ? -22.463 0.839   -9.085  1.00 69.16  ? 57  GLU A CG  1 
ATOM   456  C  CD  . GLU A 1 57  ? -23.151 -0.497  -8.833  1.00 73.57  ? 57  GLU A CD  1 
ATOM   457  O  OE1 . GLU A 1 57  ? -23.076 -1.004  -7.694  1.00 74.83  ? 57  GLU A OE1 1 
ATOM   458  O  OE2 . GLU A 1 57  ? -23.770 -1.041  -9.775  1.00 78.49  ? 57  GLU A OE2 1 
ATOM   459  N  N   . LYS A 1 58  ? -20.925 3.591   -6.604  1.00 52.18  ? 58  LYS A N   1 
ATOM   460  C  CA  . LYS A 1 58  ? -21.646 4.629   -5.869  1.00 53.26  ? 58  LYS A CA  1 
ATOM   461  C  C   . LYS A 1 58  ? -20.957 5.989   -5.841  1.00 52.97  ? 58  LYS A C   1 
ATOM   462  O  O   . LYS A 1 58  ? -21.508 6.943   -5.303  1.00 61.43  ? 58  LYS A O   1 
ATOM   463  C  CB  . LYS A 1 58  ? -21.936 4.161   -4.443  1.00 50.60  ? 58  LYS A CB  1 
ATOM   464  C  CG  . LYS A 1 58  ? -22.818 2.927   -4.400  1.00 51.91  ? 58  LYS A CG  1 
ATOM   465  C  CD  . LYS A 1 58  ? -22.922 2.351   -3.007  1.00 51.82  ? 58  LYS A CD  1 
ATOM   466  C  CE  . LYS A 1 58  ? -23.672 1.021   -3.038  1.00 63.63  ? 58  LYS A CE  1 
ATOM   467  N  NZ  . LYS A 1 58  ? -25.071 1.153   -3.554  1.00 65.66  ? 58  LYS A NZ  1 
ATOM   468  N  N   . THR A 1 59  ? -19.758 6.078   -6.408  1.00 49.61  ? 59  THR A N   1 
ATOM   469  C  CA  . THR A 1 59  ? -19.034 7.349   -6.437  1.00 49.01  ? 59  THR A CA  1 
ATOM   470  C  C   . THR A 1 59  ? -18.741 7.790   -7.874  1.00 53.22  ? 59  THR A C   1 
ATOM   471  O  O   . THR A 1 59  ? -18.252 8.895   -8.107  1.00 49.30  ? 59  THR A O   1 
ATOM   472  C  CB  . THR A 1 59  ? -17.705 7.288   -5.639  1.00 45.21  ? 59  THR A CB  1 
ATOM   473  O  OG1 . THR A 1 59  ? -16.820 6.334   -6.238  1.00 46.30  ? 59  THR A OG1 1 
ATOM   474  C  CG2 . THR A 1 59  ? -17.953 6.902   -4.190  1.00 46.01  ? 59  THR A CG2 1 
ATOM   475  N  N   . GLY A 1 60  ? -19.048 6.922   -8.833  1.00 43.70  ? 60  GLY A N   1 
ATOM   476  C  CA  . GLY A 1 60  ? -18.737 7.187   -10.221 1.00 46.46  ? 60  GLY A CA  1 
ATOM   477  C  C   . GLY A 1 60  ? -17.245 7.248   -10.487 1.00 52.91  ? 60  GLY A C   1 
ATOM   478  O  O   . GLY A 1 60  ? -16.816 7.677   -11.562 1.00 47.79  ? 60  GLY A O   1 
ATOM   479  N  N   . LYS A 1 61  ? -16.444 6.823   -9.513  1.00 48.66  ? 61  LYS A N   1 
ATOM   480  C  CA  . LYS A 1 61  ? -14.997 6.789   -9.700  1.00 43.78  ? 61  LYS A CA  1 
ATOM   481  C  C   . LYS A 1 61  ? -14.515 5.440   -10.231 1.00 42.28  ? 61  LYS A C   1 
ATOM   482  O  O   . LYS A 1 61  ? -15.010 4.391   -9.833  1.00 41.16  ? 61  LYS A O   1 
ATOM   483  C  CB  . LYS A 1 61  ? -14.270 7.135   -8.404  1.00 50.46  ? 61  LYS A CB  1 
ATOM   484  C  CG  . LYS A 1 61  ? -14.403 8.588   -7.991  1.00 55.35  ? 61  LYS A CG  1 
ATOM   485  C  CD  . LYS A 1 61  ? -13.522 8.889   -6.790  1.00 51.89  ? 61  LYS A CD  1 
ATOM   486  C  CE  . LYS A 1 61  ? -13.513 10.376  -6.459  1.00 65.51  ? 61  LYS A CE  1 
ATOM   487  N  NZ  . LYS A 1 61  ? -12.875 11.185  -7.540  1.00 65.48  ? 61  LYS A NZ  1 
ATOM   488  N  N   . ASN A 1 62  ? -13.559 5.478   -11.151 1.00 40.27  ? 62  ASN A N   1 
ATOM   489  C  CA  . ASN A 1 62  ? -12.885 4.267   -11.580 1.00 43.57  ? 62  ASN A CA  1 
ATOM   490  C  C   . ASN A 1 62  ? -12.250 3.586   -10.358 1.00 42.94  ? 62  ASN A C   1 
ATOM   491  O  O   . ASN A 1 62  ? -11.714 4.260   -9.470  1.00 34.58  ? 62  ASN A O   1 
ATOM   492  C  CB  . ASN A 1 62  ? -11.825 4.607   -12.624 1.00 46.92  ? 62  ASN A CB  1 
ATOM   493  C  CG  . ASN A 1 62  ? -11.251 3.377   -13.300 1.00 63.07  ? 62  ASN A CG  1 
ATOM   494  O  OD1 . ASN A 1 62  ? -10.547 2.573   -12.678 1.00 60.88  ? 62  ASN A OD1 1 
ATOM   495  N  ND2 . ASN A 1 62  ? -11.541 3.229   -14.590 1.00 68.29  ? 62  ASN A ND2 1 
ATOM   496  N  N   . VAL A 1 63  ? -12.325 2.257   -10.301 1.00 42.69  ? 63  VAL A N   1 
ATOM   497  C  CA  . VAL A 1 63  ? -11.803 1.526   -9.144  1.00 42.44  ? 63  VAL A CA  1 
ATOM   498  C  C   . VAL A 1 63  ? -10.303 1.768   -8.961  1.00 37.40  ? 63  VAL A C   1 
ATOM   499  O  O   . VAL A 1 63  ? -9.828  1.893   -7.833  1.00 43.20  ? 63  VAL A O   1 
ATOM   500  C  CB  . VAL A 1 63  ? -12.127 0.006   -9.199  1.00 39.33  ? 63  VAL A CB  1 
ATOM   501  C  CG1 . VAL A 1 63  ? -11.314 -0.683  -10.269 1.00 44.52  ? 63  VAL A CG1 1 
ATOM   502  C  CG2 . VAL A 1 63  ? -11.876 -0.647  -7.839  1.00 40.67  ? 63  VAL A CG2 1 
ATOM   503  N  N   . ASN A 1 64  ? -9.569  1.863   -10.069 1.00 34.92  ? 64  ASN A N   1 
ATOM   504  C  CA  . ASN A 1 64  ? -8.131  2.128   -10.032 1.00 38.32  ? 64  ASN A CA  1 
ATOM   505  C  C   . ASN A 1 64  ? -7.790  3.482   -9.441  1.00 38.48  ? 64  ASN A C   1 
ATOM   506  O  O   . ASN A 1 64  ? -6.736  3.662   -8.839  1.00 38.56  ? 64  ASN A O   1 
ATOM   507  C  CB  . ASN A 1 64  ? -7.514  2.010   -11.425 1.00 37.76  ? 64  ASN A CB  1 
ATOM   508  C  CG  . ASN A 1 64  ? -7.323  0.579   -11.847 1.00 47.23  ? 64  ASN A CG  1 
ATOM   509  O  OD1 . ASN A 1 64  ? -7.499  -0.346  -11.049 1.00 55.08  ? 64  ASN A OD1 1 
ATOM   510  N  ND2 . ASN A 1 64  ? -6.962  0.380   -13.108 1.00 50.36  ? 64  ASN A ND2 1 
ATOM   511  N  N   . GLU A 1 65  ? -8.697  4.432   -9.616  1.00 39.54  ? 65  GLU A N   1 
ATOM   512  C  CA  . GLU A 1 65  ? -8.518  5.771   -9.086  1.00 38.08  ? 65  GLU A CA  1 
ATOM   513  C  C   . GLU A 1 65  ? -8.849  5.746   -7.601  1.00 35.23  ? 65  GLU A C   1 
ATOM   514  O  O   . GLU A 1 65  ? -8.252  6.458   -6.797  1.00 32.93  ? 65  GLU A O   1 
ATOM   515  C  CB  . GLU A 1 65  ? -9.427  6.743   -9.855  1.00 42.56  ? 65  GLU A CB  1 
ATOM   516  C  CG  . GLU A 1 65  ? -9.681  8.085   -9.194  1.00 47.58  ? 65  GLU A CG  1 
ATOM   517  C  CD  . GLU A 1 65  ? -10.705 8.926   -9.969  1.00 62.70  ? 65  GLU A CD  1 
ATOM   518  O  OE1 . GLU A 1 65  ? -11.281 9.862   -9.370  1.00 65.48  ? 65  GLU A OE1 1 
ATOM   519  O  OE2 . GLU A 1 65  ? -10.941 8.645   -11.170 1.00 56.70  ? 65  GLU A OE2 1 
ATOM   520  N  N   . ILE A 1 66  ? -9.814  4.916   -7.236  1.00 37.05  ? 66  ILE A N   1 
ATOM   521  C  CA  . ILE A 1 66  ? -10.141 4.730   -5.836  1.00 37.55  ? 66  ILE A CA  1 
ATOM   522  C  C   . ILE A 1 66  ? -8.947  4.130   -5.103  1.00 31.69  ? 66  ILE A C   1 
ATOM   523  O  O   . ILE A 1 66  ? -8.558  4.598   -4.029  1.00 36.72  ? 66  ILE A O   1 
ATOM   524  C  CB  . ILE A 1 66  ? -11.365 3.830   -5.667  1.00 38.61  ? 66  ILE A CB  1 
ATOM   525  C  CG1 . ILE A 1 66  ? -12.613 4.562   -6.165  1.00 40.73  ? 66  ILE A CG1 1 
ATOM   526  C  CG2 . ILE A 1 66  ? -11.523 3.420   -4.214  1.00 36.24  ? 66  ILE A CG2 1 
ATOM   527  C  CD1 . ILE A 1 66  ? -13.850 3.716   -6.191  1.00 43.47  ? 66  ILE A CD1 1 
ATOM   528  N  N   . TRP A 1 67  ? -8.355  3.104   -5.698  1.00 32.33  ? 67  TRP A N   1 
ATOM   529  C  CA  . TRP A 1 67  ? -7.210  2.438   -5.093  1.00 34.05  ? 67  TRP A CA  1 
ATOM   530  C  C   . TRP A 1 67  ? -6.038  3.403   -4.938  1.00 34.22  ? 67  TRP A C   1 
ATOM   531  O  O   . TRP A 1 67  ? -5.311  3.360   -3.938  1.00 32.00  ? 67  TRP A O   1 
ATOM   532  C  CB  . TRP A 1 67  ? -6.797  1.216   -5.918  1.00 27.52  ? 67  TRP A CB  1 
ATOM   533  C  CG  . TRP A 1 67  ? -7.517  -0.041  -5.508  1.00 29.70  ? 67  TRP A CG  1 
ATOM   534  C  CD1 . TRP A 1 67  ? -8.310  -0.830  -6.288  1.00 28.62  ? 67  TRP A CD1 1 
ATOM   535  C  CD2 . TRP A 1 67  ? -7.498  -0.653  -4.207  1.00 32.00  ? 67  TRP A CD2 1 
ATOM   536  N  NE1 . TRP A 1 67  ? -8.796  -1.892  -5.553  1.00 38.19  ? 67  TRP A NE1 1 
ATOM   537  C  CE2 . TRP A 1 67  ? -8.307  -1.809  -4.274  1.00 31.64  ? 67  TRP A CE2 1 
ATOM   538  C  CE3 . TRP A 1 67  ? -6.875  -0.335  -2.994  1.00 25.97  ? 67  TRP A CE3 1 
ATOM   539  C  CZ2 . TRP A 1 67  ? -8.510  -2.650  -3.172  1.00 32.19  ? 67  TRP A CZ2 1 
ATOM   540  C  CZ3 . TRP A 1 67  ? -7.077  -1.174  -1.901  1.00 29.73  ? 67  TRP A CZ3 1 
ATOM   541  C  CH2 . TRP A 1 67  ? -7.890  -2.315  -2.001  1.00 27.00  ? 67  TRP A CH2 1 
ATOM   542  N  N   . ARG A 1 68  ? -5.859  4.274   -5.929  1.00 30.32  ? 68  ARG A N   1 
ATOM   543  C  CA  . ARG A 1 68  ? -4.792  5.260   -5.878  1.00 28.47  ? 68  ARG A CA  1 
ATOM   544  C  C   . ARG A 1 68  ? -5.012  6.199   -4.696  1.00 34.73  ? 68  ARG A C   1 
ATOM   545  O  O   . ARG A 1 68  ? -4.088  6.468   -3.917  1.00 33.08  ? 68  ARG A O   1 
ATOM   546  C  CB  . ARG A 1 68  ? -4.714  6.043   -7.189  1.00 33.96  ? 68  ARG A CB  1 
ATOM   547  C  CG  . ARG A 1 68  ? -3.564  7.025   -7.244  1.00 35.86  ? 68  ARG A CG  1 
ATOM   548  C  CD  . ARG A 1 68  ? -2.252  6.287   -7.073  1.00 35.48  ? 68  ARG A CD  1 
ATOM   549  N  NE  . ARG A 1 68  ? -1.098  7.119   -7.389  1.00 39.21  ? 68  ARG A NE  1 
ATOM   550  C  CZ  . ARG A 1 68  ? -0.640  7.312   -8.620  1.00 44.15  ? 68  ARG A CZ  1 
ATOM   551  N  NH1 . ARG A 1 68  ? -1.248  6.739   -9.654  1.00 45.89  ? 68  ARG A NH1 1 
ATOM   552  N  NH2 . ARG A 1 68  ? 0.425   8.077   -8.824  1.00 45.21  ? 68  ARG A NH2 1 
ATOM   553  N  N   . GLU A 1 69  ? -6.245  6.675   -4.543  1.00 34.15  ? 69  GLU A N   1 
ATOM   554  C  CA  . GLU A 1 69  ? -6.578  7.574   -3.439  1.00 29.90  ? 69  GLU A CA  1 
ATOM   555  C  C   . GLU A 1 69  ? -6.514  6.865   -2.079  1.00 36.00  ? 69  GLU A C   1 
ATOM   556  O  O   . GLU A 1 69  ? -6.043  7.434   -1.092  1.00 32.46  ? 69  GLU A O   1 
ATOM   557  C  CB  . GLU A 1 69  ? -7.951  8.219   -3.663  1.00 33.47  ? 69  GLU A CB  1 
ATOM   558  C  CG  . GLU A 1 69  ? -8.033  9.032   -4.957  1.00 37.98  ? 69  GLU A CG  1 
ATOM   559  C  CD  . GLU A 1 69  ? -9.423  9.589   -5.245  1.00 46.79  ? 69  GLU A CD  1 
ATOM   560  O  OE1 . GLU A 1 69  ? -9.607  10.161  -6.340  1.00 59.37  ? 69  GLU A OE1 1 
ATOM   561  O  OE2 . GLU A 1 69  ? -10.329 9.461   -4.394  1.00 41.00  ? 69  GLU A OE2 1 
ATOM   562  N  N   . VAL A 1 70  ? -6.989  5.624   -2.029  1.00 34.09  ? 70  VAL A N   1 
ATOM   563  C  CA  . VAL A 1 70  ? -6.914  4.823   -0.805  1.00 29.27  ? 70  VAL A CA  1 
ATOM   564  C  C   . VAL A 1 70  ? -5.445  4.625   -0.397  1.00 30.36  ? 70  VAL A C   1 
ATOM   565  O  O   . VAL A 1 70  ? -5.089  4.751   0.775   1.00 32.77  ? 70  VAL A O   1 
ATOM   566  C  CB  . VAL A 1 70  ? -7.643  3.476   -0.982  1.00 32.17  ? 70  VAL A CB  1 
ATOM   567  C  CG1 . VAL A 1 70  ? -7.325  2.504   0.150   1.00 26.05  ? 70  VAL A CG1 1 
ATOM   568  C  CG2 . VAL A 1 70  ? -9.160  3.703   -1.106  1.00 33.18  ? 70  VAL A CG2 1 
ATOM   569  N  N   . GLY A 1 71  ? -4.587  4.338   -1.369  1.00 31.65  ? 71  GLY A N   1 
ATOM   570  C  CA  . GLY A 1 71  ? -3.168  4.203   -1.093  1.00 30.97  ? 71  GLY A CA  1 
ATOM   571  C  C   . GLY A 1 71  ? -2.593  5.419   -0.382  1.00 36.28  ? 71  GLY A C   1 
ATOM   572  O  O   . GLY A 1 71  ? -1.925  5.296   0.647   1.00 32.25  ? 71  GLY A O   1 
ATOM   573  N  N   . ARG A 1 72  ? -2.853  6.601   -0.936  1.00 34.03  ? 72  ARG A N   1 
ATOM   574  C  CA  . ARG A 1 72  ? -2.319  7.849   -0.389  1.00 35.81  ? 72  ARG A CA  1 
ATOM   575  C  C   . ARG A 1 72  ? -2.773  8.091   1.045   1.00 32.99  ? 72  ARG A C   1 
ATOM   576  O  O   . ARG A 1 72  ? -1.967  8.383   1.931   1.00 31.46  ? 72  ARG A O   1 
ATOM   577  C  CB  . ARG A 1 72  ? -2.736  9.036   -1.268  1.00 35.00  ? 72  ARG A CB  1 
ATOM   578  C  CG  . ARG A 1 72  ? -2.089  9.034   -2.637  1.00 34.85  ? 72  ARG A CG  1 
ATOM   579  C  CD  . ARG A 1 72  ? -2.682  10.113  -3.530  1.00 39.66  ? 72  ARG A CD  1 
ATOM   580  N  NE  . ARG A 1 72  ? -1.964  10.217  -4.793  1.00 40.99  ? 72  ARG A NE  1 
ATOM   581  C  CZ  . ARG A 1 72  ? -2.509  10.648  -5.929  1.00 53.53  ? 72  ARG A CZ  1 
ATOM   582  N  NH1 . ARG A 1 72  ? -3.791  11.004  -5.963  1.00 51.34  ? 72  ARG A NH1 1 
ATOM   583  N  NH2 . ARG A 1 72  ? -1.776  10.716  -7.036  1.00 48.06  ? 72  ARG A NH2 1 
ATOM   584  N  N   . GLN A 1 73  ? -4.074  7.969   1.266   1.00 32.94  ? 73  GLN A N   1 
ATOM   585  C  CA  . GLN A 1 73  ? -4.661  8.225   2.572   1.00 30.79  ? 73  GLN A CA  1 
ATOM   586  C  C   . GLN A 1 73  ? -4.391  7.091   3.568   1.00 36.27  ? 73  GLN A C   1 
ATOM   587  O  O   . GLN A 1 73  ? -4.279  7.336   4.766   1.00 37.50  ? 73  GLN A O   1 
ATOM   588  C  CB  . GLN A 1 73  ? -6.172  8.454   2.429   1.00 31.29  ? 73  GLN A CB  1 
ATOM   589  C  CG  . GLN A 1 73  ? -6.883  8.690   3.752   1.00 45.63  ? 73  GLN A CG  1 
ATOM   590  C  CD  . GLN A 1 73  ? -6.512  10.024  4.373   1.00 49.12  ? 73  GLN A CD  1 
ATOM   591  O  OE1 . GLN A 1 73  ? -6.130  10.965  3.670   1.00 51.58  ? 73  GLN A OE1 1 
ATOM   592  N  NE2 . GLN A 1 73  ? -6.623  10.113  5.694   1.00 47.28  ? 73  GLN A NE2 1 
ATOM   593  N  N   . ASN A 1 74  ? -4.285  5.855   3.078   1.00 34.36  ? 74  ASN A N   1 
ATOM   594  C  CA  . ASN A 1 74  ? -4.076  4.723   3.978   1.00 33.80  ? 74  ASN A CA  1 
ATOM   595  C  C   . ASN A 1 74  ? -2.721  4.755   4.669   1.00 37.50  ? 74  ASN A C   1 
ATOM   596  O  O   . ASN A 1 74  ? -2.558  4.176   5.747   1.00 36.55  ? 74  ASN A O   1 
ATOM   597  C  CB  . ASN A 1 74  ? -4.257  3.381   3.270   1.00 29.77  ? 74  ASN A CB  1 
ATOM   598  C  CG  . ASN A 1 74  ? -4.637  2.264   4.234   1.00 30.59  ? 74  ASN A CG  1 
ATOM   599  O  OD1 . ASN A 1 74  ? -5.589  2.397   5.004   1.00 29.33  ? 74  ASN A OD1 1 
ATOM   600  N  ND2 . ASN A 1 74  ? -3.899  1.154   4.188   1.00 28.84  ? 74  ASN A ND2 1 
ATOM   601  N  N   . PHE A 1 75  ? -1.737  5.416   4.071   1.00 32.03  ? 75  PHE A N   1 
ATOM   602  C  CA  . PHE A 1 75  ? -0.452  5.446   4.745   1.00 37.55  ? 75  PHE A CA  1 
ATOM   603  C  C   . PHE A 1 75  ? -0.621  6.092   6.115   1.00 38.15  ? 75  PHE A C   1 
ATOM   604  O  O   . PHE A 1 75  ? -0.023  5.665   7.102   1.00 34.09  ? 75  PHE A O   1 
ATOM   605  C  CB  . PHE A 1 75  ? 0.633   6.157   3.942   1.00 29.09  ? 75  PHE A CB  1 
ATOM   606  C  CG  . PHE A 1 75  ? 2.015   5.853   4.437   1.00 34.65  ? 75  PHE A CG  1 
ATOM   607  C  CD1 . PHE A 1 75  ? 2.792   4.893   3.815   1.00 32.48  ? 75  PHE A CD1 1 
ATOM   608  C  CD2 . PHE A 1 75  ? 2.520   6.496   5.556   1.00 35.66  ? 75  PHE A CD2 1 
ATOM   609  C  CE1 . PHE A 1 75  ? 4.056   4.599   4.282   1.00 33.41  ? 75  PHE A CE1 1 
ATOM   610  C  CE2 . PHE A 1 75  ? 3.786   6.206   6.031   1.00 31.85  ? 75  PHE A CE2 1 
ATOM   611  C  CZ  . PHE A 1 75  ? 4.556   5.263   5.393   1.00 33.01  ? 75  PHE A CZ  1 
ATOM   612  N  N   . LYS A 1 76  ? -1.469  7.108   6.167   1.00 40.05  ? 76  LYS A N   1 
ATOM   613  C  CA  . LYS A 1 76  ? -1.777  7.761   7.427   1.00 42.46  ? 76  LYS A CA  1 
ATOM   614  C  C   . LYS A 1 76  ? -2.538  6.815   8.370   1.00 40.89  ? 76  LYS A C   1 
ATOM   615  O  O   . LYS A 1 76  ? -2.142  6.613   9.517   1.00 36.20  ? 76  LYS A O   1 
ATOM   616  C  CB  . LYS A 1 76  ? -2.580  9.038   7.167   1.00 41.58  ? 76  LYS A CB  1 
ATOM   617  C  CG  . LYS A 1 76  ? -3.011  9.759   8.422   1.00 45.92  ? 76  LYS A CG  1 
ATOM   618  C  CD  . LYS A 1 76  ? -3.329  11.216  8.129   1.00 60.89  ? 76  LYS A CD  1 
ATOM   619  C  CE  . LYS A 1 76  ? -4.042  11.865  9.306   1.00 70.81  ? 76  LYS A CE  1 
ATOM   620  N  NZ  . LYS A 1 76  ? -5.321  11.160  9.618   1.00 68.13  ? 76  LYS A NZ  1 
ATOM   621  N  N   . THR A 1 77  ? -3.633  6.241   7.878   1.00 41.41  ? 77  THR A N   1 
ATOM   622  C  CA  . THR A 1 77  ? -4.443  5.335   8.680   1.00 39.15  ? 77  THR A CA  1 
ATOM   623  C  C   . THR A 1 77  ? -3.609  4.198   9.274   1.00 36.84  ? 77  THR A C   1 
ATOM   624  O  O   . THR A 1 77  ? -3.693  3.917   10.467  1.00 33.73  ? 77  THR A O   1 
ATOM   625  C  CB  . THR A 1 77  ? -5.584  4.728   7.855   1.00 36.63  ? 77  THR A CB  1 
ATOM   626  O  OG1 . THR A 1 77  ? -6.423  5.775   7.351   1.00 41.60  ? 77  THR A OG1 1 
ATOM   627  C  CG2 . THR A 1 77  ? -6.410  3.775   8.707   1.00 36.63  ? 77  THR A CG2 1 
ATOM   628  N  N   . PHE A 1 78  ? -2.809  3.554   8.429   1.00 36.51  ? 78  PHE A N   1 
ATOM   629  C  CA  . PHE A 1 78  ? -2.009  2.405   8.833   1.00 35.75  ? 78  PHE A CA  1 
ATOM   630  C  C   . PHE A 1 78  ? -0.909  2.788   9.821   1.00 36.52  ? 78  PHE A C   1 
ATOM   631  O  O   . PHE A 1 78  ? -0.697  2.097   10.812  1.00 34.52  ? 78  PHE A O   1 
ATOM   632  C  CB  . PHE A 1 78  ? -1.391  1.726   7.606   1.00 33.83  ? 78  PHE A CB  1 
ATOM   633  C  CG  . PHE A 1 78  ? -0.941  0.309   7.854   1.00 35.81  ? 78  PHE A CG  1 
ATOM   634  C  CD1 . PHE A 1 78  ? -1.790  -0.757  7.605   1.00 39.87  ? 78  PHE A CD1 1 
ATOM   635  C  CD2 . PHE A 1 78  ? 0.334   0.039   8.334   1.00 41.97  ? 78  PHE A CD2 1 
ATOM   636  C  CE1 . PHE A 1 78  ? -1.380  -2.066  7.830   1.00 39.05  ? 78  PHE A CE1 1 
ATOM   637  C  CE2 . PHE A 1 78  ? 0.750   -1.268  8.557   1.00 35.08  ? 78  PHE A CE2 1 
ATOM   638  C  CZ  . PHE A 1 78  ? -0.109  -2.317  8.308   1.00 33.20  ? 78  PHE A CZ  1 
ATOM   639  N  N   . SER A 1 79  ? -0.198  3.880   9.546   1.00 35.81  ? 79  SER A N   1 
ATOM   640  C  CA  . SER A 1 79  ? 0.914   4.285   10.405  1.00 35.69  ? 79  SER A CA  1 
ATOM   641  C  C   . SER A 1 79  ? 0.448   4.673   11.804  1.00 35.51  ? 79  SER A C   1 
ATOM   642  O  O   . SER A 1 79  ? 1.181   4.509   12.773  1.00 38.52  ? 79  SER A O   1 
ATOM   643  C  CB  . SER A 1 79  ? 1.703   5.432   9.775   1.00 31.97  ? 79  SER A CB  1 
ATOM   644  O  OG  . SER A 1 79  ? 0.885   6.572   9.597   1.00 42.04  ? 79  SER A OG  1 
ATOM   645  N  N   . GLU A 1 80  ? -0.774  5.188   11.905  1.00 39.53  ? 80  GLU A N   1 
ATOM   646  C  CA  . GLU A 1 80  ? -1.364  5.548   13.192  1.00 40.80  ? 80  GLU A CA  1 
ATOM   647  C  C   . GLU A 1 80  ? -1.735  4.314   13.996  1.00 41.27  ? 80  GLU A C   1 
ATOM   648  O  O   . GLU A 1 80  ? -1.580  4.293   15.217  1.00 38.35  ? 80  GLU A O   1 
ATOM   649  C  CB  . GLU A 1 80  ? -2.612  6.413   12.996  1.00 44.82  ? 80  GLU A CB  1 
ATOM   650  C  CG  . GLU A 1 80  ? -2.329  7.799   12.448  1.00 48.06  ? 80  GLU A CG  1 
ATOM   651  C  CD  . GLU A 1 80  ? -3.587  8.646   12.312  1.00 66.99  ? 80  GLU A CD  1 
ATOM   652  O  OE1 . GLU A 1 80  ? -4.700  8.119   12.547  1.00 68.40  ? 80  GLU A OE1 1 
ATOM   653  O  OE2 . GLU A 1 80  ? -3.458  9.843   11.966  1.00 67.42  ? 80  GLU A OE2 1 
ATOM   654  N  N   . TRP A 1 81  ? -2.231  3.286   13.315  1.00 36.54  ? 81  TRP A N   1 
ATOM   655  C  CA  . TRP A 1 81  ? -2.673  2.081   14.008  1.00 37.42  ? 81  TRP A CA  1 
ATOM   656  C  C   . TRP A 1 81  ? -1.555  1.105   14.298  1.00 39.80  ? 81  TRP A C   1 
ATOM   657  O  O   . TRP A 1 81  ? -1.648  0.331   15.251  1.00 43.62  ? 81  TRP A O   1 
ATOM   658  C  CB  . TRP A 1 81  ? -3.731  1.353   13.206  1.00 39.65  ? 81  TRP A CB  1 
ATOM   659  C  CG  . TRP A 1 81  ? -4.980  2.086   13.083  1.00 46.86  ? 81  TRP A CG  1 
ATOM   660  C  CD1 . TRP A 1 81  ? -5.215  3.381   13.441  1.00 46.01  ? 81  TRP A CD1 1 
ATOM   661  C  CD2 . TRP A 1 81  ? -6.190  1.592   12.510  1.00 47.19  ? 81  TRP A CD2 1 
ATOM   662  N  NE1 . TRP A 1 81  ? -6.517  3.718   13.137  1.00 60.50  ? 81  TRP A NE1 1 
ATOM   663  C  CE2 . TRP A 1 81  ? -7.135  2.634   12.564  1.00 49.82  ? 81  TRP A CE2 1 
ATOM   664  C  CE3 . TRP A 1 81  ? -6.570  0.359   11.964  1.00 52.41  ? 81  TRP A CE3 1 
ATOM   665  C  CZ2 . TRP A 1 81  ? -8.440  2.481   12.094  1.00 60.71  ? 81  TRP A CZ2 1 
ATOM   666  C  CZ3 . TRP A 1 81  ? -7.867  0.210   11.493  1.00 51.70  ? 81  TRP A CZ3 1 
ATOM   667  C  CH2 . TRP A 1 81  ? -8.784  1.267   11.559  1.00 52.84  ? 81  TRP A CH2 1 
ATOM   668  N  N   . PHE A 1 82  ? -0.508  1.124   13.475  1.00 37.22  ? 82  PHE A N   1 
ATOM   669  C  CA  . PHE A 1 82  ? 0.622   0.217   13.675  1.00 34.29  ? 82  PHE A CA  1 
ATOM   670  C  C   . PHE A 1 82  ? 1.950   0.955   13.669  1.00 40.43  ? 82  PHE A C   1 
ATOM   671  O  O   . PHE A 1 82  ? 2.820   0.693   12.835  1.00 40.22  ? 82  PHE A O   1 
ATOM   672  C  CB  . PHE A 1 82  ? 0.585   -0.907  12.651  1.00 35.83  ? 82  PHE A CB  1 
ATOM   673  C  CG  . PHE A 1 82  ? -0.766  -1.558  12.540  1.00 40.35  ? 82  PHE A CG  1 
ATOM   674  C  CD1 . PHE A 1 82  ? -1.663  -1.166  11.554  1.00 41.53  ? 82  PHE A CD1 1 
ATOM   675  C  CD2 . PHE A 1 82  ? -1.151  -2.539  13.436  1.00 40.19  ? 82  PHE A CD2 1 
ATOM   676  C  CE1 . PHE A 1 82  ? -2.916  -1.752  11.457  1.00 44.25  ? 82  PHE A CE1 1 
ATOM   677  C  CE2 . PHE A 1 82  ? -2.402  -3.132  13.345  1.00 44.77  ? 82  PHE A CE2 1 
ATOM   678  C  CZ  . PHE A 1 82  ? -3.286  -2.738  12.354  1.00 47.59  ? 82  PHE A CZ  1 
ATOM   679  N  N   . PRO A 1 83  ? 2.105   1.844   14.627  1.00 45.42  ? 83  PRO A N   1 
ATOM   680  C  CA  . PRO A 1 83  ? 3.214   2.780   14.715  1.00 40.96  ? 83  PRO A CA  1 
ATOM   681  C  C   . PRO A 1 83  ? 4.585   2.176   14.887  1.00 47.23  ? 83  PRO A C   1 
ATOM   682  O  O   . PRO A 1 83  ? 5.555   2.797   14.545  1.00 43.82  ? 83  PRO A O   1 
ATOM   683  C  CB  . PRO A 1 83  ? 2.865   3.586   15.939  1.00 42.98  ? 83  PRO A CB  1 
ATOM   684  C  CG  . PRO A 1 83  ? 1.936   2.774   16.664  1.00 42.93  ? 83  PRO A CG  1 
ATOM   685  C  CD  . PRO A 1 83  ? 1.155   2.037   15.717  1.00 41.00  ? 83  PRO A CD  1 
ATOM   686  N  N   . SER A 1 84  ? 4.666   0.984   15.421  1.00 45.02  ? 84  SER A N   1 
ATOM   687  C  CA  . SER A 1 84  ? 5.964   0.368   15.677  1.00 46.25  ? 84  SER A CA  1 
ATOM   688  C  C   . SER A 1 84  ? 6.850   0.356   14.435  1.00 49.32  ? 84  SER A C   1 
ATOM   689  O  O   . SER A 1 84  ? 8.075   0.391   14.539  1.00 48.87  ? 84  SER A O   1 
ATOM   690  C  CB  . SER A 1 84  ? 5.803   -1.049  16.251  1.00 42.95  ? 84  SER A CB  1 
ATOM   691  O  OG  . SER A 1 84  ? 4.739   -1.744  15.623  1.00 50.98  ? 84  SER A OG  1 
ATOM   692  N  N   . TYR A 1 85  ? 6.225   0.322   13.261  1.00 49.87  ? 85  TYR A N   1 
ATOM   693  C  CA  . TYR A 1 85  ? 6.958   0.167   12.009  1.00 47.01  ? 85  TYR A CA  1 
ATOM   694  C  C   . TYR A 1 85  ? 7.328   1.489   11.375  1.00 49.49  ? 85  TYR A C   1 
ATOM   695  O  O   . TYR A 1 85  ? 8.074   1.521   10.397  1.00 48.84  ? 85  TYR A O   1 
ATOM   696  C  CB  . TYR A 1 85  ? 6.130   -0.635  11.011  1.00 44.53  ? 85  TYR A CB  1 
ATOM   697  C  CG  . TYR A 1 85  ? 5.951   -2.071  11.412  1.00 44.47  ? 85  TYR A CG  1 
ATOM   698  C  CD1 . TYR A 1 85  ? 4.823   -2.485  12.112  1.00 40.09  ? 85  TYR A CD1 1 
ATOM   699  C  CD2 . TYR A 1 85  ? 6.915   -3.014  11.096  1.00 42.52  ? 85  TYR A CD2 1 
ATOM   700  C  CE1 . TYR A 1 85  ? 4.665   -3.806  12.482  1.00 37.46  ? 85  TYR A CE1 1 
ATOM   701  C  CE2 . TYR A 1 85  ? 6.769   -4.334  11.460  1.00 40.99  ? 85  TYR A CE2 1 
ATOM   702  C  CZ  . TYR A 1 85  ? 5.647   -4.726  12.148  1.00 46.27  ? 85  TYR A CZ  1 
ATOM   703  O  OH  . TYR A 1 85  ? 5.522   -6.047  12.496  1.00 53.53  ? 85  TYR A OH  1 
ATOM   704  N  N   . PHE A 1 86  ? 6.811   2.577   11.933  1.00 50.35  ? 86  PHE A N   1 
ATOM   705  C  CA  . PHE A 1 86  ? 6.923   3.878   11.289  1.00 48.71  ? 86  PHE A CA  1 
ATOM   706  C  C   . PHE A 1 86  ? 7.604   4.921   12.162  1.00 48.28  ? 86  PHE A C   1 
ATOM   707  O  O   . PHE A 1 86  ? 7.240   6.094   12.121  1.00 58.62  ? 86  PHE A O   1 
ATOM   708  C  CB  . PHE A 1 86  ? 5.532   4.372   10.879  1.00 49.00  ? 86  PHE A CB  1 
ATOM   709  C  CG  . PHE A 1 86  ? 4.782   3.414   9.991   1.00 45.46  ? 86  PHE A CG  1 
ATOM   710  C  CD1 . PHE A 1 86  ? 4.769   3.589   8.612   1.00 47.91  ? 86  PHE A CD1 1 
ATOM   711  C  CD2 . PHE A 1 86  ? 4.089   2.342   10.532  1.00 42.46  ? 86  PHE A CD2 1 
ATOM   712  C  CE1 . PHE A 1 86  ? 4.077   2.710   7.791   1.00 41.23  ? 86  PHE A CE1 1 
ATOM   713  C  CE2 . PHE A 1 86  ? 3.395   1.454   9.714   1.00 37.59  ? 86  PHE A CE2 1 
ATOM   714  C  CZ  . PHE A 1 86  ? 3.390   1.640   8.343   1.00 46.90  ? 86  PHE A CZ  1 
ATOM   715  N  N   . ALA A 1 87  ? 8.598   4.499   12.939  1.00 59.81  ? 87  ALA A N   1 
ATOM   716  C  CA  . ALA A 1 87  ? 9.271   5.399   13.879  1.00 56.09  ? 87  ALA A CA  1 
ATOM   717  C  C   . ALA A 1 87  ? 10.689  5.796   13.449  1.00 61.89  ? 87  ALA A C   1 
ATOM   718  O  O   . ALA A 1 87  ? 11.348  6.590   14.129  1.00 53.80  ? 87  ALA A O   1 
ATOM   719  C  CB  . ALA A 1 87  ? 9.290   4.787   15.274  1.00 58.18  ? 87  ALA A CB  1 
ATOM   720  N  N   . GLY A 1 88  ? 11.151  5.243   12.330  1.00 62.73  ? 88  GLY A N   1 
ATOM   721  C  CA  . GLY A 1 88  ? 12.464  5.558   11.796  1.00 49.32  ? 88  GLY A CA  1 
ATOM   722  C  C   . GLY A 1 88  ? 12.618  7.025   11.436  1.00 53.80  ? 88  GLY A C   1 
ATOM   723  O  O   . GLY A 1 88  ? 11.640  7.776   11.394  1.00 53.84  ? 88  GLY A O   1 
ATOM   724  N  N   . ARG A 1 89  ? 13.854  7.434   11.171  1.00 56.78  ? 89  ARG A N   1 
ATOM   725  C  CA  . ARG A 1 89  ? 14.166  8.838   10.910  1.00 61.44  ? 89  ARG A CA  1 
ATOM   726  C  C   . ARG A 1 89  ? 14.072  9.204   9.432   1.00 51.95  ? 89  ARG A C   1 
ATOM   727  O  O   . ARG A 1 89  ? 13.521  10.251  9.078   1.00 52.70  ? 89  ARG A O   1 
ATOM   728  C  CB  . ARG A 1 89  ? 15.571  9.167   11.418  1.00 62.89  ? 89  ARG A CB  1 
ATOM   729  C  CG  . ARG A 1 89  ? 15.976  10.632  11.270  1.00 74.29  ? 89  ARG A CG  1 
ATOM   730  C  CD  . ARG A 1 89  ? 17.388  10.860  11.807  1.00 74.27  ? 89  ARG A CD  1 
ATOM   731  N  NE  . ARG A 1 89  ? 17.708  9.927   12.887  1.00 76.16  ? 89  ARG A NE  1 
ATOM   732  C  CZ  . ARG A 1 89  ? 18.481  8.852   12.741  1.00 78.22  ? 89  ARG A CZ  1 
ATOM   733  N  NH1 . ARG A 1 89  ? 19.022  8.581   11.560  1.00 77.91  ? 89  ARG A NH1 1 
ATOM   734  N  NH2 . ARG A 1 89  ? 18.721  8.051   13.773  1.00 66.10  ? 89  ARG A NH2 1 
ATOM   735  N  N   . ARG A 1 90  ? 14.618  8.337   8.584   1.00 45.07  ? 90  ARG A N   1 
ATOM   736  C  CA  . ARG A 1 90  ? 14.770  8.626   7.160   1.00 47.48  ? 90  ARG A CA  1 
ATOM   737  C  C   . ARG A 1 90  ? 13.832  7.793   6.276   1.00 39.16  ? 90  ARG A C   1 
ATOM   738  O  O   . ARG A 1 90  ? 13.820  6.562   6.348   1.00 38.67  ? 90  ARG A O   1 
ATOM   739  C  CB  . ARG A 1 90  ? 16.220  8.390   6.719   1.00 43.06  ? 90  ARG A CB  1 
ATOM   740  C  CG  . ARG A 1 90  ? 17.286  9.080   7.575   1.00 48.40  ? 90  ARG A CG  1 
ATOM   741  C  CD  . ARG A 1 90  ? 18.083  8.075   8.396   1.00 57.14  ? 90  ARG A CD  1 
ATOM   742  N  NE  . ARG A 1 90  ? 19.251  7.567   7.685   1.00 55.80  ? 90  ARG A NE  1 
ATOM   743  C  CZ  . ARG A 1 90  ? 20.006  6.557   8.112   1.00 55.97  ? 90  ARG A CZ  1 
ATOM   744  N  NH1 . ARG A 1 90  ? 19.705  5.931   9.239   1.00 55.85  ? 90  ARG A NH1 1 
ATOM   745  N  NH2 . ARG A 1 90  ? 21.058  6.164   7.407   1.00 63.45  ? 90  ARG A NH2 1 
ATOM   746  N  N   . LEU A 1 91  ? 13.061  8.465   5.433   1.00 37.17  ? 91  LEU A N   1 
ATOM   747  C  CA  . LEU A 1 91  ? 12.242  7.765   4.445   1.00 35.08  ? 91  LEU A CA  1 
ATOM   748  C  C   . LEU A 1 91  ? 13.039  6.695   3.708   1.00 35.01  ? 91  LEU A C   1 
ATOM   749  O  O   . LEU A 1 91  ? 12.571  5.573   3.523   1.00 34.30  ? 91  LEU A O   1 
ATOM   750  C  CB  . LEU A 1 91  ? 11.658  8.743   3.436   1.00 34.51  ? 91  LEU A CB  1 
ATOM   751  C  CG  . LEU A 1 91  ? 10.882  8.102   2.284   1.00 39.41  ? 91  LEU A CG  1 
ATOM   752  C  CD1 . LEU A 1 91  ? 9.753   7.217   2.812   1.00 34.82  ? 91  LEU A CD1 1 
ATOM   753  C  CD2 . LEU A 1 91  ? 10.340  9.184   1.367   1.00 40.22  ? 91  LEU A CD2 1 
ATOM   754  N  N   . VAL A 1 92  ? 14.254  7.032   3.296   1.00 36.52  ? 92  VAL A N   1 
ATOM   755  C  CA  . VAL A 1 92  ? 14.995  6.129   2.430   1.00 32.12  ? 92  VAL A CA  1 
ATOM   756  C  C   . VAL A 1 92  ? 15.307  4.816   3.112   1.00 34.51  ? 92  VAL A C   1 
ATOM   757  O  O   . VAL A 1 92  ? 15.288  3.764   2.472   1.00 34.86  ? 92  VAL A O   1 
ATOM   758  C  CB  . VAL A 1 92  ? 16.297  6.757   1.862   1.00 41.29  ? 92  VAL A CB  1 
ATOM   759  C  CG1 . VAL A 1 92  ? 17.314  7.035   2.971   1.00 34.67  ? 92  VAL A CG1 1 
ATOM   760  C  CG2 . VAL A 1 92  ? 16.890  5.842   0.784   1.00 35.23  ? 92  VAL A CG2 1 
ATOM   761  N  N   . ASN A 1 93  ? 15.602  4.870   4.408   1.00 36.99  ? 93  ASN A N   1 
ATOM   762  C  CA  . ASN A 1 93  ? 15.922  3.654   5.135   1.00 34.63  ? 93  ASN A CA  1 
ATOM   763  C  C   . ASN A 1 93  ? 14.656  2.843   5.361   1.00 28.86  ? 93  ASN A C   1 
ATOM   764  O  O   . ASN A 1 93  ? 14.672  1.620   5.277   1.00 34.95  ? 93  ASN A O   1 
ATOM   765  C  CB  . ASN A 1 93  ? 16.619  3.958   6.464   1.00 37.77  ? 93  ASN A CB  1 
ATOM   766  C  CG  . ASN A 1 93  ? 17.270  2.730   7.070   1.00 43.64  ? 93  ASN A CG  1 
ATOM   767  O  OD1 . ASN A 1 93  ? 17.875  1.911   6.363   1.00 43.07  ? 93  ASN A OD1 1 
ATOM   768  N  ND2 . ASN A 1 93  ? 17.149  2.588   8.384   1.00 51.51  ? 93  ASN A ND2 1 
ATOM   769  N  N   . PHE A 1 94  ? 13.563  3.537   5.648   1.00 31.05  ? 94  PHE A N   1 
ATOM   770  C  CA  . PHE A 1 94  ? 12.251  2.906   5.727   1.00 35.01  ? 94  PHE A CA  1 
ATOM   771  C  C   . PHE A 1 94  ? 11.967  2.105   4.448   1.00 37.16  ? 94  PHE A C   1 
ATOM   772  O  O   . PHE A 1 94  ? 11.663  0.910   4.508   1.00 29.51  ? 94  PHE A O   1 
ATOM   773  C  CB  . PHE A 1 94  ? 11.179  3.971   5.929   1.00 36.70  ? 94  PHE A CB  1 
ATOM   774  C  CG  . PHE A 1 94  ? 9.771   3.429   5.948   1.00 42.19  ? 94  PHE A CG  1 
ATOM   775  C  CD1 . PHE A 1 94  ? 9.282   2.763   7.061   1.00 37.91  ? 94  PHE A CD1 1 
ATOM   776  C  CD2 . PHE A 1 94  ? 8.930   3.604   4.861   1.00 37.59  ? 94  PHE A CD2 1 
ATOM   777  C  CE1 . PHE A 1 94  ? 7.982   2.278   7.081   1.00 42.77  ? 94  PHE A CE1 1 
ATOM   778  C  CE2 . PHE A 1 94  ? 7.628   3.116   4.875   1.00 35.97  ? 94  PHE A CE2 1 
ATOM   779  C  CZ  . PHE A 1 94  ? 7.157   2.458   5.984   1.00 36.12  ? 94  PHE A CZ  1 
ATOM   780  N  N   . LEU A 1 95  ? 12.085  2.762   3.292   1.00 28.39  ? 95  LEU A N   1 
ATOM   781  C  CA  . LEU A 1 95  ? 11.828  2.103   2.017   1.00 27.95  ? 95  LEU A CA  1 
ATOM   782  C  C   . LEU A 1 95  ? 12.750  0.904   1.789   1.00 32.14  ? 95  LEU A C   1 
ATOM   783  O  O   . LEU A 1 95  ? 12.310  -0.148  1.321   1.00 30.37  ? 95  LEU A O   1 
ATOM   784  C  CB  . LEU A 1 95  ? 11.947  3.105   0.851   1.00 32.30  ? 95  LEU A CB  1 
ATOM   785  C  CG  . LEU A 1 95  ? 10.892  4.207   0.857   1.00 30.92  ? 95  LEU A CG  1 
ATOM   786  C  CD1 . LEU A 1 95  ? 11.148  5.233   -0.241  1.00 40.15  ? 95  LEU A CD1 1 
ATOM   787  C  CD2 . LEU A 1 95  ? 9.492   3.606   0.731   1.00 31.90  ? 95  LEU A CD2 1 
ATOM   788  N  N   . MET A 1 96  ? 14.027  1.055   2.121   1.00 30.59  ? 96  MET A N   1 
ATOM   789  C  CA  . MET A 1 96  ? 14.977  -0.036  1.940   1.00 29.96  ? 96  MET A CA  1 
ATOM   790  C  C   . MET A 1 96  ? 14.677  -1.225  2.866   1.00 31.06  ? 96  MET A C   1 
ATOM   791  O  O   . MET A 1 96  ? 15.025  -2.364  2.557   1.00 31.46  ? 96  MET A O   1 
ATOM   792  C  CB  . MET A 1 96  ? 16.416  0.454   2.158   1.00 38.80  ? 96  MET A CB  1 
ATOM   793  C  CG  . MET A 1 96  ? 17.038  1.178   0.954   1.00 44.85  ? 96  MET A CG  1 
ATOM   794  S  SD  . MET A 1 96  ? 18.444  2.216   1.433   1.00 59.09  ? 96  MET A SD  1 
ATOM   795  C  CE  . MET A 1 96  ? 19.479  1.062   2.322   1.00 46.04  ? 96  MET A CE  1 
ATOM   796  N  N   . MET A 1 97  ? 14.035  -0.955  4.000   1.00 31.58  ? 97  MET A N   1 
ATOM   797  C  CA  . MET A 1 97  ? 13.731  -2.014  4.965   1.00 39.83  ? 97  MET A CA  1 
ATOM   798  C  C   . MET A 1 97  ? 12.454  -2.778  4.619   1.00 32.87  ? 97  MET A C   1 
ATOM   799  O  O   . MET A 1 97  ? 12.200  -3.833  5.168   1.00 28.21  ? 97  MET A O   1 
ATOM   800  C  CB  . MET A 1 97  ? 13.596  -1.442  6.383   1.00 34.60  ? 97  MET A CB  1 
ATOM   801  C  CG  . MET A 1 97  ? 14.881  -0.918  6.994   1.00 39.26  ? 97  MET A CG  1 
ATOM   802  S  SD  . MET A 1 97  ? 14.654  -0.490  8.739   1.00 61.95  ? 97  MET A SD  1 
ATOM   803  C  CE  . MET A 1 97  ? 13.293  0.675   8.704   1.00 35.06  ? 97  MET A CE  1 
ATOM   804  N  N   . MET A 1 98  ? 11.656  -2.247  3.701   1.00 30.98  ? 98  MET A N   1 
ATOM   805  C  CA  . MET A 1 98  ? 10.312  -2.775  3.497   1.00 27.37  ? 98  MET A CA  1 
ATOM   806  C  C   . MET A 1 98  ? 10.245  -4.208  2.986   1.00 26.79  ? 98  MET A C   1 
ATOM   807  O  O   . MET A 1 98  ? 9.369   -4.967  3.395   1.00 25.51  ? 98  MET A O   1 
ATOM   808  C  CB  . MET A 1 98  ? 9.484   -1.847  2.608   1.00 28.55  ? 98  MET A CB  1 
ATOM   809  C  CG  . MET A 1 98  ? 8.917   -0.647  3.358   1.00 36.49  ? 98  MET A CG  1 
ATOM   810  S  SD  . MET A 1 98  ? 7.947   -1.076  4.824   1.00 36.46  ? 98  MET A SD  1 
ATOM   811  C  CE  . MET A 1 98  ? 9.130   -0.756  6.147   1.00 41.12  ? 98  MET A CE  1 
ATOM   812  N  N   . ASP A 1 99  ? 11.151  -4.591  2.096   1.00 24.81  ? 99  ASP A N   1 
ATOM   813  C  CA  . ASP A 1 99  ? 11.121  -5.959  1.606   1.00 31.40  ? 99  ASP A CA  1 
ATOM   814  C  C   . ASP A 1 99  ? 11.269  -6.953  2.762   1.00 29.72  ? 99  ASP A C   1 
ATOM   815  O  O   . ASP A 1 99  ? 10.618  -7.993  2.780   1.00 24.27  ? 99  ASP A O   1 
ATOM   816  C  CB  . ASP A 1 99  ? 12.195  -6.205  0.554   1.00 25.06  ? 99  ASP A CB  1 
ATOM   817  C  CG  . ASP A 1 99  ? 12.031  -7.542  -0.141  1.00 28.38  ? 99  ASP A CG  1 
ATOM   818  O  OD1 . ASP A 1 99  ? 10.942  -7.810  -0.693  1.00 30.96  ? 99  ASP A OD1 1 
ATOM   819  O  OD2 . ASP A 1 99  ? 12.996  -8.330  -0.152  1.00 34.92  ? 99  ASP A OD2 1 
ATOM   820  N  N   . GLU A 1 100 ? 12.140  -6.631  3.715   1.00 29.23  ? 100 GLU A N   1 
ATOM   821  C  CA  . GLU A 1 100 ? 12.407  -7.520  4.840   1.00 29.24  ? 100 GLU A CA  1 
ATOM   822  C  C   . GLU A 1 100 ? 11.235  -7.531  5.825   1.00 29.27  ? 100 GLU A C   1 
ATOM   823  O  O   . GLU A 1 100 ? 10.875  -8.579  6.366   1.00 28.66  ? 100 GLU A O   1 
ATOM   824  C  CB  . GLU A 1 100 ? 13.706  -7.120  5.555   1.00 30.90  ? 100 GLU A CB  1 
ATOM   825  C  CG  . GLU A 1 100 ? 14.058  -8.035  6.738   1.00 47.23  ? 100 GLU A CG  1 
ATOM   826  C  CD  . GLU A 1 100 ? 14.050  -9.518  6.358   1.00 56.86  ? 100 GLU A CD  1 
ATOM   827  O  OE1 . GLU A 1 100 ? 14.457  -9.847  5.214   1.00 54.39  ? 100 GLU A OE1 1 
ATOM   828  O  OE2 . GLU A 1 100 ? 13.634  -10.352 7.201   1.00 58.55  ? 100 GLU A OE2 1 
ATOM   829  N  N   . VAL A 1 101 ? 10.642  -6.362  6.044   1.00 26.01  ? 101 VAL A N   1 
ATOM   830  C  CA  . VAL A 1 101 ? 9.441   -6.252  6.863   1.00 31.30  ? 101 VAL A CA  1 
ATOM   831  C  C   . VAL A 1 101 ? 8.312   -7.150  6.331   1.00 33.20  ? 101 VAL A C   1 
ATOM   832  O  O   . VAL A 1 101 ? 7.722   -7.932  7.081   1.00 26.27  ? 101 VAL A O   1 
ATOM   833  C  CB  . VAL A 1 101 ? 8.963   -4.783  6.961   1.00 30.18  ? 101 VAL A CB  1 
ATOM   834  C  CG1 . VAL A 1 101 ? 7.560   -4.717  7.552   1.00 33.42  ? 101 VAL A CG1 1 
ATOM   835  C  CG2 . VAL A 1 101 ? 9.940   -3.963  7.789   1.00 30.39  ? 101 VAL A CG2 1 
ATOM   836  N  N   . HIS A 1 102 ? 8.016   -7.038  5.036   1.00 29.89  ? 102 HIS A N   1 
ATOM   837  C  CA  . HIS A 1 102 ? 7.012   -7.887  4.396   1.00 24.42  ? 102 HIS A CA  1 
ATOM   838  C  C   . HIS A 1 102 ? 7.398   -9.370  4.468   1.00 25.55  ? 102 HIS A C   1 
ATOM   839  O  O   . HIS A 1 102 ? 6.550   -10.228 4.718   1.00 23.33  ? 102 HIS A O   1 
ATOM   840  C  CB  . HIS A 1 102 ? 6.814   -7.478  2.922   1.00 25.08  ? 102 HIS A CB  1 
ATOM   841  C  CG  . HIS A 1 102 ? 5.773   -6.421  2.715   1.00 27.28  ? 102 HIS A CG  1 
ATOM   842  N  ND1 . HIS A 1 102 ? 5.346   -6.032  1.459   1.00 32.04  ? 102 HIS A ND1 1 
ATOM   843  C  CD2 . HIS A 1 102 ? 5.057   -5.684  3.597   1.00 27.58  ? 102 HIS A CD2 1 
ATOM   844  C  CE1 . HIS A 1 102 ? 4.423   -5.096  1.582   1.00 33.46  ? 102 HIS A CE1 1 
ATOM   845  N  NE2 . HIS A 1 102 ? 4.226   -4.870  2.871   1.00 29.02  ? 102 HIS A NE2 1 
ATOM   846  N  N   . LEU A 1 103 ? 8.672   -9.666  4.214   1.00 22.57  ? 103 LEU A N   1 
ATOM   847  C  CA  . LEU A 1 103 ? 9.183   -11.035 4.249   1.00 27.58  ? 103 LEU A CA  1 
ATOM   848  C  C   . LEU A 1 103 ? 8.977   -11.641 5.649   1.00 29.74  ? 103 LEU A C   1 
ATOM   849  O  O   . LEU A 1 103 ? 8.628   -12.812 5.803   1.00 24.62  ? 103 LEU A O   1 
ATOM   850  C  CB  . LEU A 1 103 ? 10.673  -11.006 3.943   1.00 29.84  ? 103 LEU A CB  1 
ATOM   851  C  CG  . LEU A 1 103 ? 11.337  -11.974 2.968   1.00 45.82  ? 103 LEU A CG  1 
ATOM   852  C  CD1 . LEU A 1 103 ? 10.365  -12.516 1.934   1.00 45.02  ? 103 LEU A CD1 1 
ATOM   853  C  CD2 . LEU A 1 103 ? 12.484  -11.233 2.274   1.00 39.74  ? 103 LEU A CD2 1 
ATOM   854  N  N   . GLN A 1 104 ? 9.204   -10.831 6.668   1.00 24.10  ? 104 GLN A N   1 
ATOM   855  C  CA  . GLN A 1 104 ? 9.027   -11.279 8.050   1.00 30.15  ? 104 GLN A CA  1 
ATOM   856  C  C   . GLN A 1 104 ? 7.551   -11.639 8.340   1.00 30.59  ? 104 GLN A C   1 
ATOM   857  O  O   . GLN A 1 104 ? 7.268   -12.644 9.000   1.00 28.46  ? 104 GLN A O   1 
ATOM   858  C  CB  . GLN A 1 104 ? 9.543   -10.199 8.998   1.00 29.98  ? 104 GLN A CB  1 
ATOM   859  C  CG  . GLN A 1 104 ? 9.669   -10.620 10.426  1.00 41.54  ? 104 GLN A CG  1 
ATOM   860  C  CD  . GLN A 1 104 ? 10.933  -11.413 10.685  1.00 50.29  ? 104 GLN A CD  1 
ATOM   861  O  OE1 . GLN A 1 104 ? 11.478  -12.032 9.770   1.00 46.68  ? 104 GLN A OE1 1 
ATOM   862  N  NE2 . GLN A 1 104 ? 11.407  -11.405 11.936  1.00 39.33  ? 104 GLN A NE2 1 
ATOM   863  N  N   . LEU A 1 105 ? 6.621   -10.840 7.815   1.00 24.78  ? 105 LEU A N   1 
ATOM   864  C  CA  . LEU A 1 105 ? 5.190   -11.123 7.919   1.00 27.57  ? 105 LEU A CA  1 
ATOM   865  C  C   . LEU A 1 105 ? 4.786   -12.416 7.201   1.00 26.50  ? 105 LEU A C   1 
ATOM   866  O  O   . LEU A 1 105 ? 3.935   -13.159 7.665   1.00 23.73  ? 105 LEU A O   1 
ATOM   867  C  CB  . LEU A 1 105 ? 4.376   -9.948  7.362   1.00 29.46  ? 105 LEU A CB  1 
ATOM   868  C  CG  . LEU A 1 105 ? 4.692   -8.588  8.000   1.00 31.10  ? 105 LEU A CG  1 
ATOM   869  C  CD1 . LEU A 1 105 ? 4.229   -7.443  7.113   1.00 31.28  ? 105 LEU A CD1 1 
ATOM   870  C  CD2 . LEU A 1 105 ? 4.089   -8.464  9.385   1.00 30.93  ? 105 LEU A CD2 1 
ATOM   871  N  N   . THR A 1 106 ? 5.380   -12.666 6.046   1.00 25.08  ? 106 THR A N   1 
ATOM   872  C  CA  . THR A 1 106 ? 5.095   -13.873 5.288   1.00 28.91  ? 106 THR A CA  1 
ATOM   873  C  C   . THR A 1 106 ? 5.534   -15.081 6.086   1.00 25.51  ? 106 THR A C   1 
ATOM   874  O  O   . THR A 1 106 ? 4.873   -16.121 6.104   1.00 30.43  ? 106 THR A O   1 
ATOM   875  C  CB  . THR A 1 106 ? 5.859   -13.870 3.950   1.00 28.52  ? 106 THR A CB  1 
ATOM   876  O  OG1 . THR A 1 106 ? 5.454   -12.734 3.186   1.00 26.50  ? 106 THR A OG1 1 
ATOM   877  C  CG2 . THR A 1 106 ? 5.574   -15.143 3.159   1.00 31.49  ? 106 THR A CG2 1 
ATOM   878  N  N   . LYS A 1 107 ? 6.667   -14.913 6.750   1.00 23.64  ? 107 LYS A N   1 
ATOM   879  C  CA  . LYS A 1 107 ? 7.310   -15.964 7.499   1.00 30.87  ? 107 LYS A CA  1 
ATOM   880  C  C   . LYS A 1 107 ? 6.537   -16.290 8.780   1.00 29.20  ? 107 LYS A C   1 
ATOM   881  O  O   . LYS A 1 107 ? 6.402   -17.454 9.154   1.00 26.79  ? 107 LYS A O   1 
ATOM   882  C  CB  . LYS A 1 107 ? 8.704   -15.479 7.898   1.00 35.85  ? 107 LYS A CB  1 
ATOM   883  C  CG  . LYS A 1 107 ? 9.793   -16.495 7.749   1.00 52.21  ? 107 LYS A CG  1 
ATOM   884  C  CD  . LYS A 1 107 ? 10.521  -16.287 6.431   1.00 50.39  ? 107 LYS A CD  1 
ATOM   885  C  CE  . LYS A 1 107 ? 11.601  -15.218 6.566   1.00 53.45  ? 107 LYS A CE  1 
ATOM   886  N  NZ  . LYS A 1 107 ? 12.442  -15.118 5.326   1.00 47.29  ? 107 LYS A NZ  1 
ATOM   887  N  N   . MET A 1 108 ? 6.059   -15.249 9.458   1.00 27.06  ? 108 MET A N   1 
ATOM   888  C  CA  . MET A 1 108 ? 5.627   -15.368 10.860  1.00 27.72  ? 108 MET A CA  1 
ATOM   889  C  C   . MET A 1 108 ? 4.116   -15.269 11.075  1.00 25.90  ? 108 MET A C   1 
ATOM   890  O  O   . MET A 1 108 ? 3.601   -15.669 12.119  1.00 24.19  ? 108 MET A O   1 
ATOM   891  C  CB  . MET A 1 108 ? 6.329   -14.313 11.728  1.00 22.48  ? 108 MET A CB  1 
ATOM   892  C  CG  . MET A 1 108 ? 7.865   -14.369 11.723  1.00 25.35  ? 108 MET A CG  1 
ATOM   893  S  SD  . MET A 1 108 ? 8.562   -15.879 12.443  1.00 38.23  ? 108 MET A SD  1 
ATOM   894  C  CE  . MET A 1 108 ? 7.652   -15.954 13.947  1.00 33.48  ? 108 MET A CE  1 
ATOM   895  N  N   . ILE A 1 109 ? 3.404   -14.716 10.108  1.00 23.20  ? 109 ILE A N   1 
ATOM   896  C  CA  . ILE A 1 109 ? 1.959   -14.542 10.258  1.00 21.34  ? 109 ILE A CA  1 
ATOM   897  C  C   . ILE A 1 109 ? 1.184   -15.471 9.328   1.00 24.21  ? 109 ILE A C   1 
ATOM   898  O  O   . ILE A 1 109 ? 1.332   -15.419 8.102   1.00 24.55  ? 109 ILE A O   1 
ATOM   899  C  CB  . ILE A 1 109 ? 1.569   -13.076 10.078  1.00 23.17  ? 109 ILE A CB  1 
ATOM   900  C  CG1 . ILE A 1 109 ? 2.270   -12.251 11.169  1.00 30.45  ? 109 ILE A CG1 1 
ATOM   901  C  CG2 . ILE A 1 109 ? 0.043   -12.890 10.138  1.00 19.67  ? 109 ILE A CG2 1 
ATOM   902  C  CD1 . ILE A 1 109 ? 1.742   -10.848 11.322  1.00 43.36  ? 109 ILE A CD1 1 
ATOM   903  N  N   . LYS A 1 110 ? 0.399   -16.360 9.929   1.00 26.45  ? 110 LYS A N   1 
ATOM   904  C  CA  . LYS A 1 110 ? -0.465  -17.259 9.180   1.00 29.35  ? 110 LYS A CA  1 
ATOM   905  C  C   . LYS A 1 110 ? -1.388  -16.482 8.230   1.00 28.67  ? 110 LYS A C   1 
ATOM   906  O  O   . LYS A 1 110 ? -2.063  -15.528 8.633   1.00 23.39  ? 110 LYS A O   1 
ATOM   907  C  CB  . LYS A 1 110 ? -1.298  -18.116 10.143  1.00 29.35  ? 110 LYS A CB  1 
ATOM   908  C  CG  . LYS A 1 110 ? -2.300  -19.040 9.476   1.00 37.43  ? 110 LYS A CG  1 
ATOM   909  C  CD  . LYS A 1 110 ? -1.984  -20.522 9.689   1.00 48.85  ? 110 LYS A CD  1 
ATOM   910  C  CE  . LYS A 1 110 ? -0.924  -21.066 8.716   1.00 47.48  ? 110 LYS A CE  1 
ATOM   911  N  NZ  . LYS A 1 110 ? -1.458  -21.969 7.631   1.00 44.57  ? 110 LYS A NZ  1 
ATOM   912  N  N   . GLY A 1 111 ? -1.411  -16.904 6.967   1.00 28.14  ? 111 GLY A N   1 
ATOM   913  C  CA  . GLY A 1 111 ? -2.305  -16.331 5.978   1.00 30.94  ? 111 GLY A CA  1 
ATOM   914  C  C   . GLY A 1 111 ? -1.832  -15.028 5.359   1.00 30.85  ? 111 GLY A C   1 
ATOM   915  O  O   . GLY A 1 111 ? -2.514  -14.469 4.506   1.00 31.78  ? 111 GLY A O   1 
ATOM   916  N  N   . ALA A 1 112 ? -0.681  -14.523 5.792   1.00 26.75  ? 112 ALA A N   1 
ATOM   917  C  CA  . ALA A 1 112 ? -0.162  -13.276 5.237   1.00 26.67  ? 112 ALA A CA  1 
ATOM   918  C  C   . ALA A 1 112 ? 0.781   -13.527 4.062   1.00 29.31  ? 112 ALA A C   1 
ATOM   919  O  O   . ALA A 1 112 ? 1.737   -14.297 4.170   1.00 26.38  ? 112 ALA A O   1 
ATOM   920  C  CB  . ALA A 1 112 ? 0.535   -12.468 6.307   1.00 23.96  ? 112 ALA A CB  1 
ATOM   921  N  N   . THR A 1 113 ? 0.514   -12.865 2.942   1.00 27.94  ? 113 THR A N   1 
ATOM   922  C  CA  . THR A 1 113 ? 1.366   -13.006 1.769   1.00 27.06  ? 113 THR A CA  1 
ATOM   923  C  C   . THR A 1 113 ? 1.589   -11.655 1.085   1.00 31.96  ? 113 THR A C   1 
ATOM   924  O  O   . THR A 1 113 ? 1.195   -11.468 -0.065  1.00 31.97  ? 113 THR A O   1 
ATOM   925  C  CB  . THR A 1 113 ? 0.777   -14.020 0.762   1.00 32.83  ? 113 THR A CB  1 
ATOM   926  O  OG1 . THR A 1 113 ? -0.564  -13.644 0.412   1.00 33.02  ? 113 THR A OG1 1 
ATOM   927  C  CG2 . THR A 1 113 ? 0.769   -15.442 1.354   1.00 32.99  ? 113 THR A CG2 1 
ATOM   928  N  N   . PRO A 1 114 ? 2.215   -10.706 1.801   1.00 29.67  ? 114 PRO A N   1 
ATOM   929  C  CA  . PRO A 1 114 ? 2.519   -9.378  1.244   1.00 27.65  ? 114 PRO A CA  1 
ATOM   930  C  C   . PRO A 1 114 ? 3.498   -9.479  0.067   1.00 29.79  ? 114 PRO A C   1 
ATOM   931  O  O   . PRO A 1 114 ? 4.203   -10.488 -0.047  1.00 25.77  ? 114 PRO A O   1 
ATOM   932  C  CB  . PRO A 1 114 ? 3.190   -8.630  2.405   1.00 26.28  ? 114 PRO A CB  1 
ATOM   933  C  CG  . PRO A 1 114 ? 3.231   -9.574  3.567   1.00 28.28  ? 114 PRO A CG  1 
ATOM   934  C  CD  . PRO A 1 114 ? 2.845   -10.941 3.113   1.00 28.45  ? 114 PRO A CD  1 
ATOM   935  N  N   . PRO A 1 115 ? 3.558   -8.440  -0.786  1.00 28.11  ? 115 PRO A N   1 
ATOM   936  C  CA  . PRO A 1 115 ? 4.392   -8.506  -1.997  1.00 26.75  ? 115 PRO A CA  1 
ATOM   937  C  C   . PRO A 1 115 ? 5.869   -8.314  -1.686  1.00 28.54  ? 115 PRO A C   1 
ATOM   938  O  O   . PRO A 1 115 ? 6.207   -7.798  -0.620  1.00 27.18  ? 115 PRO A O   1 
ATOM   939  C  CB  . PRO A 1 115 ? 3.895   -7.317  -2.827  1.00 25.94  ? 115 PRO A CB  1 
ATOM   940  C  CG  . PRO A 1 115 ? 3.463   -6.315  -1.805  1.00 24.77  ? 115 PRO A CG  1 
ATOM   941  C  CD  . PRO A 1 115 ? 2.906   -7.126  -0.633  1.00 26.05  ? 115 PRO A CD  1 
ATOM   942  N  N   . ARG A 1 116 ? 6.737   -8.732  -2.603  1.00 26.45  ? 116 ARG A N   1 
ATOM   943  C  CA  . ARG A 1 116 ? 8.140   -8.333  -2.548  1.00 29.29  ? 116 ARG A CA  1 
ATOM   944  C  C   . ARG A 1 116 ? 8.220   -6.849  -2.899  1.00 29.15  ? 116 ARG A C   1 
ATOM   945  O  O   . ARG A 1 116 ? 7.408   -6.349  -3.676  1.00 27.69  ? 116 ARG A O   1 
ATOM   946  C  CB  . ARG A 1 116 ? 8.983   -9.153  -3.525  1.00 26.56  ? 116 ARG A CB  1 
ATOM   947  C  CG  . ARG A 1 116 ? 8.871   -10.664 -3.323  1.00 32.71  ? 116 ARG A CG  1 
ATOM   948  C  CD  . ARG A 1 116 ? 9.200   -11.065 -1.885  1.00 38.43  ? 116 ARG A CD  1 
ATOM   949  N  NE  . ARG A 1 116 ? 10.540  -10.637 -1.482  1.00 39.29  ? 116 ARG A NE  1 
ATOM   950  C  CZ  . ARG A 1 116 ? 11.666  -11.243 -1.849  1.00 43.80  ? 116 ARG A CZ  1 
ATOM   951  N  NH1 . ARG A 1 116 ? 11.628  -12.313 -2.636  1.00 46.26  ? 116 ARG A NH1 1 
ATOM   952  N  NH2 . ARG A 1 116 ? 12.833  -10.773 -1.434  1.00 36.32  ? 116 ARG A NH2 1 
ATOM   953  N  N   . LEU A 1 117 ? 9.173   -6.151  -2.290  1.00 26.13  ? 117 LEU A N   1 
ATOM   954  C  CA  . LEU A 1 117 ? 9.378   -4.729  -2.502  1.00 25.41  ? 117 LEU A CA  1 
ATOM   955  C  C   . LEU A 1 117 ? 10.883  -4.435  -2.549  1.00 28.51  ? 117 LEU A C   1 
ATOM   956  O  O   . LEU A 1 117 ? 11.372  -3.532  -1.876  1.00 31.69  ? 117 LEU A O   1 
ATOM   957  C  CB  . LEU A 1 117 ? 8.742   -3.925  -1.371  1.00 24.31  ? 117 LEU A CB  1 
ATOM   958  C  CG  . LEU A 1 117 ? 7.236   -4.018  -1.101  1.00 28.18  ? 117 LEU A CG  1 
ATOM   959  C  CD1 . LEU A 1 117 ? 6.931   -3.329  0.217   1.00 24.51  ? 117 LEU A CD1 1 
ATOM   960  C  CD2 . LEU A 1 117 ? 6.429   -3.380  -2.231  1.00 29.99  ? 117 LEU A CD2 1 
ATOM   961  N  N   . ILE A 1 118 ? 11.615  -5.213  -3.334  1.00 31.93  ? 118 ILE A N   1 
ATOM   962  C  CA  . ILE A 1 118 ? 13.062  -5.083  -3.387  1.00 36.69  ? 118 ILE A CA  1 
ATOM   963  C  C   . ILE A 1 118 ? 13.473  -3.693  -3.869  1.00 38.14  ? 118 ILE A C   1 
ATOM   964  O  O   . ILE A 1 118 ? 13.057  -3.252  -4.936  1.00 32.26  ? 118 ILE A O   1 
ATOM   965  C  CB  . ILE A 1 118 ? 13.687  -6.178  -4.261  1.00 42.07  ? 118 ILE A CB  1 
ATOM   966  C  CG1 . ILE A 1 118 ? 13.435  -7.544  -3.608  1.00 43.56  ? 118 ILE A CG1 1 
ATOM   967  C  CG2 . ILE A 1 118 ? 15.184  -5.938  -4.431  1.00 38.94  ? 118 ILE A CG2 1 
ATOM   968  C  CD1 . ILE A 1 118 ? 14.038  -8.720  -4.353  1.00 43.87  ? 118 ILE A CD1 1 
ATOM   969  N  N   . ALA A 1 119 ? 14.260  -3.000  -3.051  1.00 30.32  ? 119 ALA A N   1 
ATOM   970  C  CA  . ALA A 1 119 ? 14.732  -1.659  -3.369  1.00 31.36  ? 119 ALA A CA  1 
ATOM   971  C  C   . ALA A 1 119 ? 16.233  -1.659  -3.627  1.00 42.20  ? 119 ALA A C   1 
ATOM   972  O  O   . ALA A 1 119 ? 16.980  -2.457  -3.051  1.00 37.24  ? 119 ALA A O   1 
ATOM   973  C  CB  . ALA A 1 119 ? 14.388  -0.682  -2.260  1.00 29.86  ? 119 ALA A CB  1 
ATOM   974  N  N   . LYS A 1 120 ? 16.667  -0.742  -4.483  1.00 35.69  ? 120 LYS A N   1 
ATOM   975  C  CA  . LYS A 1 120 ? 18.043  -0.714  -4.941  1.00 38.80  ? 120 LYS A CA  1 
ATOM   976  C  C   . LYS A 1 120 ? 18.477  0.730   -5.205  1.00 35.53  ? 120 LYS A C   1 
ATOM   977  O  O   . LYS A 1 120 ? 17.828  1.453   -5.957  1.00 38.63  ? 120 LYS A O   1 
ATOM   978  C  CB  . LYS A 1 120 ? 18.164  -1.584  -6.196  1.00 42.85  ? 120 LYS A CB  1 
ATOM   979  C  CG  . LYS A 1 120 ? 19.446  -1.426  -6.987  1.00 52.38  ? 120 LYS A CG  1 
ATOM   980  C  CD  . LYS A 1 120 ? 19.747  -2.694  -7.773  1.00 60.32  ? 120 LYS A CD  1 
ATOM   981  C  CE  . LYS A 1 120 ? 20.400  -2.384  -9.108  1.00 66.49  ? 120 LYS A CE  1 
ATOM   982  N  NZ  . LYS A 1 120 ? 19.394  -1.887  -10.090 1.00 64.96  ? 120 LYS A NZ  1 
ATOM   983  N  N   . PRO A 1 121 ? 19.569  1.164   -4.561  1.00 37.56  ? 121 PRO A N   1 
ATOM   984  C  CA  . PRO A 1 121 ? 20.072  2.519   -4.806  1.00 38.62  ? 121 PRO A CA  1 
ATOM   985  C  C   . PRO A 1 121 ? 20.532  2.622   -6.257  1.00 33.97  ? 121 PRO A C   1 
ATOM   986  O  O   . PRO A 1 121 ? 21.241  1.729   -6.718  1.00 38.32  ? 121 PRO A O   1 
ATOM   987  C  CB  . PRO A 1 121 ? 21.279  2.624   -3.864  1.00 39.85  ? 121 PRO A CB  1 
ATOM   988  C  CG  . PRO A 1 121 ? 21.119  1.499   -2.872  1.00 41.04  ? 121 PRO A CG  1 
ATOM   989  C  CD  . PRO A 1 121 ? 20.420  0.412   -3.622  1.00 38.29  ? 121 PRO A CD  1 
ATOM   990  N  N   . VAL A 1 122 ? 20.128  3.668   -6.967  1.00 36.62  ? 122 VAL A N   1 
ATOM   991  C  CA  . VAL A 1 122 ? 20.552  3.824   -8.361  1.00 39.90  ? 122 VAL A CA  1 
ATOM   992  C  C   . VAL A 1 122 ? 21.243  5.164   -8.661  1.00 42.33  ? 122 VAL A C   1 
ATOM   993  O  O   . VAL A 1 122 ? 21.828  5.346   -9.732  1.00 44.94  ? 122 VAL A O   1 
ATOM   994  C  CB  . VAL A 1 122 ? 19.382  3.612   -9.350  1.00 34.69  ? 122 VAL A CB  1 
ATOM   995  C  CG1 . VAL A 1 122 ? 18.854  2.181   -9.260  1.00 37.01  ? 122 VAL A CG1 1 
ATOM   996  C  CG2 . VAL A 1 122 ? 18.282  4.642   -9.116  1.00 31.57  ? 122 VAL A CG2 1 
ATOM   997  N  N   . ALA A 1 123 ? 21.168  6.098   -7.720  1.00 37.92  ? 123 ALA A N   1 
ATOM   998  C  CA  . ALA A 1 123 ? 21.842  7.385   -7.851  1.00 40.05  ? 123 ALA A CA  1 
ATOM   999  C  C   . ALA A 1 123 ? 21.950  7.966   -6.471  1.00 44.37  ? 123 ALA A C   1 
ATOM   1000 O  O   . ALA A 1 123 ? 21.292  7.486   -5.551  1.00 45.42  ? 123 ALA A O   1 
ATOM   1001 C  CB  . ALA A 1 123 ? 21.054  8.327   -8.757  1.00 38.75  ? 123 ALA A CB  1 
ATOM   1002 N  N   . LYS A 1 124 ? 22.762  9.004   -6.318  1.00 43.39  ? 124 LYS A N   1 
ATOM   1003 C  CA  . LYS A 1 124 ? 22.983  9.586   -5.003  1.00 39.50  ? 124 LYS A CA  1 
ATOM   1004 C  C   . LYS A 1 124 ? 21.681  10.121  -4.418  1.00 44.79  ? 124 LYS A C   1 
ATOM   1005 O  O   . LYS A 1 124 ? 21.558  10.287  -3.204  1.00 39.51  ? 124 LYS A O   1 
ATOM   1006 C  CB  . LYS A 1 124 ? 24.051  10.678  -5.068  1.00 40.22  ? 124 LYS A CB  1 
ATOM   1007 C  CG  . LYS A 1 124 ? 25.410  10.161  -5.529  1.00 43.11  ? 124 LYS A CG  1 
ATOM   1008 C  CD  . LYS A 1 124 ? 26.515  11.176  -5.254  1.00 54.41  ? 124 LYS A CD  1 
ATOM   1009 C  CE  . LYS A 1 124 ? 26.222  12.525  -5.910  1.00 53.29  ? 124 LYS A CE  1 
ATOM   1010 N  NZ  . LYS A 1 124 ? 27.223  13.556  -5.497  1.00 59.77  ? 124 LYS A NZ  1 
ATOM   1011 N  N   . ASP A 1 125 ? 20.697  10.360  -5.279  1.00 37.48  ? 125 ASP A N   1 
ATOM   1012 C  CA  . ASP A 1 125 ? 19.420  10.894  -4.823  1.00 40.06  ? 125 ASP A CA  1 
ATOM   1013 C  C   . ASP A 1 125 ? 18.206  10.027  -5.215  1.00 38.99  ? 125 ASP A C   1 
ATOM   1014 O  O   . ASP A 1 125 ? 17.067  10.509  -5.242  1.00 38.11  ? 125 ASP A O   1 
ATOM   1015 C  CB  . ASP A 1 125 ? 19.239  12.336  -5.313  1.00 39.68  ? 125 ASP A CB  1 
ATOM   1016 C  CG  . ASP A 1 125 ? 19.105  12.433  -6.826  1.00 42.87  ? 125 ASP A CG  1 
ATOM   1017 O  OD1 . ASP A 1 125 ? 19.487  11.474  -7.538  1.00 41.14  ? 125 ASP A OD1 1 
ATOM   1018 O  OD2 . ASP A 1 125 ? 18.613  13.476  -7.303  1.00 43.70  ? 125 ASP A OD2 1 
ATOM   1019 N  N   . ALA A 1 126 ? 18.439  8.750   -5.507  1.00 38.27  ? 126 ALA A N   1 
ATOM   1020 C  CA  . ALA A 1 126 ? 17.340  7.896   -5.957  1.00 37.07  ? 126 ALA A CA  1 
ATOM   1021 C  C   . ALA A 1 126 ? 17.503  6.399   -5.672  1.00 32.88  ? 126 ALA A C   1 
ATOM   1022 O  O   . ALA A 1 126 ? 18.612  5.855   -5.677  1.00 28.79  ? 126 ALA A O   1 
ATOM   1023 C  CB  . ALA A 1 126 ? 17.075  8.126   -7.446  1.00 33.59  ? 126 ALA A CB  1 
ATOM   1024 N  N   . ILE A 1 127 ? 16.371  5.738   -5.450  1.00 31.43  ? 127 ILE A N   1 
ATOM   1025 C  CA  . ILE A 1 127 ? 16.326  4.281   -5.389  1.00 34.78  ? 127 ILE A CA  1 
ATOM   1026 C  C   . ILE A 1 127 ? 15.297  3.736   -6.356  1.00 30.99  ? 127 ILE A C   1 
ATOM   1027 O  O   . ILE A 1 127 ? 14.310  4.401   -6.672  1.00 33.75  ? 127 ILE A O   1 
ATOM   1028 C  CB  . ILE A 1 127 ? 15.906  3.759   -3.999  1.00 38.66  ? 127 ILE A CB  1 
ATOM   1029 C  CG1 . ILE A 1 127 ? 14.723  4.571   -3.466  1.00 38.03  ? 127 ILE A CG1 1 
ATOM   1030 C  CG2 . ILE A 1 127 ? 17.066  3.764   -3.047  1.00 40.30  ? 127 ILE A CG2 1 
ATOM   1031 C  CD1 . ILE A 1 127 ? 13.980  3.900   -2.321  1.00 38.00  ? 127 ILE A CD1 1 
ATOM   1032 N  N   . GLU A 1 128 ? 15.529  2.510   -6.810  1.00 31.57  ? 128 GLU A N   1 
ATOM   1033 C  CA  . GLU A 1 128 ? 14.532  1.772   -7.562  1.00 33.57  ? 128 GLU A CA  1 
ATOM   1034 C  C   . GLU A 1 128 ? 13.821  0.817   -6.612  1.00 37.51  ? 128 GLU A C   1 
ATOM   1035 O  O   . GLU A 1 128 ? 14.471  0.088   -5.877  1.00 37.10  ? 128 GLU A O   1 
ATOM   1036 C  CB  . GLU A 1 128 ? 15.186  0.975   -8.691  1.00 35.43  ? 128 GLU A CB  1 
ATOM   1037 C  CG  . GLU A 1 128 ? 15.393  1.769   -9.965  1.00 42.62  ? 128 GLU A CG  1 
ATOM   1038 C  CD  . GLU A 1 128 ? 15.873  0.906   -11.127 1.00 49.75  ? 128 GLU A CD  1 
ATOM   1039 O  OE1 . GLU A 1 128 ? 15.977  1.442   -12.253 1.00 52.01  ? 128 GLU A OE1 1 
ATOM   1040 O  OE2 . GLU A 1 128 ? 16.140  -0.301  -10.913 1.00 54.47  ? 128 GLU A OE2 1 
ATOM   1041 N  N   . MET A 1 129 ? 12.492  0.842   -6.608  1.00 33.99  ? 129 MET A N   1 
ATOM   1042 C  CA  . MET A 1 129 ? 11.731  -0.177  -5.895  1.00 34.90  ? 129 MET A CA  1 
ATOM   1043 C  C   . MET A 1 129 ? 10.858  -0.993  -6.851  1.00 34.34  ? 129 MET A C   1 
ATOM   1044 O  O   . MET A 1 129 ? 10.132  -0.434  -7.674  1.00 30.00  ? 129 MET A O   1 
ATOM   1045 C  CB  . MET A 1 129 ? 10.871  0.436   -4.792  1.00 26.58  ? 129 MET A CB  1 
ATOM   1046 C  CG  . MET A 1 129 ? 10.110  -0.632  -4.004  1.00 38.75  ? 129 MET A CG  1 
ATOM   1047 S  SD  . MET A 1 129 ? 9.112   0.010   -2.656  1.00 36.10  ? 129 MET A SD  1 
ATOM   1048 C  CE  . MET A 1 129 ? 10.300  -0.018  -1.303  1.00 31.58  ? 129 MET A CE  1 
ATOM   1049 N  N   . GLU A 1 130 ? 10.943  -2.317  -6.754  1.00 27.45  ? 130 GLU A N   1 
ATOM   1050 C  CA  . GLU A 1 130 ? 10.098  -3.178  -7.574  1.00 28.42  ? 130 GLU A CA  1 
ATOM   1051 C  C   . GLU A 1 130 ? 9.039   -3.930  -6.760  1.00 30.16  ? 130 GLU A C   1 
ATOM   1052 O  O   . GLU A 1 130 ? 9.349   -4.773  -5.904  1.00 29.31  ? 130 GLU A O   1 
ATOM   1053 C  CB  . GLU A 1 130 ? 10.925  -4.165  -8.418  1.00 27.87  ? 130 GLU A CB  1 
ATOM   1054 C  CG  . GLU A 1 130 ? 10.081  -4.842  -9.485  1.00 25.63  ? 130 GLU A CG  1 
ATOM   1055 C  CD  . GLU A 1 130 ? 10.823  -5.906  -10.273 1.00 33.35  ? 130 GLU A CD  1 
ATOM   1056 O  OE1 . GLU A 1 130 ? 11.791  -6.488  -9.748  1.00 33.93  ? 130 GLU A OE1 1 
ATOM   1057 O  OE2 . GLU A 1 130 ? 10.416  -6.177  -11.422 1.00 32.91  ? 130 GLU A OE2 1 
ATOM   1058 N  N   . TYR A 1 131 ? 7.787   -3.598  -7.032  1.00 27.58  ? 131 TYR A N   1 
ATOM   1059 C  CA  . TYR A 1 131 ? 6.648   -4.331  -6.498  1.00 29.59  ? 131 TYR A CA  1 
ATOM   1060 C  C   . TYR A 1 131 ? 6.484   -5.619  -7.299  1.00 32.83  ? 131 TYR A C   1 
ATOM   1061 O  O   . TYR A 1 131 ? 6.402   -5.590  -8.532  1.00 27.21  ? 131 TYR A O   1 
ATOM   1062 C  CB  . TYR A 1 131 ? 5.406   -3.449  -6.597  1.00 26.80  ? 131 TYR A CB  1 
ATOM   1063 C  CG  . TYR A 1 131 ? 4.062   -4.129  -6.451  1.00 34.70  ? 131 TYR A CG  1 
ATOM   1064 C  CD1 . TYR A 1 131 ? 3.509   -4.356  -5.191  1.00 26.24  ? 131 TYR A CD1 1 
ATOM   1065 C  CD2 . TYR A 1 131 ? 3.319   -4.493  -7.577  1.00 21.58  ? 131 TYR A CD2 1 
ATOM   1066 C  CE1 . TYR A 1 131 ? 2.257   -4.961  -5.056  1.00 29.69  ? 131 TYR A CE1 1 
ATOM   1067 C  CE2 . TYR A 1 131 ? 2.072   -5.090  -7.454  1.00 29.17  ? 131 TYR A CE2 1 
ATOM   1068 C  CZ  . TYR A 1 131 ? 1.549   -5.328  -6.186  1.00 27.74  ? 131 TYR A CZ  1 
ATOM   1069 O  OH  . TYR A 1 131 ? 0.317   -5.919  -6.052  1.00 25.81  ? 131 TYR A OH  1 
ATOM   1070 N  N   . VAL A 1 132 ? 6.488   -6.749  -6.596  1.00 26.23  ? 132 VAL A N   1 
ATOM   1071 C  CA  . VAL A 1 132 ? 6.298   -8.053  -7.225  1.00 27.96  ? 132 VAL A CA  1 
ATOM   1072 C  C   . VAL A 1 132 ? 5.287   -8.819  -6.388  1.00 32.33  ? 132 VAL A C   1 
ATOM   1073 O  O   . VAL A 1 132 ? 5.500   -9.047  -5.189  1.00 25.40  ? 132 VAL A O   1 
ATOM   1074 C  CB  . VAL A 1 132 ? 7.607   -8.872  -7.301  1.00 30.25  ? 132 VAL A CB  1 
ATOM   1075 C  CG1 . VAL A 1 132 ? 7.381   -10.141 -8.088  1.00 27.69  ? 132 VAL A CG1 1 
ATOM   1076 C  CG2 . VAL A 1 132 ? 8.739   -8.052  -7.917  1.00 32.57  ? 132 VAL A CG2 1 
ATOM   1077 N  N   . SER A 1 133 ? 4.187   -9.209  -7.021  1.00 27.78  ? 133 SER A N   1 
ATOM   1078 C  CA  . SER A 1 133 ? 3.057   -9.766  -6.298  1.00 28.99  ? 133 SER A CA  1 
ATOM   1079 C  C   . SER A 1 133 ? 2.305   -10.798 -7.125  1.00 33.21  ? 133 SER A C   1 
ATOM   1080 O  O   . SER A 1 133 ? 2.324   -10.767 -8.361  1.00 28.25  ? 133 SER A O   1 
ATOM   1081 C  CB  . SER A 1 133 ? 2.105   -8.651  -5.892  1.00 28.54  ? 133 SER A CB  1 
ATOM   1082 O  OG  . SER A 1 133 ? 1.049   -9.157  -5.102  1.00 26.80  ? 133 SER A OG  1 
ATOM   1083 N  N   . LYS A 1 134 ? 1.651   -11.721 -6.429  1.00 29.09  ? 134 LYS A N   1 
ATOM   1084 C  CA  . LYS A 1 134 ? 0.724   -12.640 -7.068  1.00 34.16  ? 134 LYS A CA  1 
ATOM   1085 C  C   . LYS A 1 134 ? -0.611  -11.935 -7.165  1.00 29.12  ? 134 LYS A C   1 
ATOM   1086 O  O   . LYS A 1 134 ? -1.485  -12.349 -7.919  1.00 31.00  ? 134 LYS A O   1 
ATOM   1087 C  CB  . LYS A 1 134 ? 0.595   -13.952 -6.283  1.00 31.86  ? 134 LYS A CB  1 
ATOM   1088 C  CG  . LYS A 1 134 ? 1.777   -14.898 -6.443  1.00 34.12  ? 134 LYS A CG  1 
ATOM   1089 C  CD  . LYS A 1 134 ? 1.753   -15.587 -7.799  1.00 43.99  ? 134 LYS A CD  1 
ATOM   1090 C  CE  . LYS A 1 134 ? 2.807   -16.699 -7.884  1.00 57.54  ? 134 LYS A CE  1 
ATOM   1091 N  NZ  . LYS A 1 134 ? 2.962   -17.276 -9.268  1.00 50.73  ? 134 LYS A NZ  1 
ATOM   1092 N  N   . ARG A 1 135 ? -0.777  -10.870 -6.383  1.00 25.67  ? 135 ARG A N   1 
ATOM   1093 C  CA  . ARG A 1 135 ? -1.907  -9.974  -6.595  1.00 27.66  ? 135 ARG A CA  1 
ATOM   1094 C  C   . ARG A 1 135 ? -1.538  -8.931  -7.652  1.00 30.22  ? 135 ARG A C   1 
ATOM   1095 O  O   . ARG A 1 135 ? -0.476  -8.994  -8.268  1.00 30.74  ? 135 ARG A O   1 
ATOM   1096 C  CB  . ARG A 1 135 ? -2.330  -9.306  -5.280  1.00 27.50  ? 135 ARG A CB  1 
ATOM   1097 C  CG  . ARG A 1 135 ? -2.810  -10.314 -4.229  1.00 32.14  ? 135 ARG A CG  1 
ATOM   1098 C  CD  . ARG A 1 135 ? -3.210  -9.656  -2.905  1.00 32.20  ? 135 ARG A CD  1 
ATOM   1099 N  NE  . ARG A 1 135 ? -3.851  -10.623 -2.015  1.00 34.23  ? 135 ARG A NE  1 
ATOM   1100 C  CZ  . ARG A 1 135 ? -3.315  -11.102 -0.893  1.00 35.50  ? 135 ARG A CZ  1 
ATOM   1101 N  NH1 . ARG A 1 135 ? -2.118  -10.691 -0.485  1.00 34.27  ? 135 ARG A NH1 1 
ATOM   1102 N  NH2 . ARG A 1 135 ? -3.991  -11.982 -0.161  1.00 29.84  ? 135 ARG A NH2 1 
ATOM   1103 N  N   . LYS A 1 136 ? -2.420  -7.972  -7.870  1.00 28.73  ? 136 LYS A N   1 
ATOM   1104 C  CA  . LYS A 1 136 ? -2.114  -6.898  -8.786  1.00 27.73  ? 136 LYS A CA  1 
ATOM   1105 C  C   . LYS A 1 136 ? -2.754  -5.649  -8.240  1.00 25.94  ? 136 LYS A C   1 
ATOM   1106 O  O   . LYS A 1 136 ? -3.907  -5.362  -8.540  1.00 28.62  ? 136 LYS A O   1 
ATOM   1107 C  CB  . LYS A 1 136 ? -2.672  -7.205  -10.182 1.00 25.44  ? 136 LYS A CB  1 
ATOM   1108 C  CG  . LYS A 1 136 ? -2.211  -6.234  -11.252 1.00 29.11  ? 136 LYS A CG  1 
ATOM   1109 C  CD  . LYS A 1 136 ? -3.155  -6.210  -12.463 1.00 33.57  ? 136 LYS A CD  1 
ATOM   1110 C  CE  . LYS A 1 136 ? -3.140  -7.524  -13.214 1.00 30.86  ? 136 LYS A CE  1 
ATOM   1111 N  NZ  . LYS A 1 136 ? -1.767  -7.882  -13.633 1.00 37.44  ? 136 LYS A NZ  1 
ATOM   1112 N  N   . MET A 1 137 ? -2.010  -4.909  -7.426  1.00 21.98  ? 137 MET A N   1 
ATOM   1113 C  CA  . MET A 1 137 ? -2.538  -3.696  -6.813  1.00 24.87  ? 137 MET A CA  1 
ATOM   1114 C  C   . MET A 1 137 ? -1.634  -2.513  -7.141  1.00 27.55  ? 137 MET A C   1 
ATOM   1115 O  O   . MET A 1 137 ? -1.147  -1.818  -6.246  1.00 27.03  ? 137 MET A O   1 
ATOM   1116 C  CB  . MET A 1 137 ? -2.678  -3.863  -5.293  1.00 22.55  ? 137 MET A CB  1 
ATOM   1117 C  CG  . MET A 1 137 ? -3.525  -5.069  -4.873  1.00 26.78  ? 137 MET A CG  1 
ATOM   1118 S  SD  . MET A 1 137 ? -3.989  -5.044  -3.119  1.00 33.87  ? 137 MET A SD  1 
ATOM   1119 C  CE  . MET A 1 137 ? -4.775  -6.633  -2.960  1.00 32.44  ? 137 MET A CE  1 
ATOM   1120 N  N   . TYR A 1 138 ? -1.413  -2.306  -8.438  1.00 27.99  ? 138 TYR A N   1 
ATOM   1121 C  CA  . TYR A 1 138 ? -0.499  -1.276  -8.922  1.00 26.95  ? 138 TYR A CA  1 
ATOM   1122 C  C   . TYR A 1 138 ? -0.812  0.113   -8.376  1.00 24.84  ? 138 TYR A C   1 
ATOM   1123 O  O   . TYR A 1 138 ? 0.084   0.833   -7.939  1.00 24.85  ? 138 TYR A O   1 
ATOM   1124 C  CB  . TYR A 1 138 ? -0.542  -1.222  -10.442 1.00 31.00  ? 138 TYR A CB  1 
ATOM   1125 C  CG  . TYR A 1 138 ? 0.015   -2.429  -11.159 1.00 27.19  ? 138 TYR A CG  1 
ATOM   1126 C  CD1 . TYR A 1 138 ? -0.595  -2.902  -12.307 1.00 23.42  ? 138 TYR A CD1 1 
ATOM   1127 C  CD2 . TYR A 1 138 ? 1.154   -3.087  -10.700 1.00 26.95  ? 138 TYR A CD2 1 
ATOM   1128 C  CE1 . TYR A 1 138 ? -0.095  -3.995  -12.993 1.00 27.50  ? 138 TYR A CE1 1 
ATOM   1129 C  CE2 . TYR A 1 138 ? 1.665   -4.185  -11.385 1.00 29.04  ? 138 TYR A CE2 1 
ATOM   1130 C  CZ  . TYR A 1 138 ? 1.032   -4.626  -12.542 1.00 24.97  ? 138 TYR A CZ  1 
ATOM   1131 O  OH  . TYR A 1 138 ? 1.511   -5.708  -13.242 1.00 29.11  ? 138 TYR A OH  1 
ATOM   1132 N  N   . ASP A 1 139 ? -2.084  0.493   -8.399  1.00 24.60  ? 139 ASP A N   1 
ATOM   1133 C  CA  . ASP A 1 139 ? -2.474  1.834   -7.977  1.00 29.62  ? 139 ASP A CA  1 
ATOM   1134 C  C   . ASP A 1 139 ? -2.411  2.038   -6.469  1.00 31.58  ? 139 ASP A C   1 
ATOM   1135 O  O   . ASP A 1 139 ? -2.037  3.118   -5.995  1.00 28.92  ? 139 ASP A O   1 
ATOM   1136 C  CB  . ASP A 1 139 ? -3.851  2.190   -8.527  1.00 31.32  ? 139 ASP A CB  1 
ATOM   1137 C  CG  . ASP A 1 139 ? -3.844  2.299   -10.051 1.00 38.03  ? 139 ASP A CG  1 
ATOM   1138 O  OD1 . ASP A 1 139 ? -3.303  3.296   -10.574 1.00 41.12  ? 139 ASP A OD1 1 
ATOM   1139 O  OD2 . ASP A 1 139 ? -4.354  1.377   -10.722 1.00 36.59  ? 139 ASP A OD2 1 
ATOM   1140 N  N   . TYR A 1 140 ? -2.770  1.007   -5.710  1.00 27.85  ? 140 TYR A N   1 
ATOM   1141 C  CA  . TYR A 1 140 ? -2.600  1.079   -4.257  1.00 28.85  ? 140 TYR A CA  1 
ATOM   1142 C  C   . TYR A 1 140 ? -1.118  1.248   -3.919  1.00 25.91  ? 140 TYR A C   1 
ATOM   1143 O  O   . TYR A 1 140 ? -0.744  2.114   -3.129  1.00 26.16  ? 140 TYR A O   1 
ATOM   1144 C  CB  . TYR A 1 140 ? -3.180  -0.159  -3.556  1.00 25.55  ? 140 TYR A CB  1 
ATOM   1145 C  CG  . TYR A 1 140 ? -3.028  -0.113  -2.043  1.00 28.56  ? 140 TYR A CG  1 
ATOM   1146 C  CD1 . TYR A 1 140 ? -3.742  0.804   -1.286  1.00 27.49  ? 140 TYR A CD1 1 
ATOM   1147 C  CD2 . TYR A 1 140 ? -2.174  -0.987  -1.384  1.00 31.65  ? 140 TYR A CD2 1 
ATOM   1148 C  CE1 . TYR A 1 140 ? -3.607  0.858   0.078   1.00 28.37  ? 140 TYR A CE1 1 
ATOM   1149 C  CE2 . TYR A 1 140 ? -2.023  -0.947  -0.001  1.00 24.54  ? 140 TYR A CE2 1 
ATOM   1150 C  CZ  . TYR A 1 140 ? -2.749  -0.021  0.718   1.00 29.12  ? 140 TYR A CZ  1 
ATOM   1151 O  OH  . TYR A 1 140 ? -2.628  0.030   2.076   1.00 32.13  ? 140 TYR A OH  1 
ATOM   1152 N  N   . PHE A 1 141 ? -0.279  0.420   -4.527  1.00 23.73  ? 141 PHE A N   1 
ATOM   1153 C  CA  . PHE A 1 141 ? 1.162   0.515   -4.319  1.00 25.78  ? 141 PHE A CA  1 
ATOM   1154 C  C   . PHE A 1 141 ? 1.673   1.946   -4.555  1.00 30.74  ? 141 PHE A C   1 
ATOM   1155 O  O   . PHE A 1 141 ? 2.351   2.511   -3.701  1.00 26.05  ? 141 PHE A O   1 
ATOM   1156 C  CB  . PHE A 1 141 ? 1.883   -0.480  -5.226  1.00 26.35  ? 141 PHE A CB  1 
ATOM   1157 C  CG  . PHE A 1 141 ? 3.369   -0.290  -5.278  1.00 33.73  ? 141 PHE A CG  1 
ATOM   1158 C  CD1 . PHE A 1 141 ? 4.164   -0.612  -4.181  1.00 26.09  ? 141 PHE A CD1 1 
ATOM   1159 C  CD2 . PHE A 1 141 ? 3.978   0.194   -6.432  1.00 29.31  ? 141 PHE A CD2 1 
ATOM   1160 C  CE1 . PHE A 1 141 ? 5.546   -0.439  -4.224  1.00 31.35  ? 141 PHE A CE1 1 
ATOM   1161 C  CE2 . PHE A 1 141 ? 5.354   0.369   -6.492  1.00 32.67  ? 141 PHE A CE2 1 
ATOM   1162 C  CZ  . PHE A 1 141 ? 6.149   0.043   -5.382  1.00 34.04  ? 141 PHE A CZ  1 
ATOM   1163 N  N   . LEU A 1 142 ? 1.319   2.534   -5.703  1.00 27.51  ? 142 LEU A N   1 
ATOM   1164 C  CA  . LEU A 1 142 ? 1.750   3.889   -6.036  1.00 28.95  ? 142 LEU A CA  1 
ATOM   1165 C  C   . LEU A 1 142 ? 1.286   4.914   -5.011  1.00 28.48  ? 142 LEU A C   1 
ATOM   1166 O  O   . LEU A 1 142 ? 2.073   5.738   -4.549  1.00 29.00  ? 142 LEU A O   1 
ATOM   1167 C  CB  . LEU A 1 142 ? 1.278   4.300   -7.443  1.00 24.77  ? 142 LEU A CB  1 
ATOM   1168 C  CG  . LEU A 1 142 ? 1.837   3.508   -8.623  1.00 26.22  ? 142 LEU A CG  1 
ATOM   1169 C  CD1 . LEU A 1 142 ? 1.105   3.854   -9.953  1.00 27.95  ? 142 LEU A CD1 1 
ATOM   1170 C  CD2 . LEU A 1 142 ? 3.340   3.737   -8.743  1.00 26.13  ? 142 LEU A CD2 1 
ATOM   1171 N  N   . GLY A 1 143 ? 0.010   4.868   -4.649  1.00 29.34  ? 143 GLY A N   1 
ATOM   1172 C  CA  . GLY A 1 143 ? -0.511  5.801   -3.666  1.00 27.64  ? 143 GLY A CA  1 
ATOM   1173 C  C   . GLY A 1 143 ? 0.141   5.672   -2.300  1.00 32.50  ? 143 GLY A C   1 
ATOM   1174 O  O   . GLY A 1 143 ? 0.374   6.670   -1.614  1.00 33.04  ? 143 GLY A O   1 
ATOM   1175 N  N   . PHE A 1 144 ? 0.435   4.443   -1.891  1.00 29.69  ? 144 PHE A N   1 
ATOM   1176 C  CA  . PHE A 1 144 ? 1.047   4.213   -0.581  1.00 30.85  ? 144 PHE A CA  1 
ATOM   1177 C  C   . PHE A 1 144 ? 2.470   4.774   -0.505  1.00 28.70  ? 144 PHE A C   1 
ATOM   1178 O  O   . PHE A 1 144 ? 2.862   5.347   0.510   1.00 29.70  ? 144 PHE A O   1 
ATOM   1179 C  CB  . PHE A 1 144 ? 1.035   2.721   -0.233  1.00 29.04  ? 144 PHE A CB  1 
ATOM   1180 C  CG  . PHE A 1 144 ? 0.994   2.425   1.259   1.00 31.04  ? 144 PHE A CG  1 
ATOM   1181 C  CD1 . PHE A 1 144 ? 2.119   1.944   1.918   1.00 27.02  ? 144 PHE A CD1 1 
ATOM   1182 C  CD2 . PHE A 1 144 ? -0.174  2.601   1.987   1.00 29.93  ? 144 PHE A CD2 1 
ATOM   1183 C  CE1 . PHE A 1 144 ? 2.081   1.635   3.280   1.00 28.82  ? 144 PHE A CE1 1 
ATOM   1184 C  CE2 . PHE A 1 144 ? -0.218  2.297   3.354   1.00 32.92  ? 144 PHE A CE2 1 
ATOM   1185 C  CZ  . PHE A 1 144 ? 0.915   1.815   3.996   1.00 27.01  ? 144 PHE A CZ  1 
ATOM   1186 N  N   . ILE A 1 145 ? 3.246   4.590   -1.570  1.00 31.35  ? 145 ILE A N   1 
ATOM   1187 C  CA  . ILE A 1 145 ? 4.557   5.228   -1.663  1.00 34.22  ? 145 ILE A CA  1 
ATOM   1188 C  C   . ILE A 1 145 ? 4.403   6.748   -1.539  1.00 34.00  ? 145 ILE A C   1 
ATOM   1189 O  O   . ILE A 1 145 ? 5.151   7.402   -0.807  1.00 36.35  ? 145 ILE A O   1 
ATOM   1190 C  CB  . ILE A 1 145 ? 5.261   4.905   -2.995  1.00 32.62  ? 145 ILE A CB  1 
ATOM   1191 C  CG1 . ILE A 1 145 ? 5.574   3.409   -3.091  1.00 30.76  ? 145 ILE A CG1 1 
ATOM   1192 C  CG2 . ILE A 1 145 ? 6.532   5.730   -3.138  1.00 31.72  ? 145 ILE A CG2 1 
ATOM   1193 C  CD1 . ILE A 1 145 ? 6.630   2.941   -2.101  1.00 35.63  ? 145 ILE A CD1 1 
ATOM   1194 N  N   . GLU A 1 146 ? 3.423   7.307   -2.244  1.00 35.79  ? 146 GLU A N   1 
ATOM   1195 C  CA  . GLU A 1 146 ? 3.187   8.753   -2.195  1.00 43.95  ? 146 GLU A CA  1 
ATOM   1196 C  C   . GLU A 1 146 ? 2.771   9.204   -0.792  1.00 42.42  ? 146 GLU A C   1 
ATOM   1197 O  O   . GLU A 1 146 ? 3.153   10.282  -0.331  1.00 44.06  ? 146 GLU A O   1 
ATOM   1198 C  CB  . GLU A 1 146 ? 2.160   9.183   -3.253  1.00 35.76  ? 146 GLU A CB  1 
ATOM   1199 C  CG  . GLU A 1 146 ? 2.637   8.952   -4.680  1.00 38.63  ? 146 GLU A CG  1 
ATOM   1200 C  CD  . GLU A 1 146 ? 1.538   9.110   -5.729  1.00 45.89  ? 146 GLU A CD  1 
ATOM   1201 O  OE1 . GLU A 1 146 ? 0.349   8.888   -5.407  1.00 46.46  ? 146 GLU A OE1 1 
ATOM   1202 O  OE2 . GLU A 1 146 ? 1.874   9.444   -6.887  1.00 50.95  ? 146 GLU A OE2 1 
ATOM   1203 N  N   . GLY A 1 147 ? 2.004   8.364   -0.106  1.00 40.29  ? 147 GLY A N   1 
ATOM   1204 C  CA  . GLY A 1 147 ? 1.614   8.643   1.264   1.00 33.54  ? 147 GLY A CA  1 
ATOM   1205 C  C   . GLY A 1 147 ? 2.797   8.618   2.219   1.00 38.39  ? 147 GLY A C   1 
ATOM   1206 O  O   . GLY A 1 147 ? 2.819   9.348   3.212   1.00 41.13  ? 147 GLY A O   1 
ATOM   1207 N  N   . SER A 1 148 ? 3.785   7.780   1.932   1.00 32.88  ? 148 SER A N   1 
ATOM   1208 C  CA  . SER A 1 148 ? 4.955   7.686   2.802   1.00 35.95  ? 148 SER A CA  1 
ATOM   1209 C  C   . SER A 1 148 ? 5.732   9.007   2.832   1.00 43.06  ? 148 SER A C   1 
ATOM   1210 O  O   . SER A 1 148 ? 6.324   9.378   3.851   1.00 41.04  ? 148 SER A O   1 
ATOM   1211 C  CB  . SER A 1 148 ? 5.872   6.543   2.365   1.00 30.27  ? 148 SER A CB  1 
ATOM   1212 O  OG  . SER A 1 148 ? 6.779   6.970   1.368   1.00 41.48  ? 148 SER A OG  1 
ATOM   1213 N  N   . SER A 1 149 ? 5.724   9.708   1.703   1.00 46.67  ? 149 SER A N   1 
ATOM   1214 C  CA  . SER A 1 149 ? 6.374   11.011  1.587   1.00 47.36  ? 149 SER A CA  1 
ATOM   1215 C  C   . SER A 1 149 ? 5.764   12.041  2.541   1.00 49.72  ? 149 SER A C   1 
ATOM   1216 O  O   . SER A 1 149 ? 6.494   12.745  3.243   1.00 48.78  ? 149 SER A O   1 
ATOM   1217 C  CB  . SER A 1 149 ? 6.294   11.514  0.141   1.00 48.92  ? 149 SER A CB  1 
ATOM   1218 O  OG  . SER A 1 149 ? 6.456   12.919  0.081   1.00 57.86  ? 149 SER A OG  1 
ATOM   1219 N  N   . LYS A 1 150 ? 4.432   12.114  2.575   1.00 43.69  ? 150 LYS A N   1 
ATOM   1220 C  CA  . LYS A 1 150 ? 3.739   13.077  3.429   1.00 49.49  ? 150 LYS A CA  1 
ATOM   1221 C  C   . LYS A 1 150 ? 3.990   12.798  4.902   1.00 48.92  ? 150 LYS A C   1 
ATOM   1222 O  O   . LYS A 1 150 ? 3.948   13.709  5.726   1.00 53.78  ? 150 LYS A O   1 
ATOM   1223 C  CB  . LYS A 1 150 ? 2.223   13.090  3.171   1.00 50.24  ? 150 LYS A CB  1 
ATOM   1224 C  CG  . LYS A 1 150 ? 1.801   13.112  1.704   1.00 62.22  ? 150 LYS A CG  1 
ATOM   1225 C  CD  . LYS A 1 150 ? 2.525   14.189  0.894   1.00 75.24  ? 150 LYS A CD  1 
ATOM   1226 C  CE  . LYS A 1 150 ? 1.746   15.495  0.830   1.00 70.12  ? 150 LYS A CE  1 
ATOM   1227 N  NZ  . LYS A 1 150 ? 2.447   16.494  -0.032  1.00 71.26  ? 150 LYS A NZ  1 
ATOM   1228 N  N   . PHE A 1 151 ? 4.245   11.537  5.231   1.00 49.53  ? 151 PHE A N   1 
ATOM   1229 C  CA  . PHE A 1 151 ? 4.427   11.131  6.621   1.00 44.94  ? 151 PHE A CA  1 
ATOM   1230 C  C   . PHE A 1 151 ? 5.836   11.419  7.137   1.00 45.89  ? 151 PHE A C   1 
ATOM   1231 O  O   . PHE A 1 151 ? 6.014   11.944  8.240   1.00 47.55  ? 151 PHE A O   1 
ATOM   1232 C  CB  . PHE A 1 151 ? 4.102   9.646   6.785   1.00 41.76  ? 151 PHE A CB  1 
ATOM   1233 C  CG  . PHE A 1 151 ? 4.407   9.108   8.150   1.00 46.48  ? 151 PHE A CG  1 
ATOM   1234 C  CD1 . PHE A 1 151 ? 3.461   9.178   9.165   1.00 41.87  ? 151 PHE A CD1 1 
ATOM   1235 C  CD2 . PHE A 1 151 ? 5.645   8.540   8.423   1.00 44.97  ? 151 PHE A CD2 1 
ATOM   1236 C  CE1 . PHE A 1 151 ? 3.739   8.688   10.420  1.00 43.89  ? 151 PHE A CE1 1 
ATOM   1237 C  CE2 . PHE A 1 151 ? 5.932   8.048   9.677   1.00 45.98  ? 151 PHE A CE2 1 
ATOM   1238 C  CZ  . PHE A 1 151 ? 4.978   8.121   10.680  1.00 51.92  ? 151 PHE A CZ  1 
ATOM   1239 N  N   . PHE A 1 152 ? 6.836   11.055  6.344   1.00 45.99  ? 152 PHE A N   1 
ATOM   1240 C  CA  . PHE A 1 152 ? 8.224   11.314  6.700   1.00 43.46  ? 152 PHE A CA  1 
ATOM   1241 C  C   . PHE A 1 152 ? 8.578   12.769  6.450   1.00 49.02  ? 152 PHE A C   1 
ATOM   1242 O  O   . PHE A 1 152 ? 9.666   13.223  6.805   1.00 48.38  ? 152 PHE A O   1 
ATOM   1243 C  CB  . PHE A 1 152 ? 9.153   10.396  5.915   1.00 41.02  ? 152 PHE A CB  1 
ATOM   1244 C  CG  . PHE A 1 152 ? 9.260   9.023   6.502   1.00 43.67  ? 152 PHE A CG  1 
ATOM   1245 C  CD1 . PHE A 1 152 ? 8.375   8.025   6.131   1.00 40.29  ? 152 PHE A CD1 1 
ATOM   1246 C  CD2 . PHE A 1 152 ? 10.227  8.739   7.449   1.00 39.52  ? 152 PHE A CD2 1 
ATOM   1247 C  CE1 . PHE A 1 152 ? 8.465   6.763   6.681   1.00 42.35  ? 152 PHE A CE1 1 
ATOM   1248 C  CE2 . PHE A 1 152 ? 10.326  7.482   8.004   1.00 47.46  ? 152 PHE A CE2 1 
ATOM   1249 C  CZ  . PHE A 1 152 ? 9.443   6.489   7.623   1.00 47.28  ? 152 PHE A CZ  1 
ATOM   1250 N  N   . LYS A 1 153 ? 7.633   13.487  5.848   1.00 49.96  ? 153 LYS A N   1 
ATOM   1251 C  CA  . LYS A 1 153 ? 7.794   14.891  5.493   1.00 57.50  ? 153 LYS A CA  1 
ATOM   1252 C  C   . LYS A 1 153 ? 8.997   15.112  4.576   1.00 60.08  ? 153 LYS A C   1 
ATOM   1253 O  O   . LYS A 1 153 ? 9.687   16.127  4.676   1.00 58.30  ? 153 LYS A O   1 
ATOM   1254 C  CB  . LYS A 1 153 ? 7.886   15.756  6.756   1.00 57.98  ? 153 LYS A CB  1 
ATOM   1255 C  CG  . LYS A 1 153 ? 6.550   15.948  7.468   1.00 54.12  ? 153 LYS A CG  1 
ATOM   1256 C  CD  . LYS A 1 153 ? 6.758   16.350  8.924   1.00 68.49  ? 153 LYS A CD  1 
ATOM   1257 C  CE  . LYS A 1 153 ? 5.455   16.768  9.594   1.00 72.00  ? 153 LYS A CE  1 
ATOM   1258 N  NZ  . LYS A 1 153 ? 4.451   15.668  9.626   1.00 83.68  ? 153 LYS A NZ  1 
ATOM   1259 N  N   . GLU A 1 154 ? 9.244   14.157  3.681   1.00 51.99  ? 154 GLU A N   1 
ATOM   1260 C  CA  . GLU A 1 154 ? 10.347  14.268  2.730   1.00 48.88  ? 154 GLU A CA  1 
ATOM   1261 C  C   . GLU A 1 154 ? 9.840   14.223  1.298   1.00 50.23  ? 154 GLU A C   1 
ATOM   1262 O  O   . GLU A 1 154 ? 9.186   13.263  0.889   1.00 52.72  ? 154 GLU A O   1 
ATOM   1263 C  CB  . GLU A 1 154 ? 11.378  13.162  2.951   1.00 49.00  ? 154 GLU A CB  1 
ATOM   1264 C  CG  . GLU A 1 154 ? 11.952  13.117  4.353   1.00 48.73  ? 154 GLU A CG  1 
ATOM   1265 C  CD  . GLU A 1 154 ? 12.916  11.963  4.536   1.00 53.03  ? 154 GLU A CD  1 
ATOM   1266 O  OE1 . GLU A 1 154 ? 13.570  11.589  3.535   1.00 45.03  ? 154 GLU A OE1 1 
ATOM   1267 O  OE2 . GLU A 1 154 ? 13.012  11.431  5.671   1.00 48.71  ? 154 GLU A OE2 1 
ATOM   1268 N  N   . GLU A 1 155 ? 10.152  15.268  0.537   1.00 52.86  ? 155 GLU A N   1 
ATOM   1269 C  CA  . GLU A 1 155 ? 9.687   15.396  -0.836  1.00 46.78  ? 155 GLU A CA  1 
ATOM   1270 C  C   . GLU A 1 155 ? 10.348  14.385  -1.746  1.00 45.62  ? 155 GLU A C   1 
ATOM   1271 O  O   . GLU A 1 155 ? 11.563  14.187  -1.692  1.00 46.31  ? 155 GLU A O   1 
ATOM   1272 C  CB  . GLU A 1 155 ? 9.983   16.793  -1.376  1.00 56.90  ? 155 GLU A CB  1 
ATOM   1273 C  CG  . GLU A 1 155 ? 8.997   17.857  -0.947  1.00 75.08  ? 155 GLU A CG  1 
ATOM   1274 C  CD  . GLU A 1 155 ? 9.041   19.065  -1.862  1.00 82.62  ? 155 GLU A CD  1 
ATOM   1275 O  OE1 . GLU A 1 155 ? 9.542   18.926  -3.003  1.00 73.42  ? 155 GLU A OE1 1 
ATOM   1276 O  OE2 . GLU A 1 155 ? 8.580   20.150  -1.443  1.00 85.03  ? 155 GLU A OE2 1 
ATOM   1277 N  N   . ILE A 1 156 ? 9.539   13.755  -2.591  1.00 45.41  ? 156 ILE A N   1 
ATOM   1278 C  CA  . ILE A 1 156 ? 10.055  12.837  -3.591  1.00 42.92  ? 156 ILE A CA  1 
ATOM   1279 C  C   . ILE A 1 156 ? 9.243   12.955  -4.862  1.00 40.87  ? 156 ILE A C   1 
ATOM   1280 O  O   . ILE A 1 156 ? 8.138   13.484  -4.860  1.00 43.81  ? 156 ILE A O   1 
ATOM   1281 C  CB  . ILE A 1 156 ? 9.997   11.367  -3.122  1.00 38.57  ? 156 ILE A CB  1 
ATOM   1282 C  CG1 . ILE A 1 156 ? 8.543   10.948  -2.875  1.00 44.76  ? 156 ILE A CG1 1 
ATOM   1283 C  CG2 . ILE A 1 156 ? 10.878  11.153  -1.893  1.00 34.77  ? 156 ILE A CG2 1 
ATOM   1284 C  CD1 . ILE A 1 156 ? 8.386   9.576   -2.242  1.00 47.34  ? 156 ILE A CD1 1 
ATOM   1285 N  N   . SER A 1 157 ? 9.806   12.466  -5.953  1.00 40.36  ? 157 SER A N   1 
ATOM   1286 C  CA  . SER A 1 157 ? 9.034   12.268  -7.156  1.00 44.87  ? 157 SER A CA  1 
ATOM   1287 C  C   . SER A 1 157 ? 9.022   10.764  -7.389  1.00 47.56  ? 157 SER A C   1 
ATOM   1288 O  O   . SER A 1 157 ? 10.034  10.091  -7.173  1.00 42.63  ? 157 SER A O   1 
ATOM   1289 C  CB  . SER A 1 157 ? 9.658   13.004  -8.342  1.00 41.10  ? 157 SER A CB  1 
ATOM   1290 O  OG  . SER A 1 157 ? 10.635  12.208  -8.991  1.00 55.87  ? 157 SER A OG  1 
ATOM   1291 N  N   . VAL A 1 158 ? 7.874   10.233  -7.796  1.00 38.53  ? 158 VAL A N   1 
ATOM   1292 C  CA  . VAL A 1 158 ? 7.768   8.815   -8.100  1.00 35.04  ? 158 VAL A CA  1 
ATOM   1293 C  C   . VAL A 1 158 ? 7.531   8.598   -9.584  1.00 38.13  ? 158 VAL A C   1 
ATOM   1294 O  O   . VAL A 1 158 ? 6.516   9.031   -10.136 1.00 37.55  ? 158 VAL A O   1 
ATOM   1295 C  CB  . VAL A 1 158 ? 6.632   8.148   -7.306  1.00 38.48  ? 158 VAL A CB  1 
ATOM   1296 C  CG1 . VAL A 1 158 ? 6.628   6.657   -7.568  1.00 34.72  ? 158 VAL A CG1 1 
ATOM   1297 C  CG2 . VAL A 1 158 ? 6.792   8.431   -5.833  1.00 35.36  ? 158 VAL A CG2 1 
ATOM   1298 N  N   . GLU A 1 159 ? 8.472   7.912   -10.220 1.00 38.37  ? 159 GLU A N   1 
ATOM   1299 C  CA  . GLU A 1 159 ? 8.420   7.682   -11.645 1.00 33.34  ? 159 GLU A CA  1 
ATOM   1300 C  C   . GLU A 1 159 ? 8.326   6.188   -11.933 1.00 34.88  ? 159 GLU A C   1 
ATOM   1301 O  O   . GLU A 1 159 ? 9.216   5.418   -11.562 1.00 33.15  ? 159 GLU A O   1 
ATOM   1302 C  CB  . GLU A 1 159 ? 9.679   8.266   -12.297 1.00 36.46  ? 159 GLU A CB  1 
ATOM   1303 C  CG  . GLU A 1 159 ? 9.825   7.980   -13.793 1.00 42.25  ? 159 GLU A CG  1 
ATOM   1304 C  CD  . GLU A 1 159 ? 11.228  8.288   -14.329 1.00 48.52  ? 159 GLU A CD  1 
ATOM   1305 O  OE1 . GLU A 1 159 ? 12.018  8.939   -13.610 1.00 60.78  ? 159 GLU A OE1 1 
ATOM   1306 O  OE2 . GLU A 1 159 ? 11.543  7.879   -15.470 1.00 49.91  ? 159 GLU A OE2 1 
ATOM   1307 N  N   A GLU A 1 160 ? 7.250   5.780   -12.597 0.60 32.86  ? 160 GLU A N   1 
ATOM   1308 N  N   B GLU A 1 160 ? 7.242   5.773   -12.581 0.40 32.86  ? 160 GLU A N   1 
ATOM   1309 C  CA  A GLU A 1 160 ? 7.098   4.393   -13.026 0.60 32.46  ? 160 GLU A CA  1 
ATOM   1310 C  CA  B GLU A 1 160 ? 7.107   4.382   -13.000 0.40 32.42  ? 160 GLU A CA  1 
ATOM   1311 C  C   A GLU A 1 160 ? 7.958   4.146   -14.253 0.60 31.36  ? 160 GLU A C   1 
ATOM   1312 C  C   B GLU A 1 160 ? 7.935   4.132   -14.252 0.40 31.38  ? 160 GLU A C   1 
ATOM   1313 O  O   A GLU A 1 160 ? 7.875   4.877   -15.238 0.60 32.77  ? 160 GLU A O   1 
ATOM   1314 O  O   B GLU A 1 160 ? 7.805   4.847   -15.248 0.40 32.76  ? 160 GLU A O   1 
ATOM   1315 C  CB  A GLU A 1 160 ? 5.632   4.080   -13.357 0.60 29.21  ? 160 GLU A CB  1 
ATOM   1316 C  CB  B GLU A 1 160 ? 5.643   4.008   -13.252 0.40 29.25  ? 160 GLU A CB  1 
ATOM   1317 C  CG  A GLU A 1 160 ? 4.635   4.756   -12.435 0.60 31.51  ? 160 GLU A CG  1 
ATOM   1318 C  CG  B GLU A 1 160 ? 5.478   2.677   -13.967 0.40 28.72  ? 160 GLU A CG  1 
ATOM   1319 C  CD  A GLU A 1 160 ? 3.210   4.642   -12.928 0.60 32.19  ? 160 GLU A CD  1 
ATOM   1320 C  CD  B GLU A 1 160 ? 4.032   2.220   -14.062 0.40 27.47  ? 160 GLU A CD  1 
ATOM   1321 O  OE1 A GLU A 1 160 ? 2.869   3.606   -13.540 0.60 33.61  ? 160 GLU A OE1 1 
ATOM   1322 O  OE1 B GLU A 1 160 ? 3.196   2.706   -13.276 0.40 29.38  ? 160 GLU A OE1 1 
ATOM   1323 O  OE2 A GLU A 1 160 ? 2.429   5.591   -12.701 0.60 35.92  ? 160 GLU A OE2 1 
ATOM   1324 O  OE2 B GLU A 1 160 ? 3.739   1.363   -14.912 0.40 17.54  ? 160 GLU A OE2 1 
ATOM   1325 N  N   . VAL A 1 161 ? 8.777   3.106   -14.203 1.00 27.79  ? 161 VAL A N   1 
ATOM   1326 C  CA  . VAL A 1 161 ? 9.669   2.810   -15.304 1.00 31.03  ? 161 VAL A CA  1 
ATOM   1327 C  C   . VAL A 1 161 ? 9.363   1.471   -15.975 1.00 35.52  ? 161 VAL A C   1 
ATOM   1328 O  O   . VAL A 1 161 ? 9.618   1.306   -17.167 1.00 34.60  ? 161 VAL A O   1 
ATOM   1329 C  CB  . VAL A 1 161 ? 11.135  2.888   -14.851 1.00 36.54  ? 161 VAL A CB  1 
ATOM   1330 C  CG1 . VAL A 1 161 ? 11.409  4.250   -14.243 1.00 36.35  ? 161 VAL A CG1 1 
ATOM   1331 C  CG2 . VAL A 1 161 ? 11.437  1.803   -13.834 1.00 38.38  ? 161 VAL A CG2 1 
ATOM   1332 N  N   . GLU A 1 162 ? 8.807   0.524   -15.218 1.00 29.61  ? 162 GLU A N   1 
ATOM   1333 C  CA  . GLU A 1 162 ? 8.400   -0.757  -15.788 1.00 31.03  ? 162 GLU A CA  1 
ATOM   1334 C  C   . GLU A 1 162 ? 7.081   -1.247  -15.204 1.00 33.06  ? 162 GLU A C   1 
ATOM   1335 O  O   . GLU A 1 162 ? 6.789   -1.030  -14.031 1.00 30.20  ? 162 GLU A O   1 
ATOM   1336 C  CB  . GLU A 1 162 ? 9.458   -1.830  -15.577 1.00 32.87  ? 162 GLU A CB  1 
ATOM   1337 C  CG  . GLU A 1 162 ? 10.801  -1.558  -16.215 1.00 39.39  ? 162 GLU A CG  1 
ATOM   1338 C  CD  . GLU A 1 162 ? 11.864  -2.549  -15.747 1.00 55.08  ? 162 GLU A CD  1 
ATOM   1339 O  OE1 . GLU A 1 162 ? 11.488  -3.609  -15.197 1.00 48.38  ? 162 GLU A OE1 1 
ATOM   1340 O  OE2 . GLU A 1 162 ? 13.070  -2.267  -15.922 1.00 67.44  ? 162 GLU A OE2 1 
ATOM   1341 N  N   . ARG A 1 163 ? 6.283   -1.898  -16.041 1.00 28.85  ? 163 ARG A N   1 
ATOM   1342 C  CA  . ARG A 1 163 ? 5.058   -2.545  -15.593 1.00 32.87  ? 163 ARG A CA  1 
ATOM   1343 C  C   . ARG A 1 163 ? 4.818   -3.751  -16.496 1.00 37.08  ? 163 ARG A C   1 
ATOM   1344 O  O   . ARG A 1 163 ? 5.098   -3.696  -17.693 1.00 34.06  ? 163 ARG A O   1 
ATOM   1345 C  CB  . ARG A 1 163 ? 3.864   -1.579  -15.628 1.00 28.14  ? 163 ARG A CB  1 
ATOM   1346 C  CG  . ARG A 1 163 ? 2.555   -2.205  -15.134 1.00 32.30  ? 163 ARG A CG  1 
ATOM   1347 C  CD  . ARG A 1 163 ? 1.335   -1.294  -15.300 1.00 29.46  ? 163 ARG A CD  1 
ATOM   1348 N  NE  . ARG A 1 163 ? 1.424   -0.100  -14.458 1.00 24.71  ? 163 ARG A NE  1 
ATOM   1349 C  CZ  . ARG A 1 163 ? 0.384   0.500   -13.884 1.00 27.22  ? 163 ARG A CZ  1 
ATOM   1350 N  NH1 . ARG A 1 163 ? -0.848  0.016   -14.033 1.00 28.04  ? 163 ARG A NH1 1 
ATOM   1351 N  NH2 . ARG A 1 163 ? 0.575   1.579   -13.141 1.00 25.07  ? 163 ARG A NH2 1 
ATOM   1352 N  N   . GLY A 1 164 ? 4.321   -4.841  -15.921 1.00 30.38  ? 164 GLY A N   1 
ATOM   1353 C  CA  . GLY A 1 164 ? 4.035   -6.045  -16.685 1.00 35.55  ? 164 GLY A CA  1 
ATOM   1354 C  C   . GLY A 1 164 ? 3.807   -7.286  -15.833 1.00 37.24  ? 164 GLY A C   1 
ATOM   1355 O  O   . GLY A 1 164 ? 4.102   -7.295  -14.635 1.00 34.18  ? 164 GLY A O   1 
ATOM   1356 N  N   . GLU A 1 165 ? 3.279   -8.336  -16.455 1.00 36.98  ? 165 GLU A N   1 
ATOM   1357 C  CA  . GLU A 1 165 ? 3.071   -9.619  -15.791 1.00 41.60  ? 165 GLU A CA  1 
ATOM   1358 C  C   . GLU A 1 165 ? 3.988   -10.648 -16.401 1.00 48.20  ? 165 GLU A C   1 
ATOM   1359 O  O   . GLU A 1 165 ? 4.068   -10.749 -17.623 1.00 50.86  ? 165 GLU A O   1 
ATOM   1360 C  CB  . GLU A 1 165 ? 1.649   -10.121 -16.031 1.00 48.62  ? 165 GLU A CB  1 
ATOM   1361 C  CG  . GLU A 1 165 ? 0.569   -9.463  -15.215 1.00 44.96  ? 165 GLU A CG  1 
ATOM   1362 C  CD  . GLU A 1 165 ? -0.630  -10.383 -15.046 1.00 60.73  ? 165 GLU A CD  1 
ATOM   1363 O  OE1 . GLU A 1 165 ? -0.418  -11.568 -14.680 1.00 58.81  ? 165 GLU A OE1 1 
ATOM   1364 O  OE2 . GLU A 1 165 ? -1.775  -9.929  -15.281 1.00 53.90  ? 165 GLU A OE2 1 
ATOM   1365 N  N   . LYS A 1 166 ? 4.660   -11.432 -15.567 1.00 35.84  ? 166 LYS A N   1 
ATOM   1366 C  CA  . LYS A 1 166 ? 5.411   -12.580 -16.063 1.00 45.46  ? 166 LYS A CA  1 
ATOM   1367 C  C   . LYS A 1 166 ? 5.387   -13.744 -15.068 1.00 45.10  ? 166 LYS A C   1 
ATOM   1368 O  O   . LYS A 1 166 ? 5.613   -13.551 -13.874 1.00 36.58  ? 166 LYS A O   1 
ATOM   1369 C  CB  . LYS A 1 166 ? 6.855   -12.183 -16.391 1.00 51.92  ? 166 LYS A CB  1 
ATOM   1370 C  CG  . LYS A 1 166 ? 6.965   -10.832 -17.099 1.00 71.22  ? 166 LYS A CG  1 
ATOM   1371 C  CD  . LYS A 1 166 ? 8.185   -10.739 -18.010 1.00 89.20  ? 166 LYS A CD  1 
ATOM   1372 C  CE  . LYS A 1 166 ? 8.096   -9.519  -18.929 1.00 86.55  ? 166 LYS A CE  1 
ATOM   1373 N  NZ  . LYS A 1 166 ? 9.220   -9.459  -19.914 1.00 96.67  ? 166 LYS A NZ  1 
ATOM   1374 N  N   . ASP A 1 167 ? 5.099   -14.944 -15.571 1.00 43.08  ? 167 ASP A N   1 
ATOM   1375 C  CA  . ASP A 1 167 ? 5.184   -16.167 -14.775 1.00 40.83  ? 167 ASP A CA  1 
ATOM   1376 C  C   . ASP A 1 167 ? 4.283   -16.135 -13.545 1.00 38.62  ? 167 ASP A C   1 
ATOM   1377 O  O   . ASP A 1 167 ? 4.661   -16.640 -12.490 1.00 36.56  ? 167 ASP A O   1 
ATOM   1378 C  CB  . ASP A 1 167 ? 6.627   -16.412 -14.314 1.00 43.22  ? 167 ASP A CB  1 
ATOM   1379 C  CG  . ASP A 1 167 ? 7.594   -16.622 -15.467 1.00 50.25  ? 167 ASP A CG  1 
ATOM   1380 O  OD1 . ASP A 1 167 ? 7.156   -17.025 -16.571 1.00 44.46  ? 167 ASP A OD1 1 
ATOM   1381 O  OD2 . ASP A 1 167 ? 8.803   -16.383 -15.257 1.00 51.69  ? 167 ASP A OD2 1 
ATOM   1382 N  N   . GLY A 1 168 ? 3.108   -15.528 -13.673 1.00 36.52  ? 168 GLY A N   1 
ATOM   1383 C  CA  . GLY A 1 168 ? 2.158   -15.488 -12.574 1.00 38.98  ? 168 GLY A CA  1 
ATOM   1384 C  C   . GLY A 1 168 ? 2.234   -14.255 -11.689 1.00 36.61  ? 168 GLY A C   1 
ATOM   1385 O  O   . GLY A 1 168 ? 1.361   -14.043 -10.849 1.00 41.69  ? 168 GLY A O   1 
ATOM   1386 N  N   . PHE A 1 169 ? 3.257   -13.430 -11.890 1.00 31.42  ? 169 PHE A N   1 
ATOM   1387 C  CA  . PHE A 1 169 ? 3.511   -12.280 -11.019 1.00 29.65  ? 169 PHE A CA  1 
ATOM   1388 C  C   . PHE A 1 169 ? 3.218   -10.939 -11.686 1.00 34.49  ? 169 PHE A C   1 
ATOM   1389 O  O   . PHE A 1 169 ? 3.619   -10.713 -12.817 1.00 32.22  ? 169 PHE A O   1 
ATOM   1390 C  CB  . PHE A 1 169 ? 4.977   -12.278 -10.562 1.00 30.91  ? 169 PHE A CB  1 
ATOM   1391 C  CG  . PHE A 1 169 ? 5.325   -13.381 -9.599  1.00 38.02  ? 169 PHE A CG  1 
ATOM   1392 C  CD1 . PHE A 1 169 ? 5.870   -14.572 -10.054 1.00 38.09  ? 169 PHE A CD1 1 
ATOM   1393 C  CD2 . PHE A 1 169 ? 5.129   -13.216 -8.239  1.00 35.88  ? 169 PHE A CD2 1 
ATOM   1394 C  CE1 . PHE A 1 169 ? 6.203   -15.587 -9.172  1.00 40.91  ? 169 PHE A CE1 1 
ATOM   1395 C  CE2 . PHE A 1 169 ? 5.455   -14.224 -7.347  1.00 37.94  ? 169 PHE A CE2 1 
ATOM   1396 C  CZ  . PHE A 1 169 ? 5.994   -15.413 -7.815  1.00 39.37  ? 169 PHE A CZ  1 
ATOM   1397 N  N   . SER A 1 170 ? 2.542   -10.046 -10.972 1.00 30.08  ? 170 SER A N   1 
ATOM   1398 C  CA  . SER A 1 170 ? 2.462   -8.659  -11.394 1.00 31.17  ? 170 SER A CA  1 
ATOM   1399 C  C   . SER A 1 170 ? 3.714   -7.924  -10.929 1.00 32.17  ? 170 SER A C   1 
ATOM   1400 O  O   . SER A 1 170 ? 4.157   -8.116  -9.805  1.00 28.97  ? 170 SER A O   1 
ATOM   1401 C  CB  . SER A 1 170 ? 1.219   -7.999  -10.823 1.00 28.16  ? 170 SER A CB  1 
ATOM   1402 O  OG  . SER A 1 170 ? 0.068   -8.561  -11.415 1.00 35.56  ? 170 SER A OG  1 
ATOM   1403 N  N   . ARG A 1 171 ? 4.288   -7.090  -11.794 1.00 23.51  ? 171 ARG A N   1 
ATOM   1404 C  CA  . ARG A 1 171 ? 5.531   -6.389  -11.472 1.00 24.42  ? 171 ARG A CA  1 
ATOM   1405 C  C   . ARG A 1 171 ? 5.521   -4.918  -11.892 1.00 30.26  ? 171 ARG A C   1 
ATOM   1406 O  O   . ARG A 1 171 ? 5.178   -4.566  -13.030 1.00 31.62  ? 171 ARG A O   1 
ATOM   1407 C  CB  . ARG A 1 171 ? 6.737   -7.110  -12.084 1.00 27.57  ? 171 ARG A CB  1 
ATOM   1408 C  CG  . ARG A 1 171 ? 6.696   -8.622  -11.904 1.00 36.29  ? 171 ARG A CG  1 
ATOM   1409 C  CD  . ARG A 1 171 ? 7.873   -9.307  -12.582 1.00 38.44  ? 171 ARG A CD  1 
ATOM   1410 N  NE  . ARG A 1 171 ? 9.098   -9.140  -11.808 1.00 32.73  ? 171 ARG A NE  1 
ATOM   1411 C  CZ  . ARG A 1 171 ? 9.781   -10.140 -11.262 1.00 52.24  ? 171 ARG A CZ  1 
ATOM   1412 N  NH1 . ARG A 1 171 ? 10.884  -9.887  -10.559 1.00 49.63  ? 171 ARG A NH1 1 
ATOM   1413 N  NH2 . ARG A 1 171 ? 9.369   -11.394 -11.424 1.00 51.57  ? 171 ARG A NH2 1 
ATOM   1414 N  N   . LEU A 1 172 ? 5.897   -4.062  -10.957 1.00 25.58  ? 172 LEU A N   1 
ATOM   1415 C  CA  . LEU A 1 172 ? 5.934   -2.632  -11.194 1.00 28.82  ? 172 LEU A CA  1 
ATOM   1416 C  C   . LEU A 1 172 ? 7.184   -2.046  -10.543 1.00 31.64  ? 172 LEU A C   1 
ATOM   1417 O  O   . LEU A 1 172 ? 7.338   -2.059  -9.305  1.00 27.24  ? 172 LEU A O   1 
ATOM   1418 C  CB  . LEU A 1 172 ? 4.661   -1.978  -10.655 1.00 27.11  ? 172 LEU A CB  1 
ATOM   1419 C  CG  . LEU A 1 172 ? 4.500   -0.455  -10.607 1.00 34.49  ? 172 LEU A CG  1 
ATOM   1420 C  CD1 . LEU A 1 172 ? 5.046   0.179   -11.847 1.00 41.56  ? 172 LEU A CD1 1 
ATOM   1421 C  CD2 . LEU A 1 172 ? 3.023   -0.126  -10.488 1.00 34.43  ? 172 LEU A CD2 1 
ATOM   1422 N  N   . LYS A 1 173 ? 8.089   -1.560  -11.386 1.00 29.03  ? 173 LYS A N   1 
ATOM   1423 C  CA  . LYS A 1 173 ? 9.306   -0.902  -10.918 1.00 27.60  ? 173 LYS A CA  1 
ATOM   1424 C  C   . LYS A 1 173 ? 9.152   0.627   -10.971 1.00 30.15  ? 173 LYS A C   1 
ATOM   1425 O  O   . LYS A 1 173 ? 8.819   1.203   -12.009 1.00 32.69  ? 173 LYS A O   1 
ATOM   1426 C  CB  . LYS A 1 173 ? 10.519  -1.375  -11.728 1.00 27.25  ? 173 LYS A CB  1 
ATOM   1427 C  CG  . LYS A 1 173 ? 11.837  -0.745  -11.282 1.00 31.22  ? 173 LYS A CG  1 
ATOM   1428 C  CD  . LYS A 1 173 ? 13.004  -1.296  -12.063 1.00 36.45  ? 173 LYS A CD  1 
ATOM   1429 C  CE  . LYS A 1 173 ? 12.957  -2.801  -12.090 1.00 39.88  ? 173 LYS A CE  1 
ATOM   1430 N  NZ  . LYS A 1 173 ? 14.248  -3.370  -12.541 1.00 48.33  ? 173 LYS A NZ  1 
ATOM   1431 N  N   . VAL A 1 174 ? 9.350   1.274   -9.833  1.00 27.86  ? 174 VAL A N   1 
ATOM   1432 C  CA  . VAL A 1 174 ? 9.344   2.728   -9.766  1.00 28.23  ? 174 VAL A CA  1 
ATOM   1433 C  C   . VAL A 1 174 ? 10.736  3.244   -9.441  1.00 32.68  ? 174 VAL A C   1 
ATOM   1434 O  O   . VAL A 1 174 ? 11.541  2.545   -8.823  1.00 30.51  ? 174 VAL A O   1 
ATOM   1435 C  CB  . VAL A 1 174 ? 8.337   3.277   -8.733  1.00 28.12  ? 174 VAL A CB  1 
ATOM   1436 C  CG1 . VAL A 1 174 ? 6.922   2.970   -9.174  1.00 24.03  ? 174 VAL A CG1 1 
ATOM   1437 C  CG2 . VAL A 1 174 ? 8.621   2.715   -7.299  1.00 25.11  ? 174 VAL A CG2 1 
ATOM   1438 N  N   . ARG A 1 175 ? 11.018  4.461   -9.897  1.00 36.79  ? 175 ARG A N   1 
ATOM   1439 C  CA  . ARG A 1 175 ? 12.231  5.164   -9.524  1.00 32.39  ? 175 ARG A CA  1 
ATOM   1440 C  C   . ARG A 1 175 ? 11.818  6.279   -8.583  1.00 33.62  ? 175 ARG A C   1 
ATOM   1441 O  O   . ARG A 1 175 ? 11.010  7.138   -8.939  1.00 37.30  ? 175 ARG A O   1 
ATOM   1442 C  CB  . ARG A 1 175 ? 12.935  5.732   -10.753 1.00 34.52  ? 175 ARG A CB  1 
ATOM   1443 C  CG  . ARG A 1 175 ? 14.385  6.155   -10.513 1.00 36.08  ? 175 ARG A CG  1 
ATOM   1444 C  CD  . ARG A 1 175 ? 15.018  6.687   -11.807 1.00 44.39  ? 175 ARG A CD  1 
ATOM   1445 N  NE  . ARG A 1 175 ? 16.471  6.834   -11.717 1.00 43.48  ? 175 ARG A NE  1 
ATOM   1446 C  CZ  . ARG A 1 175 ? 17.086  7.946   -11.311 1.00 45.63  ? 175 ARG A CZ  1 
ATOM   1447 N  NH1 . ARG A 1 175 ? 16.374  9.009   -10.944 1.00 35.57  ? 175 ARG A NH1 1 
ATOM   1448 N  NH2 . ARG A 1 175 ? 18.414  7.992   -11.268 1.00 41.42  ? 175 ARG A NH2 1 
ATOM   1449 N  N   . ILE A 1 176 ? 12.345  6.239   -7.365  1.00 34.13  ? 176 ILE A N   1 
ATOM   1450 C  CA  . ILE A 1 176 ? 12.002  7.223   -6.353  1.00 40.64  ? 176 ILE A CA  1 
ATOM   1451 C  C   . ILE A 1 176 ? 13.165  8.196   -6.185  1.00 40.99  ? 176 ILE A C   1 
ATOM   1452 O  O   . ILE A 1 176 ? 14.266  7.799   -5.804  1.00 39.36  ? 176 ILE A O   1 
ATOM   1453 C  CB  . ILE A 1 176 ? 11.656  6.554   -5.004  1.00 36.54  ? 176 ILE A CB  1 
ATOM   1454 C  CG1 . ILE A 1 176 ? 10.433  5.648   -5.165  1.00 34.05  ? 176 ILE A CG1 1 
ATOM   1455 C  CG2 . ILE A 1 176 ? 11.386  7.604   -3.931  1.00 31.99  ? 176 ILE A CG2 1 
ATOM   1456 C  CD1 . ILE A 1 176 ? 10.216  4.702   -3.990  1.00 29.07  ? 176 ILE A CD1 1 
ATOM   1457 N  N   . LYS A 1 177 ? 12.916  9.467   -6.493  1.00 40.39  ? 177 LYS A N   1 
ATOM   1458 C  CA  . LYS A 1 177 ? 13.970  10.473  -6.481  1.00 38.99  ? 177 LYS A CA  1 
ATOM   1459 C  C   . LYS A 1 177 ? 13.725  11.464  -5.358  1.00 34.40  ? 177 LYS A C   1 
ATOM   1460 O  O   . LYS A 1 177 ? 12.631  12.014  -5.230  1.00 37.23  ? 177 LYS A O   1 
ATOM   1461 C  CB  . LYS A 1 177 ? 14.043  11.184  -7.836  1.00 45.09  ? 177 LYS A CB  1 
ATOM   1462 C  CG  . LYS A 1 177 ? 15.018  12.352  -7.900  1.00 43.39  ? 177 LYS A CG  1 
ATOM   1463 C  CD  . LYS A 1 177 ? 14.871  13.092  -9.223  1.00 47.10  ? 177 LYS A CD  1 
ATOM   1464 C  CE  . LYS A 1 177 ? 15.691  14.369  -9.247  1.00 57.57  ? 177 LYS A CE  1 
ATOM   1465 N  NZ  . LYS A 1 177 ? 17.139  14.082  -9.438  1.00 59.80  ? 177 LYS A NZ  1 
ATOM   1466 N  N   . PHE A 1 178 ? 14.743  11.667  -4.529  1.00 39.10  ? 178 PHE A N   1 
ATOM   1467 C  CA  . PHE A 1 178 ? 14.641  12.588  -3.400  1.00 43.45  ? 178 PHE A CA  1 
ATOM   1468 C  C   . PHE A 1 178 ? 15.147  13.979  -3.789  1.00 46.35  ? 178 PHE A C   1 
ATOM   1469 O  O   . PHE A 1 178 ? 16.117  14.103  -4.534  1.00 49.07  ? 178 PHE A O   1 
ATOM   1470 C  CB  . PHE A 1 178 ? 15.450  12.064  -2.211  1.00 41.65  ? 178 PHE A CB  1 
ATOM   1471 C  CG  . PHE A 1 178 ? 14.975  10.735  -1.683  1.00 39.87  ? 178 PHE A CG  1 
ATOM   1472 C  CD1 . PHE A 1 178 ? 15.281  9.557   -2.346  1.00 34.76  ? 178 PHE A CD1 1 
ATOM   1473 C  CD2 . PHE A 1 178 ? 14.248  10.664  -0.507  1.00 41.81  ? 178 PHE A CD2 1 
ATOM   1474 C  CE1 . PHE A 1 178 ? 14.852  8.340   -1.860  1.00 39.26  ? 178 PHE A CE1 1 
ATOM   1475 C  CE2 . PHE A 1 178 ? 13.817  9.443   -0.012  1.00 39.69  ? 178 PHE A CE2 1 
ATOM   1476 C  CZ  . PHE A 1 178 ? 14.120  8.283   -0.690  1.00 35.86  ? 178 PHE A CZ  1 
ATOM   1477 N  N   . LYS A 1 179 ? 14.487  15.020  -3.296  1.00 50.80  ? 179 LYS A N   1 
ATOM   1478 C  CA  . LYS A 1 179 ? 14.955  16.381  -3.532  1.00 58.40  ? 179 LYS A CA  1 
ATOM   1479 C  C   . LYS A 1 179 ? 16.417  16.492  -3.116  1.00 60.69  ? 179 LYS A C   1 
ATOM   1480 O  O   . LYS A 1 179 ? 17.252  16.996  -3.864  1.00 60.47  ? 179 LYS A O   1 
ATOM   1481 C  CB  . LYS A 1 179 ? 14.111  17.395  -2.754  1.00 58.16  ? 179 LYS A CB  1 
ATOM   1482 C  CG  . LYS A 1 179 ? 12.842  17.844  -3.465  1.00 69.75  ? 179 LYS A CG  1 
ATOM   1483 C  CD  . LYS A 1 179 ? 13.119  18.987  -4.429  1.00 75.69  ? 179 LYS A CD  1 
ATOM   1484 C  CE  . LYS A 1 179 ? 11.826  19.649  -4.900  1.00 85.85  ? 179 LYS A CE  1 
ATOM   1485 N  NZ  . LYS A 1 179 ? 12.070  20.877  -5.721  1.00 77.51  ? 179 LYS A NZ  1 
ATOM   1486 N  N   . ASN A 1 180 ? 16.721  16.004  -1.917  1.00 58.40  ? 180 ASN A N   1 
ATOM   1487 C  CA  . ASN A 1 180 ? 18.082  16.043  -1.403  1.00 55.39  ? 180 ASN A CA  1 
ATOM   1488 C  C   . ASN A 1 180 ? 18.726  14.670  -1.464  1.00 55.29  ? 180 ASN A C   1 
ATOM   1489 O  O   . ASN A 1 180 ? 18.079  13.672  -1.160  1.00 58.24  ? 180 ASN A O   1 
ATOM   1490 C  CB  . ASN A 1 180 ? 18.074  16.556  0.034   1.00 58.91  ? 180 ASN A CB  1 
ATOM   1491 C  CG  . ASN A 1 180 ? 17.295  17.849  0.181   1.00 66.53  ? 180 ASN A CG  1 
ATOM   1492 O  OD1 . ASN A 1 180 ? 17.485  18.791  -0.593  1.00 68.81  ? 180 ASN A OD1 1 
ATOM   1493 N  ND2 . ASN A 1 180 ? 16.412  17.904  1.176   1.00 57.95  ? 180 ASN A ND2 1 
ATOM   1494 N  N   . PRO A 1 181 ? 20.006  14.613  -1.856  1.00 52.26  ? 181 PRO A N   1 
ATOM   1495 C  CA  . PRO A 1 181 ? 20.727  13.342  -1.978  1.00 44.69  ? 181 PRO A CA  1 
ATOM   1496 C  C   . PRO A 1 181 ? 20.637  12.528  -0.692  1.00 45.10  ? 181 PRO A C   1 
ATOM   1497 O  O   . PRO A 1 181 ? 20.404  13.093  0.372   1.00 41.66  ? 181 PRO A O   1 
ATOM   1498 C  CB  . PRO A 1 181 ? 22.176  13.790  -2.223  1.00 49.29  ? 181 PRO A CB  1 
ATOM   1499 C  CG  . PRO A 1 181 ? 22.213  15.220  -1.758  1.00 53.42  ? 181 PRO A CG  1 
ATOM   1500 C  CD  . PRO A 1 181 ? 20.884  15.751  -2.166  1.00 53.39  ? 181 PRO A CD  1 
ATOM   1501 N  N   . VAL A 1 182 ? 20.818  11.216  -0.793  1.00 42.07  ? 182 VAL A N   1 
ATOM   1502 C  CA  . VAL A 1 182 ? 20.682  10.340  0.365   1.00 43.28  ? 182 VAL A CA  1 
ATOM   1503 C  C   . VAL A 1 182 ? 21.803  9.305   0.429   1.00 39.83  ? 182 VAL A C   1 
ATOM   1504 O  O   . VAL A 1 182 ? 22.028  8.682   1.470   1.00 42.99  ? 182 VAL A O   1 
ATOM   1505 C  CB  . VAL A 1 182 ? 19.303  9.625   0.378   1.00 44.33  ? 182 VAL A CB  1 
ATOM   1506 C  CG1 . VAL A 1 182 ? 18.197  10.610  0.733   1.00 37.23  ? 182 VAL A CG1 1 
ATOM   1507 C  CG2 . VAL A 1 182 ? 19.028  8.956   -0.968  1.00 37.19  ? 182 VAL A CG2 1 
ATOM   1508 N  N   . PHE A 1 183 ? 22.496  9.117   -0.691  1.00 37.46  ? 183 PHE A N   1 
ATOM   1509 C  CA  . PHE A 1 183 ? 23.652  8.228   -0.740  1.00 37.49  ? 183 PHE A CA  1 
ATOM   1510 C  C   . PHE A 1 183 ? 24.909  8.984   -1.141  1.00 43.34  ? 183 PHE A C   1 
ATOM   1511 O  O   . PHE A 1 183 ? 24.853  10.052  -1.765  1.00 38.00  ? 183 PHE A O   1 
ATOM   1512 C  CB  . PHE A 1 183 ? 23.454  7.072   -1.739  1.00 37.55  ? 183 PHE A CB  1 
ATOM   1513 C  CG  . PHE A 1 183 ? 22.171  6.310   -1.554  1.00 45.40  ? 183 PHE A CG  1 
ATOM   1514 C  CD1 . PHE A 1 183 ? 21.994  5.470   -0.465  1.00 47.49  ? 183 PHE A CD1 1 
ATOM   1515 C  CD2 . PHE A 1 183 ? 21.145  6.426   -2.477  1.00 39.37  ? 183 PHE A CD2 1 
ATOM   1516 C  CE1 . PHE A 1 183 ? 20.813  4.765   -0.297  1.00 45.26  ? 183 PHE A CE1 1 
ATOM   1517 C  CE2 . PHE A 1 183 ? 19.962  5.730   -2.311  1.00 37.91  ? 183 PHE A CE2 1 
ATOM   1518 C  CZ  . PHE A 1 183 ? 19.797  4.898   -1.220  1.00 40.77  ? 183 PHE A CZ  1 
ATOM   1519 N  N   . GLU A 1 184 ? 26.046  8.407   -0.768  1.00 39.57  ? 184 GLU A N   1 
ATOM   1520 C  CA  . GLU A 1 184 ? 27.321  8.764   -1.362  1.00 42.83  ? 184 GLU A CA  1 
ATOM   1521 C  C   . GLU A 1 184 ? 27.964  7.471   -1.835  1.00 39.37  ? 184 GLU A C   1 
ATOM   1522 O  O   . GLU A 1 184 ? 27.592  6.384   -1.384  1.00 42.16  ? 184 GLU A O   1 
ATOM   1523 C  CB  . GLU A 1 184 ? 28.214  9.508   -0.360  1.00 44.04  ? 184 GLU A CB  1 
ATOM   1524 C  CG  . GLU A 1 184 ? 28.234  8.914   1.037   1.00 47.53  ? 184 GLU A CG  1 
ATOM   1525 C  CD  . GLU A 1 184 ? 29.051  9.752   2.014   1.00 63.85  ? 184 GLU A CD  1 
ATOM   1526 O  OE1 . GLU A 1 184 ? 29.335  9.269   3.138   1.00 58.20  ? 184 GLU A OE1 1 
ATOM   1527 O  OE2 . GLU A 1 184 ? 29.415  10.891  1.651   1.00 65.27  ? 184 GLU A OE2 1 
ATOM   1528 N  N   . TYR A 1 185 ? 28.899  7.578   -2.771  1.00 36.07  ? 185 TYR A N   1 
ATOM   1529 C  CA  . TYR A 1 185 ? 29.631  6.410   -3.224  1.00 40.49  ? 185 TYR A CA  1 
ATOM   1530 C  C   . TYR A 1 185 ? 30.702  6.092   -2.191  1.00 43.91  ? 185 TYR A C   1 
ATOM   1531 O  O   . TYR A 1 185 ? 31.213  6.988   -1.526  1.00 52.78  ? 185 TYR A O   1 
ATOM   1532 C  CB  . TYR A 1 185 ? 30.256  6.654   -4.605  1.00 39.50  ? 185 TYR A CB  1 
ATOM   1533 C  CG  . TYR A 1 185 ? 29.243  6.825   -5.721  1.00 44.32  ? 185 TYR A CG  1 
ATOM   1534 C  CD1 . TYR A 1 185 ? 28.727  5.720   -6.392  1.00 46.94  ? 185 TYR A CD1 1 
ATOM   1535 C  CD2 . TYR A 1 185 ? 28.805  8.091   -6.109  1.00 43.00  ? 185 TYR A CD2 1 
ATOM   1536 C  CE1 . TYR A 1 185 ? 27.793  5.870   -7.418  1.00 45.97  ? 185 TYR A CE1 1 
ATOM   1537 C  CE2 . TYR A 1 185 ? 27.873  8.249   -7.134  1.00 42.80  ? 185 TYR A CE2 1 
ATOM   1538 C  CZ  . TYR A 1 185 ? 27.373  7.132   -7.783  1.00 44.33  ? 185 TYR A CZ  1 
ATOM   1539 O  OH  . TYR A 1 185 ? 26.444  7.274   -8.795  1.00 51.46  ? 185 TYR A OH  1 
ATOM   1540 N  N   . LYS A 1 186 ? 31.015  4.812   -2.040  1.00 41.77  ? 186 LYS A N   1 
ATOM   1541 C  CA  . LYS A 1 186 ? 32.075  4.376   -1.145  1.00 44.51  ? 186 LYS A CA  1 
ATOM   1542 C  C   . LYS A 1 186 ? 32.781  3.207   -1.800  1.00 48.26  ? 186 LYS A C   1 
ATOM   1543 O  O   . LYS A 1 186 ? 32.141  2.381   -2.459  1.00 42.04  ? 186 LYS A O   1 
ATOM   1544 C  CB  . LYS A 1 186 ? 31.501  3.951   0.206   1.00 53.02  ? 186 LYS A CB  1 
ATOM   1545 C  CG  . LYS A 1 186 ? 31.026  5.109   1.068   1.00 56.81  ? 186 LYS A CG  1 
ATOM   1546 C  CD  . LYS A 1 186 ? 32.201  5.774   1.774   1.00 66.82  ? 186 LYS A CD  1 
ATOM   1547 C  CE  . LYS A 1 186 ? 31.784  7.057   2.478   1.00 62.11  ? 186 LYS A CE  1 
ATOM   1548 N  NZ  . LYS A 1 186 ? 31.474  8.145   1.509   1.00 63.74  ? 186 LYS A NZ  1 
ATOM   1549 N  N   . LYS A 1 187 ? 34.100  3.142   -1.644  1.00 45.88  ? 187 LYS A N   1 
ATOM   1550 C  CA  . LYS A 1 187 ? 34.851  2.050   -2.247  1.00 47.50  ? 187 LYS A CA  1 
ATOM   1551 C  C   . LYS A 1 187 ? 34.286  0.712   -1.795  1.00 48.91  ? 187 LYS A C   1 
ATOM   1552 O  O   . LYS A 1 187 ? 33.803  0.583   -0.674  1.00 53.71  ? 187 LYS A O   1 
ATOM   1553 C  CB  . LYS A 1 187 ? 36.339  2.135   -1.898  1.00 49.13  ? 187 LYS A CB  1 
ATOM   1554 C  CG  . LYS A 1 187 ? 37.210  2.722   -3.005  1.00 55.92  ? 187 LYS A CG  1 
ATOM   1555 C  CD  . LYS A 1 187 ? 37.263  4.235   -2.934  1.00 53.27  ? 187 LYS A CD  1 
ATOM   1556 C  CE  . LYS A 1 187 ? 37.955  4.690   -1.658  1.00 55.84  ? 187 LYS A CE  1 
ATOM   1557 N  NZ  . LYS A 1 187 ? 39.230  3.968   -1.458  1.00 49.76  ? 187 LYS A NZ  1 
ATOM   1558 N  N   . ASN A 1 188 ? 34.342  -0.273  -2.685  1.00 54.03  ? 188 ASN A N   1 
ATOM   1559 C  CA  . ASN A 1 188 ? 33.969  -1.645  -2.362  1.00 53.51  ? 188 ASN A CA  1 
ATOM   1560 C  C   . ASN A 1 188 ? 34.775  -2.216  -1.205  1.00 55.73  ? 188 ASN A C   1 
ATOM   1561 O  O   . ASN A 1 188 ? 35.922  -2.620  -1.385  1.00 62.89  ? 188 ASN A O   1 
ATOM   1562 C  CB  . ASN A 1 188 ? 34.146  -2.532  -3.590  1.00 58.30  ? 188 ASN A CB  1 
ATOM   1563 C  CG  . ASN A 1 188 ? 32.972  -2.454  -4.521  1.00 53.26  ? 188 ASN A CG  1 
ATOM   1564 O  OD1 . ASN A 1 188 ? 31.924  -1.922  -4.155  1.00 59.20  ? 188 ASN A OD1 1 
ATOM   1565 N  ND2 . ASN A 1 188 ? 33.125  -2.988  -5.727  1.00 45.16  ? 188 ASN A ND2 1 
HETATM 1566 C  CHA . HEM B 2 .   ? 0.123   -5.821  1.876   1.00 29.00  ? 500 HEM A CHA 1 
HETATM 1567 C  CHB . HEM B 2 .   ? 2.929   -2.336  -0.021  1.00 23.43  ? 500 HEM A CHB 1 
HETATM 1568 C  CHC . HEM B 2 .   ? 4.583   -1.120  4.349   1.00 28.81  ? 500 HEM A CHC 1 
HETATM 1569 C  CHD . HEM B 2 .   ? 2.151   -4.863  6.249   1.00 27.75  ? 500 HEM A CHD 1 
HETATM 1570 C  C1A . HEM B 2 .   ? 0.632   -4.884  0.990   1.00 29.81  ? 500 HEM A C1A 1 
HETATM 1571 C  C2A . HEM B 2 .   ? 0.135   -4.575  -0.339  1.00 26.56  ? 500 HEM A C2A 1 
HETATM 1572 C  C3A . HEM B 2 .   ? 0.925   -3.616  -0.854  1.00 29.45  ? 500 HEM A C3A 1 
HETATM 1573 C  C4A . HEM B 2 .   ? 1.931   -3.277  0.134   1.00 27.27  ? 500 HEM A C4A 1 
HETATM 1574 C  CMA . HEM B 2 .   ? 0.815   -2.935  -2.240  1.00 25.46  ? 500 HEM A CMA 1 
HETATM 1575 C  CAA . HEM B 2 .   ? -1.082  -5.236  -1.032  1.00 21.54  ? 500 HEM A CAA 1 
HETATM 1576 C  CBA . HEM B 2 .   ? -0.771  -6.690  -1.350  1.00 26.57  ? 500 HEM A CBA 1 
HETATM 1577 C  CGA . HEM B 2 .   ? -0.258  -6.774  -2.765  1.00 27.53  ? 500 HEM A CGA 1 
HETATM 1578 O  O1A . HEM B 2 .   ? -0.532  -5.842  -3.566  1.00 26.51  ? 500 HEM A O1A 1 
HETATM 1579 O  O2A . HEM B 2 .   ? 0.438   -7.770  -3.099  1.00 28.67  ? 500 HEM A O2A 1 
HETATM 1580 C  C1B . HEM B 2 .   ? 3.610   -1.675  0.979   1.00 28.81  ? 500 HEM A C1B 1 
HETATM 1581 C  C2B . HEM B 2 .   ? 4.478   -0.525  0.823   1.00 28.68  ? 500 HEM A C2B 1 
HETATM 1582 C  C3B . HEM B 2 .   ? 4.941   -0.188  2.038   1.00 27.94  ? 500 HEM A C3B 1 
HETATM 1583 C  C4B . HEM B 2 .   ? 4.363   -1.114  2.994   1.00 34.36  ? 500 HEM A C4B 1 
HETATM 1584 C  CMB . HEM B 2 .   ? 4.809   0.156   -0.524  1.00 24.82  ? 500 HEM A CMB 1 
HETATM 1585 C  CAB . HEM B 2 .   ? 5.897   0.960   2.447   1.00 27.05  ? 500 HEM A CAB 1 
HETATM 1586 C  CBB . HEM B 2 .   ? 6.118   2.039   1.689   1.00 34.29  ? 500 HEM A CBB 1 
HETATM 1587 C  C1C . HEM B 2 .   ? 4.083   -2.044  5.240   1.00 30.71  ? 500 HEM A C1C 1 
HETATM 1588 C  C2C . HEM B 2 .   ? 4.353   -2.065  6.657   1.00 35.50  ? 500 HEM A C2C 1 
HETATM 1589 C  C3C . HEM B 2 .   ? 3.692   -3.092  7.200   1.00 33.68  ? 500 HEM A C3C 1 
HETATM 1590 C  C4C . HEM B 2 .   ? 2.965   -3.759  6.133   1.00 29.89  ? 500 HEM A C4C 1 
HETATM 1591 C  CMC . HEM B 2 .   ? 5.258   -1.063  7.402   1.00 26.63  ? 500 HEM A CMC 1 
HETATM 1592 C  CAC . HEM B 2 .   ? 3.738   -3.452  8.705   1.00 35.09  ? 500 HEM A CAC 1 
HETATM 1593 C  CBC . HEM B 2 .   ? 3.150   -4.544  9.190   1.00 36.28  ? 500 HEM A CBC 1 
HETATM 1594 C  C1D . HEM B 2 .   ? 1.352   -5.422  5.279   1.00 30.41  ? 500 HEM A C1D 1 
HETATM 1595 C  C2D . HEM B 2 .   ? 0.361   -6.440  5.539   1.00 31.20  ? 500 HEM A C2D 1 
HETATM 1596 C  C3D . HEM B 2 .   ? -0.266  -6.747  4.182   1.00 30.29  ? 500 HEM A C3D 1 
HETATM 1597 C  C4D . HEM B 2 .   ? 0.396   -5.880  3.227   1.00 33.10  ? 500 HEM A C4D 1 
HETATM 1598 C  CMD . HEM B 2 .   ? 0.008   -7.086  6.895   1.00 25.57  ? 500 HEM A CMD 1 
HETATM 1599 C  CAD . HEM B 2 .   ? -1.385  -7.758  3.913   1.00 25.55  ? 500 HEM A CAD 1 
HETATM 1600 C  CBD . HEM B 2 .   ? -0.729  -9.048  3.447   1.00 26.87  ? 500 HEM A CBD 1 
HETATM 1601 C  CGD . HEM B 2 .   ? -1.815  -10.071 3.265   1.00 29.36  ? 500 HEM A CGD 1 
HETATM 1602 O  O1D . HEM B 2 .   ? -1.538  -11.122 2.653   1.00 30.93  ? 500 HEM A O1D 1 
HETATM 1603 O  O2D . HEM B 2 .   ? -2.957  -9.841  3.728   1.00 32.64  ? 500 HEM A O2D 1 
HETATM 1604 N  NA  . HEM B 2 .   ? 1.720   -4.069  1.246   1.00 30.24  ? 500 HEM A NA  1 
HETATM 1605 N  NB  . HEM B 2 .   ? 3.569   -2.011  2.319   1.00 31.77  ? 500 HEM A NB  1 
HETATM 1606 N  NC  . HEM B 2 .   ? 3.236   -3.095  4.953   1.00 29.68  ? 500 HEM A NC  1 
HETATM 1607 N  ND  . HEM B 2 .   ? 1.341   -5.119  3.910   1.00 28.19  ? 500 HEM A ND  1 
HETATM 1608 FE FE  . HEM B 2 .   ? 2.512   -3.607  3.154   1.00 25.29  ? 500 HEM A FE  1 
HETATM 1609 O  O1  . OXY C 3 .   ? 0.540   -1.911  3.776   1.00 41.55  ? 501 OXY A O1  1 
HETATM 1610 O  O2  . OXY C 3 .   ? -0.114  -1.352  2.897   1.00 34.34  ? 501 OXY A O2  1 
HETATM 1611 S  S   . SO4 D 4 .   ? 16.536  5.296   10.602  1.00 57.39  ? 189 SO4 A S   1 
HETATM 1612 O  O1  . SO4 D 4 .   ? 15.708  4.093   10.579  1.00 58.63  ? 189 SO4 A O1  1 
HETATM 1613 O  O2  . SO4 D 4 .   ? 16.110  6.179   11.681  1.00 55.57  ? 189 SO4 A O2  1 
HETATM 1614 O  O3  . SO4 D 4 .   ? 17.926  4.891   10.785  1.00 58.63  ? 189 SO4 A O3  1 
HETATM 1615 O  O4  . SO4 D 4 .   ? 16.390  6.015   9.345   1.00 58.76  ? 189 SO4 A O4  1 
HETATM 1616 O  O   . HOH E 5 .   ? 0.213   -10.162 -2.024  1.00 29.47  ? 190 HOH A O   1 
HETATM 1617 O  O   . HOH E 5 .   ? 12.671  -2.659  0.389   1.00 28.50  ? 191 HOH A O   1 
HETATM 1618 O  O   . HOH E 5 .   ? -3.662  -12.867 2.571   1.00 34.10  ? 192 HOH A O   1 
HETATM 1619 O  O   . HOH E 5 .   ? -5.653  -14.137 4.604   1.00 32.72  ? 193 HOH A O   1 
HETATM 1620 O  O   . HOH E 5 .   ? -4.640  -1.292  -6.583  1.00 28.06  ? 194 HOH A O   1 
HETATM 1621 O  O   . HOH E 5 .   ? 14.578  -4.997  2.865   1.00 28.44  ? 195 HOH A O   1 
HETATM 1622 O  O   . HOH E 5 .   ? 14.955  -3.986  -0.450  1.00 29.26  ? 196 HOH A O   1 
HETATM 1623 O  O   . HOH E 5 .   ? 15.606  9.799   3.465   1.00 37.68  ? 197 HOH A O   1 
HETATM 1624 O  O   . HOH E 5 .   ? 9.547   6.414   -16.942 1.00 34.70  ? 198 HOH A O   1 
HETATM 1625 O  O   . HOH E 5 .   ? 5.564   -11.976 -4.574  1.00 34.40  ? 199 HOH A O   1 
HETATM 1626 O  O   . HOH E 5 .   ? -10.060 -15.751 10.283  1.00 35.57  ? 200 HOH A O   1 
HETATM 1627 O  O   . HOH E 5 .   ? 2.196   -16.954 4.336   1.00 39.47  ? 201 HOH A O   1 
HETATM 1628 O  O   . HOH E 5 .   ? -14.812 -9.203  12.108  1.00 43.16  ? 202 HOH A O   1 
HETATM 1629 O  O   . HOH E 5 .   ? 6.896   -11.139 1.078   1.00 33.64  ? 203 HOH A O   1 
HETATM 1630 O  O   . HOH E 5 .   ? 5.582   7.884   -13.631 1.00 33.93  ? 204 HOH A O   1 
HETATM 1631 O  O   . HOH E 5 .   ? -5.103  5.937   -11.963 1.00 58.87  ? 205 HOH A O   1 
HETATM 1632 O  O   . HOH E 5 .   ? -4.910  -1.057  -9.266  1.00 36.72  ? 206 HOH A O   1 
HETATM 1633 O  O   . HOH E 5 .   ? -5.229  -8.249  -7.007  1.00 32.94  ? 207 HOH A O   1 
HETATM 1634 O  O   . HOH E 5 .   ? -3.910  -2.963  -10.338 1.00 34.80  ? 208 HOH A O   1 
HETATM 1635 O  O   . HOH E 5 .   ? -3.663  0.129   -12.932 1.00 42.42  ? 209 HOH A O   1 
HETATM 1636 O  O   . HOH E 5 .   ? -13.018 -3.794  -7.286  1.00 32.62  ? 210 HOH A O   1 
HETATM 1637 O  O   . HOH E 5 .   ? 8.037   -13.096 -12.876 1.00 48.06  ? 211 HOH A O   1 
HETATM 1638 O  O   . HOH E 5 .   ? -1.869  2.945   -12.717 1.00 42.89  ? 212 HOH A O   1 
HETATM 1639 O  O   . HOH E 5 .   ? 29.852  10.460  -3.319  1.00 41.05  ? 213 HOH A O   1 
HETATM 1640 O  O   . HOH E 5 .   ? 0.580   -5.749  -15.861 1.00 36.16  ? 214 HOH A O   1 
HETATM 1641 O  O   . HOH E 5 .   ? -20.395 -8.937  9.470   1.00 51.05  ? 215 HOH A O   1 
HETATM 1642 O  O   . HOH E 5 .   ? -19.862 -5.409  -5.988  1.00 48.02  ? 216 HOH A O   1 
HETATM 1643 O  O   . HOH E 5 .   ? -14.371 -12.897 4.674   1.00 39.86  ? 217 HOH A O   1 
HETATM 1644 O  O   . HOH E 5 .   ? 9.444   -4.472  -13.539 1.00 38.55  ? 218 HOH A O   1 
HETATM 1645 O  O   . HOH E 5 .   ? -0.392  -13.877 -2.533  1.00 45.47  ? 219 HOH A O   1 
HETATM 1646 O  O   . HOH E 5 .   ? 13.259  -13.322 12.611  1.00 42.07  ? 220 HOH A O   1 
HETATM 1647 O  O   . HOH E 5 .   ? 4.086   -12.217 -2.579  1.00 39.50  ? 221 HOH A O   1 
HETATM 1648 O  O   . HOH E 5 .   ? -7.629  -10.126 18.086  1.00 30.93  ? 222 HOH A O   1 
HETATM 1649 O  O   . HOH E 5 .   ? -12.175 -0.332  9.987   1.00 42.76  ? 223 HOH A O   1 
HETATM 1650 O  O   . HOH E 5 .   ? 7.112   -13.567 -0.206  1.00 41.36  ? 224 HOH A O   1 
HETATM 1651 O  O   . HOH E 5 .   ? 8.183   -19.700 9.030   0.50 37.02  ? 225 HOH A O   1 
HETATM 1652 O  O   . HOH E 5 .   ? 1.696   -13.913 -15.748 1.00 46.69  ? 226 HOH A O   1 
HETATM 1653 O  O   . HOH E 5 .   ? -4.328  -2.362  -13.175 1.00 35.67  ? 227 HOH A O   1 
HETATM 1654 O  O   . HOH E 5 .   ? 23.073  5.156   8.946   1.00 59.77  ? 228 HOH A O   1 
HETATM 1655 O  O   . HOH E 5 .   ? 24.417  10.252  -8.821  1.00 42.39  ? 229 HOH A O   1 
HETATM 1656 O  O   . HOH E 5 .   ? 1.475   -11.984 -3.625  1.00 34.24  ? 230 HOH A O   1 
HETATM 1657 O  O   . HOH E 5 .   ? -14.068 1.670   9.823   1.00 41.90  ? 231 HOH A O   1 
HETATM 1658 O  O   . HOH E 5 .   ? -7.498  -11.333 15.312  1.00 40.41  ? 232 HOH A O   1 
HETATM 1659 O  O   . HOH E 5 .   ? 0.867   9.816   4.965   1.00 42.34  ? 233 HOH A O   1 
HETATM 1660 O  O   . HOH E 5 .   ? 2.569   -7.995  -19.474 1.00 42.92  ? 234 HOH A O   1 
HETATM 1661 O  O   . HOH E 5 .   ? 13.887  15.117  -0.241  1.00 49.11  ? 235 HOH A O   1 
HETATM 1662 O  O   . HOH E 5 .   ? -16.021 -14.693 -2.074  1.00 42.80  ? 236 HOH A O   1 
HETATM 1663 O  O   . HOH E 5 .   ? 10.777  -7.119  -5.367  1.00 39.46  ? 237 HOH A O   1 
HETATM 1664 O  O   . HOH E 5 .   ? 12.633  -12.343 7.236   1.00 53.79  ? 238 HOH A O   1 
# 
loop_
_pdbx_poly_seq_scheme.asym_id 
_pdbx_poly_seq_scheme.entity_id 
_pdbx_poly_seq_scheme.seq_id 
_pdbx_poly_seq_scheme.mon_id 
_pdbx_poly_seq_scheme.ndb_seq_num 
_pdbx_poly_seq_scheme.pdb_seq_num 
_pdbx_poly_seq_scheme.auth_seq_num 
_pdbx_poly_seq_scheme.pdb_mon_id 
_pdbx_poly_seq_scheme.auth_mon_id 
_pdbx_poly_seq_scheme.pdb_strand_id 
_pdbx_poly_seq_scheme.pdb_ins_code 
_pdbx_poly_seq_scheme.hetero 
A 1 1   MET 1   1   1   MET MET A . n 
A 1 2   LYS 2   2   2   LYS LYS A . n 
A 1 3   GLY 3   3   3   GLY GLY A . n 
A 1 4   THR 4   4   4   THR THR A . n 
A 1 5   ILE 5   5   5   ILE ILE A . n 
A 1 6   VAL 6   6   6   VAL VAL A . n 
A 1 7   GLY 7   7   7   GLY GLY A . n 
A 1 8   THR 8   8   8   THR THR A . n 
A 1 9   TRP 9   9   9   TRP TRP A . n 
A 1 10  ILE 10  10  10  ILE ILE A . n 
A 1 11  LYS 11  11  11  LYS LYS A . n 
A 1 12  THR 12  12  12  THR THR A . n 
A 1 13  LEU 13  13  13  LEU LEU A . n 
A 1 14  ARG 14  14  14  ARG ARG A . n 
A 1 15  ASP 15  15  15  ASP ASP A . n 
A 1 16  LEU 16  16  16  LEU LEU A . n 
A 1 17  TYR 17  17  17  TYR TYR A . n 
A 1 18  GLY 18  18  18  GLY GLY A . n 
A 1 19  ASN 19  19  19  ASN ASN A . n 
A 1 20  ASP 20  20  20  ASP ASP A . n 
A 1 21  VAL 21  21  21  VAL VAL A . n 
A 1 22  VAL 22  22  22  VAL VAL A . n 
A 1 23  ASP 23  23  23  ASP ASP A . n 
A 1 24  GLU 24  24  24  GLU GLU A . n 
A 1 25  SER 25  25  25  SER SER A . n 
A 1 26  LEU 26  26  26  LEU LEU A . n 
A 1 27  LYS 27  27  27  LYS LYS A . n 
A 1 28  SER 28  28  28  SER SER A . n 
A 1 29  VAL 29  29  29  VAL VAL A . n 
A 1 30  GLY 30  30  30  GLY GLY A . n 
A 1 31  TRP 31  31  31  TRP TRP A . n 
A 1 32  GLU 32  32  32  GLU GLU A . n 
A 1 33  PRO 33  33  33  PRO PRO A . n 
A 1 34  ASP 34  34  34  ASP ASP A . n 
A 1 35  ARG 35  35  35  ARG ARG A . n 
A 1 36  VAL 36  36  36  VAL VAL A . n 
A 1 37  ILE 37  37  37  ILE ILE A . n 
A 1 38  THR 38  38  38  THR THR A . n 
A 1 39  PRO 39  39  39  PRO PRO A . n 
A 1 40  LEU 40  40  40  LEU LEU A . n 
A 1 41  GLU 41  41  41  GLU GLU A . n 
A 1 42  ASP 42  42  42  ASP ASP A . n 
A 1 43  ILE 43  43  43  ILE ILE A . n 
A 1 44  ASP 44  44  44  ASP ASP A . n 
A 1 45  ASP 45  45  45  ASP ASP A . n 
A 1 46  ASP 46  46  46  ASP ASP A . n 
A 1 47  GLU 47  47  47  GLU GLU A . n 
A 1 48  VAL 48  48  48  VAL VAL A . n 
A 1 49  ARG 49  49  49  ARG ARG A . n 
A 1 50  ARG 50  50  50  ARG ARG A . n 
A 1 51  ILE 51  51  51  ILE ILE A . n 
A 1 52  PHE 52  52  52  PHE PHE A . n 
A 1 53  ALA 53  53  53  ALA ALA A . n 
A 1 54  LYS 54  54  54  LYS LYS A . n 
A 1 55  VAL 55  55  55  VAL VAL A . n 
A 1 56  SER 56  56  56  SER SER A . n 
A 1 57  GLU 57  57  57  GLU GLU A . n 
A 1 58  LYS 58  58  58  LYS LYS A . n 
A 1 59  THR 59  59  59  THR THR A . n 
A 1 60  GLY 60  60  60  GLY GLY A . n 
A 1 61  LYS 61  61  61  LYS LYS A . n 
A 1 62  ASN 62  62  62  ASN ASN A . n 
A 1 63  VAL 63  63  63  VAL VAL A . n 
A 1 64  ASN 64  64  64  ASN ASN A . n 
A 1 65  GLU 65  65  65  GLU GLU A . n 
A 1 66  ILE 66  66  66  ILE ILE A . n 
A 1 67  TRP 67  67  67  TRP TRP A . n 
A 1 68  ARG 68  68  68  ARG ARG A . n 
A 1 69  GLU 69  69  69  GLU GLU A . n 
A 1 70  VAL 70  70  70  VAL VAL A . n 
A 1 71  GLY 71  71  71  GLY GLY A . n 
A 1 72  ARG 72  72  72  ARG ARG A . n 
A 1 73  GLN 73  73  73  GLN GLN A . n 
A 1 74  ASN 74  74  74  ASN ASN A . n 
A 1 75  PHE 75  75  75  PHE PHE A . n 
A 1 76  LYS 76  76  76  LYS LYS A . n 
A 1 77  THR 77  77  77  THR THR A . n 
A 1 78  PHE 78  78  78  PHE PHE A . n 
A 1 79  SER 79  79  79  SER SER A . n 
A 1 80  GLU 80  80  80  GLU GLU A . n 
A 1 81  TRP 81  81  81  TRP TRP A . n 
A 1 82  PHE 82  82  82  PHE PHE A . n 
A 1 83  PRO 83  83  83  PRO PRO A . n 
A 1 84  SER 84  84  84  SER SER A . n 
A 1 85  TYR 85  85  85  TYR TYR A . n 
A 1 86  PHE 86  86  86  PHE PHE A . n 
A 1 87  ALA 87  87  87  ALA ALA A . n 
A 1 88  GLY 88  88  88  GLY GLY A . n 
A 1 89  ARG 89  89  89  ARG ARG A . n 
A 1 90  ARG 90  90  90  ARG ARG A . n 
A 1 91  LEU 91  91  91  LEU LEU A . n 
A 1 92  VAL 92  92  92  VAL VAL A . n 
A 1 93  ASN 93  93  93  ASN ASN A . n 
A 1 94  PHE 94  94  94  PHE PHE A . n 
A 1 95  LEU 95  95  95  LEU LEU A . n 
A 1 96  MET 96  96  96  MET MET A . n 
A 1 97  MET 97  97  97  MET MET A . n 
A 1 98  MET 98  98  98  MET MET A . n 
A 1 99  ASP 99  99  99  ASP ASP A . n 
A 1 100 GLU 100 100 100 GLU GLU A . n 
A 1 101 VAL 101 101 101 VAL VAL A . n 
A 1 102 HIS 102 102 102 HIS HIS A . n 
A 1 103 LEU 103 103 103 LEU LEU A . n 
A 1 104 GLN 104 104 104 GLN GLN A . n 
A 1 105 LEU 105 105 105 LEU LEU A . n 
A 1 106 THR 106 106 106 THR THR A . n 
A 1 107 LYS 107 107 107 LYS LYS A . n 
A 1 108 MET 108 108 108 MET MET A . n 
A 1 109 ILE 109 109 109 ILE ILE A . n 
A 1 110 LYS 110 110 110 LYS LYS A . n 
A 1 111 GLY 111 111 111 GLY GLY A . n 
A 1 112 ALA 112 112 112 ALA ALA A . n 
A 1 113 THR 113 113 113 THR THR A . n 
A 1 114 PRO 114 114 114 PRO PRO A . n 
A 1 115 PRO 115 115 115 PRO PRO A . n 
A 1 116 ARG 116 116 116 ARG ARG A . n 
A 1 117 LEU 117 117 117 LEU LEU A . n 
A 1 118 ILE 118 118 118 ILE ILE A . n 
A 1 119 ALA 119 119 119 ALA ALA A . n 
A 1 120 LYS 120 120 120 LYS LYS A . n 
A 1 121 PRO 121 121 121 PRO PRO A . n 
A 1 122 VAL 122 122 122 VAL VAL A . n 
A 1 123 ALA 123 123 123 ALA ALA A . n 
A 1 124 LYS 124 124 124 LYS LYS A . n 
A 1 125 ASP 125 125 125 ASP ASP A . n 
A 1 126 ALA 126 126 126 ALA ALA A . n 
A 1 127 ILE 127 127 127 ILE ILE A . n 
A 1 128 GLU 128 128 128 GLU GLU A . n 
A 1 129 MET 129 129 129 MET MET A . n 
A 1 130 GLU 130 130 130 GLU GLU A . n 
A 1 131 TYR 131 131 131 TYR TYR A . n 
A 1 132 VAL 132 132 132 VAL VAL A . n 
A 1 133 SER 133 133 133 SER SER A . n 
A 1 134 LYS 134 134 134 LYS LYS A . n 
A 1 135 ARG 135 135 135 ARG ARG A . n 
A 1 136 LYS 136 136 136 LYS LYS A . n 
A 1 137 MET 137 137 137 MET MET A . n 
A 1 138 TYR 138 138 138 TYR TYR A . n 
A 1 139 ASP 139 139 139 ASP ASP A . n 
A 1 140 TYR 140 140 140 TYR TYR A . n 
A 1 141 PHE 141 141 141 PHE PHE A . n 
A 1 142 LEU 142 142 142 LEU LEU A . n 
A 1 143 GLY 143 143 143 GLY GLY A . n 
A 1 144 PHE 144 144 144 PHE PHE A . n 
A 1 145 ILE 145 145 145 ILE ILE A . n 
A 1 146 GLU 146 146 146 GLU GLU A . n 
A 1 147 GLY 147 147 147 GLY GLY A . n 
A 1 148 SER 148 148 148 SER SER A . n 
A 1 149 SER 149 149 149 SER SER A . n 
A 1 150 LYS 150 150 150 LYS LYS A . n 
A 1 151 PHE 151 151 151 PHE PHE A . n 
A 1 152 PHE 152 152 152 PHE PHE A . n 
A 1 153 LYS 153 153 153 LYS LYS A . n 
A 1 154 GLU 154 154 154 GLU GLU A . n 
A 1 155 GLU 155 155 155 GLU GLU A . n 
A 1 156 ILE 156 156 156 ILE ILE A . n 
A 1 157 SER 157 157 157 SER SER A . n 
A 1 158 VAL 158 158 158 VAL VAL A . n 
A 1 159 GLU 159 159 159 GLU GLU A . n 
A 1 160 GLU 160 160 160 GLU GLU A . n 
A 1 161 VAL 161 161 161 VAL VAL A . n 
A 1 162 GLU 162 162 162 GLU GLU A . n 
A 1 163 ARG 163 163 163 ARG ARG A . n 
A 1 164 GLY 164 164 164 GLY GLY A . n 
A 1 165 GLU 165 165 165 GLU GLU A . n 
A 1 166 LYS 166 166 166 LYS LYS A . n 
A 1 167 ASP 167 167 167 ASP ASP A . n 
A 1 168 GLY 168 168 168 GLY GLY A . n 
A 1 169 PHE 169 169 169 PHE PHE A . n 
A 1 170 SER 170 170 170 SER SER A . n 
A 1 171 ARG 171 171 171 ARG ARG A . n 
A 1 172 LEU 172 172 172 LEU LEU A . n 
A 1 173 LYS 173 173 173 LYS LYS A . n 
A 1 174 VAL 174 174 174 VAL VAL A . n 
A 1 175 ARG 175 175 175 ARG ARG A . n 
A 1 176 ILE 176 176 176 ILE ILE A . n 
A 1 177 LYS 177 177 177 LYS LYS A . n 
A 1 178 PHE 178 178 178 PHE PHE A . n 
A 1 179 LYS 179 179 179 LYS LYS A . n 
A 1 180 ASN 180 180 180 ASN ASN A . n 
A 1 181 PRO 181 181 181 PRO PRO A . n 
A 1 182 VAL 182 182 182 VAL VAL A . n 
A 1 183 PHE 183 183 183 PHE PHE A . n 
A 1 184 GLU 184 184 184 GLU GLU A . n 
A 1 185 TYR 185 185 185 TYR TYR A . n 
A 1 186 LYS 186 186 186 LYS LYS A . n 
A 1 187 LYS 187 187 187 LYS LYS A . n 
A 1 188 ASN 188 188 188 ASN ASN A . n 
# 
loop_
_pdbx_nonpoly_scheme.asym_id 
_pdbx_nonpoly_scheme.entity_id 
_pdbx_nonpoly_scheme.mon_id 
_pdbx_nonpoly_scheme.ndb_seq_num 
_pdbx_nonpoly_scheme.pdb_seq_num 
_pdbx_nonpoly_scheme.auth_seq_num 
_pdbx_nonpoly_scheme.pdb_mon_id 
_pdbx_nonpoly_scheme.auth_mon_id 
_pdbx_nonpoly_scheme.pdb_strand_id 
_pdbx_nonpoly_scheme.pdb_ins_code 
B 2 HEM 1  500 500 HEM HEM A . 
C 3 OXY 1  501 501 OXY OXY A . 
D 4 SO4 1  189 1   SO4 SO4 A . 
E 5 HOH 1  190 1   HOH HOH A . 
E 5 HOH 2  191 2   HOH HOH A . 
E 5 HOH 3  192 3   HOH HOH A . 
E 5 HOH 4  193 4   HOH HOH A . 
E 5 HOH 5  194 5   HOH HOH A . 
E 5 HOH 6  195 6   HOH HOH A . 
E 5 HOH 7  196 7   HOH HOH A . 
E 5 HOH 8  197 8   HOH HOH A . 
E 5 HOH 9  198 9   HOH HOH A . 
E 5 HOH 10 199 10  HOH HOH A . 
E 5 HOH 11 200 11  HOH HOH A . 
E 5 HOH 12 201 12  HOH HOH A . 
E 5 HOH 13 202 13  HOH HOH A . 
E 5 HOH 14 203 14  HOH HOH A . 
E 5 HOH 15 204 15  HOH HOH A . 
E 5 HOH 16 205 16  HOH HOH A . 
E 5 HOH 17 206 17  HOH HOH A . 
E 5 HOH 18 207 18  HOH HOH A . 
E 5 HOH 19 208 19  HOH HOH A . 
E 5 HOH 20 209 20  HOH HOH A . 
E 5 HOH 21 210 21  HOH HOH A . 
E 5 HOH 22 211 22  HOH HOH A . 
E 5 HOH 23 212 23  HOH HOH A . 
E 5 HOH 24 213 24  HOH HOH A . 
E 5 HOH 25 214 25  HOH HOH A . 
E 5 HOH 26 215 26  HOH HOH A . 
E 5 HOH 27 216 27  HOH HOH A . 
E 5 HOH 28 217 28  HOH HOH A . 
E 5 HOH 29 218 29  HOH HOH A . 
E 5 HOH 30 219 30  HOH HOH A . 
E 5 HOH 31 220 31  HOH HOH A . 
E 5 HOH 32 221 32  HOH HOH A . 
E 5 HOH 33 222 33  HOH HOH A . 
E 5 HOH 34 223 34  HOH HOH A . 
E 5 HOH 35 224 35  HOH HOH A . 
E 5 HOH 36 225 36  HOH HOH A . 
E 5 HOH 37 226 37  HOH HOH A . 
E 5 HOH 38 227 38  HOH HOH A . 
E 5 HOH 39 228 39  HOH HOH A . 
E 5 HOH 40 229 40  HOH HOH A . 
E 5 HOH 41 230 41  HOH HOH A . 
E 5 HOH 42 231 42  HOH HOH A . 
E 5 HOH 43 232 43  HOH HOH A . 
E 5 HOH 44 233 44  HOH HOH A . 
E 5 HOH 45 234 45  HOH HOH A . 
E 5 HOH 46 235 46  HOH HOH A . 
E 5 HOH 47 236 47  HOH HOH A . 
E 5 HOH 48 237 48  HOH HOH A . 
E 5 HOH 49 238 49  HOH HOH A . 
# 
_pdbx_struct_assembly.id                   1 
_pdbx_struct_assembly.details              author_and_software_defined_assembly 
_pdbx_struct_assembly.method_details       PISA 
_pdbx_struct_assembly.oligomeric_details   monomeric 
_pdbx_struct_assembly.oligomeric_count     1 
# 
_pdbx_struct_assembly_gen.assembly_id       1 
_pdbx_struct_assembly_gen.oper_expression   1 
_pdbx_struct_assembly_gen.asym_id_list      A,B,C,D,E 
# 
_pdbx_struct_oper_list.id                   1 
_pdbx_struct_oper_list.type                 'identity operation' 
_pdbx_struct_oper_list.name                 1_555 
_pdbx_struct_oper_list.symmetry_operation   x,y,z 
_pdbx_struct_oper_list.matrix[1][1]         1.0000000000 
_pdbx_struct_oper_list.matrix[1][2]         0.0000000000 
_pdbx_struct_oper_list.matrix[1][3]         0.0000000000 
_pdbx_struct_oper_list.vector[1]            0.0000000000 
_pdbx_struct_oper_list.matrix[2][1]         0.0000000000 
_pdbx_struct_oper_list.matrix[2][2]         1.0000000000 
_pdbx_struct_oper_list.matrix[2][3]         0.0000000000 
_pdbx_struct_oper_list.vector[2]            0.0000000000 
_pdbx_struct_oper_list.matrix[3][1]         0.0000000000 
_pdbx_struct_oper_list.matrix[3][2]         0.0000000000 
_pdbx_struct_oper_list.matrix[3][3]         1.0000000000 
_pdbx_struct_oper_list.vector[3]            0.0000000000 
# 
_pdbx_struct_special_symmetry.id              1 
_pdbx_struct_special_symmetry.PDB_model_num   1 
_pdbx_struct_special_symmetry.auth_asym_id    A 
_pdbx_struct_special_symmetry.auth_comp_id    HOH 
_pdbx_struct_special_symmetry.auth_seq_id     225 
_pdbx_struct_special_symmetry.PDB_ins_code    ? 
_pdbx_struct_special_symmetry.label_asym_id   E 
_pdbx_struct_special_symmetry.label_comp_id   HOH 
_pdbx_struct_special_symmetry.label_seq_id    . 
# 
loop_
_pdbx_struct_conn_angle.id 
_pdbx_struct_conn_angle.ptnr1_label_atom_id 
_pdbx_struct_conn_angle.ptnr1_label_alt_id 
_pdbx_struct_conn_angle.ptnr1_label_asym_id 
_pdbx_struct_conn_angle.ptnr1_label_comp_id 
_pdbx_struct_conn_angle.ptnr1_label_seq_id 
_pdbx_struct_conn_angle.ptnr1_auth_atom_id 
_pdbx_struct_conn_angle.ptnr1_auth_asym_id 
_pdbx_struct_conn_angle.ptnr1_auth_comp_id 
_pdbx_struct_conn_angle.ptnr1_auth_seq_id 
_pdbx_struct_conn_angle.ptnr1_PDB_ins_code 
_pdbx_struct_conn_angle.ptnr1_symmetry 
_pdbx_struct_conn_angle.ptnr2_label_atom_id 
_pdbx_struct_conn_angle.ptnr2_label_alt_id 
_pdbx_struct_conn_angle.ptnr2_label_asym_id 
_pdbx_struct_conn_angle.ptnr2_label_comp_id 
_pdbx_struct_conn_angle.ptnr2_label_seq_id 
_pdbx_struct_conn_angle.ptnr2_auth_atom_id 
_pdbx_struct_conn_angle.ptnr2_auth_asym_id 
_pdbx_struct_conn_angle.ptnr2_auth_comp_id 
_pdbx_struct_conn_angle.ptnr2_auth_seq_id 
_pdbx_struct_conn_angle.ptnr2_PDB_ins_code 
_pdbx_struct_conn_angle.ptnr2_symmetry 
_pdbx_struct_conn_angle.ptnr3_label_atom_id 
_pdbx_struct_conn_angle.ptnr3_label_alt_id 
_pdbx_struct_conn_angle.ptnr3_label_asym_id 
_pdbx_struct_conn_angle.ptnr3_label_comp_id 
_pdbx_struct_conn_angle.ptnr3_label_seq_id 
_pdbx_struct_conn_angle.ptnr3_auth_atom_id 
_pdbx_struct_conn_angle.ptnr3_auth_asym_id 
_pdbx_struct_conn_angle.ptnr3_auth_comp_id 
_pdbx_struct_conn_angle.ptnr3_auth_seq_id 
_pdbx_struct_conn_angle.ptnr3_PDB_ins_code 
_pdbx_struct_conn_angle.ptnr3_symmetry 
_pdbx_struct_conn_angle.value 
_pdbx_struct_conn_angle.value_esd 
1  NE2 ? A HIS 102 ? A HIS 102 ? 1_555 FE ? B HEM . ? A HEM 500 ? 1_555 NA ? B HEM . ? A HEM 500 ? 1_555 92.9  ? 
2  NE2 ? A HIS 102 ? A HIS 102 ? 1_555 FE ? B HEM . ? A HEM 500 ? 1_555 NB ? B HEM . ? A HEM 500 ? 1_555 89.6  ? 
3  NA  ? B HEM .   ? A HEM 500 ? 1_555 FE ? B HEM . ? A HEM 500 ? 1_555 NB ? B HEM . ? A HEM 500 ? 1_555 89.7  ? 
4  NE2 ? A HIS 102 ? A HIS 102 ? 1_555 FE ? B HEM . ? A HEM 500 ? 1_555 NC ? B HEM . ? A HEM 500 ? 1_555 88.9  ? 
5  NA  ? B HEM .   ? A HEM 500 ? 1_555 FE ? B HEM . ? A HEM 500 ? 1_555 NC ? B HEM . ? A HEM 500 ? 1_555 177.7 ? 
6  NB  ? B HEM .   ? A HEM 500 ? 1_555 FE ? B HEM . ? A HEM 500 ? 1_555 NC ? B HEM . ? A HEM 500 ? 1_555 88.9  ? 
7  NE2 ? A HIS 102 ? A HIS 102 ? 1_555 FE ? B HEM . ? A HEM 500 ? 1_555 ND ? B HEM . ? A HEM 500 ? 1_555 94.1  ? 
8  NA  ? B HEM .   ? A HEM 500 ? 1_555 FE ? B HEM . ? A HEM 500 ? 1_555 ND ? B HEM . ? A HEM 500 ? 1_555 87.6  ? 
9  NB  ? B HEM .   ? A HEM 500 ? 1_555 FE ? B HEM . ? A HEM 500 ? 1_555 ND ? B HEM . ? A HEM 500 ? 1_555 175.6 ? 
10 NC  ? B HEM .   ? A HEM 500 ? 1_555 FE ? B HEM . ? A HEM 500 ? 1_555 ND ? B HEM . ? A HEM 500 ? 1_555 93.7  ? 
11 NE2 ? A HIS 102 ? A HIS 102 ? 1_555 FE ? B HEM . ? A HEM 500 ? 1_555 O1 ? C OXY . ? A OXY 501 ? 1_555 172.8 ? 
12 NA  ? B HEM .   ? A HEM 500 ? 1_555 FE ? B HEM . ? A HEM 500 ? 1_555 O1 ? C OXY . ? A OXY 501 ? 1_555 94.1  ? 
13 NB  ? B HEM .   ? A HEM 500 ? 1_555 FE ? B HEM . ? A HEM 500 ? 1_555 O1 ? C OXY . ? A OXY 501 ? 1_555 88.9  ? 
14 NC  ? B HEM .   ? A HEM 500 ? 1_555 FE ? B HEM . ? A HEM 500 ? 1_555 O1 ? C OXY . ? A OXY 501 ? 1_555 84.0  ? 
15 ND  ? B HEM .   ? A HEM 500 ? 1_555 FE ? B HEM . ? A HEM 500 ? 1_555 O1 ? C OXY . ? A OXY 501 ? 1_555 87.8  ? 
# 
loop_
_pdbx_audit_revision_history.ordinal 
_pdbx_audit_revision_history.data_content_type 
_pdbx_audit_revision_history.major_revision 
_pdbx_audit_revision_history.minor_revision 
_pdbx_audit_revision_history.revision_date 
1 'Structure model' 1 0 2010-01-19 
2 'Structure model' 1 1 2011-07-13 
3 'Structure model' 1 2 2021-10-13 
4 'Structure model' 1 3 2023-09-06 
# 
_pdbx_audit_revision_details.ordinal             1 
_pdbx_audit_revision_details.revision_ordinal    1 
_pdbx_audit_revision_details.data_content_type   'Structure model' 
_pdbx_audit_revision_details.provider            repository 
_pdbx_audit_revision_details.type                'Initial release' 
_pdbx_audit_revision_details.description         ? 
_pdbx_audit_revision_details.details             ? 
# 
loop_
_pdbx_audit_revision_group.ordinal 
_pdbx_audit_revision_group.revision_ordinal 
_pdbx_audit_revision_group.data_content_type 
_pdbx_audit_revision_group.group 
1 2 'Structure model' 'Version format compliance' 
2 3 'Structure model' 'Database references'       
3 3 'Structure model' 'Derived calculations'      
4 4 'Structure model' 'Data collection'           
5 4 'Structure model' 'Refinement description'    
# 
loop_
_pdbx_audit_revision_category.ordinal 
_pdbx_audit_revision_category.revision_ordinal 
_pdbx_audit_revision_category.data_content_type 
_pdbx_audit_revision_category.category 
1 3 'Structure model' database_2                    
2 3 'Structure model' struct_ref_seq_dif            
3 3 'Structure model' struct_site                   
4 4 'Structure model' chem_comp_atom                
5 4 'Structure model' chem_comp_bond                
6 4 'Structure model' pdbx_initial_refinement_model 
# 
loop_
_pdbx_audit_revision_item.ordinal 
_pdbx_audit_revision_item.revision_ordinal 
_pdbx_audit_revision_item.data_content_type 
_pdbx_audit_revision_item.item 
1 3 'Structure model' '_database_2.pdbx_DOI'                
2 3 'Structure model' '_database_2.pdbx_database_accession' 
3 3 'Structure model' '_struct_ref_seq_dif.details'         
4 3 'Structure model' '_struct_site.pdbx_auth_asym_id'      
5 3 'Structure model' '_struct_site.pdbx_auth_comp_id'      
6 3 'Structure model' '_struct_site.pdbx_auth_seq_id'       
# 
loop_
_software.name 
_software.classification 
_software.version 
_software.citation_id 
_software.pdbx_ordinal 
HKL-2000 'data collection' .                 ? 1 
PHASER   phasing           .                 ? 2 
PHENIX   refinement        '(phenix.refine)' ? 3 
HKL-2000 'data reduction'  .                 ? 4 
HKL-2000 'data scaling'    .                 ? 5 
# 
_pdbx_validate_torsion.id              1 
_pdbx_validate_torsion.PDB_model_num   1 
_pdbx_validate_torsion.auth_comp_id    LEU 
_pdbx_validate_torsion.auth_asym_id    A 
_pdbx_validate_torsion.auth_seq_id     117 
_pdbx_validate_torsion.PDB_ins_code    ? 
_pdbx_validate_torsion.label_alt_id    ? 
_pdbx_validate_torsion.phi             -140.47 
_pdbx_validate_torsion.psi             48.59 
# 
loop_
_chem_comp_atom.comp_id 
_chem_comp_atom.atom_id 
_chem_comp_atom.type_symbol 
_chem_comp_atom.pdbx_aromatic_flag 
_chem_comp_atom.pdbx_stereo_config 
_chem_comp_atom.pdbx_ordinal 
ALA N    N  N N 1   
ALA CA   C  N S 2   
ALA C    C  N N 3   
ALA O    O  N N 4   
ALA CB   C  N N 5   
ALA OXT  O  N N 6   
ALA H    H  N N 7   
ALA H2   H  N N 8   
ALA HA   H  N N 9   
ALA HB1  H  N N 10  
ALA HB2  H  N N 11  
ALA HB3  H  N N 12  
ALA HXT  H  N N 13  
ARG N    N  N N 14  
ARG CA   C  N S 15  
ARG C    C  N N 16  
ARG O    O  N N 17  
ARG CB   C  N N 18  
ARG CG   C  N N 19  
ARG CD   C  N N 20  
ARG NE   N  N N 21  
ARG CZ   C  N N 22  
ARG NH1  N  N N 23  
ARG NH2  N  N N 24  
ARG OXT  O  N N 25  
ARG H    H  N N 26  
ARG H2   H  N N 27  
ARG HA   H  N N 28  
ARG HB2  H  N N 29  
ARG HB3  H  N N 30  
ARG HG2  H  N N 31  
ARG HG3  H  N N 32  
ARG HD2  H  N N 33  
ARG HD3  H  N N 34  
ARG HE   H  N N 35  
ARG HH11 H  N N 36  
ARG HH12 H  N N 37  
ARG HH21 H  N N 38  
ARG HH22 H  N N 39  
ARG HXT  H  N N 40  
ASN N    N  N N 41  
ASN CA   C  N S 42  
ASN C    C  N N 43  
ASN O    O  N N 44  
ASN CB   C  N N 45  
ASN CG   C  N N 46  
ASN OD1  O  N N 47  
ASN ND2  N  N N 48  
ASN OXT  O  N N 49  
ASN H    H  N N 50  
ASN H2   H  N N 51  
ASN HA   H  N N 52  
ASN HB2  H  N N 53  
ASN HB3  H  N N 54  
ASN HD21 H  N N 55  
ASN HD22 H  N N 56  
ASN HXT  H  N N 57  
ASP N    N  N N 58  
ASP CA   C  N S 59  
ASP C    C  N N 60  
ASP O    O  N N 61  
ASP CB   C  N N 62  
ASP CG   C  N N 63  
ASP OD1  O  N N 64  
ASP OD2  O  N N 65  
ASP OXT  O  N N 66  
ASP H    H  N N 67  
ASP H2   H  N N 68  
ASP HA   H  N N 69  
ASP HB2  H  N N 70  
ASP HB3  H  N N 71  
ASP HD2  H  N N 72  
ASP HXT  H  N N 73  
GLN N    N  N N 74  
GLN CA   C  N S 75  
GLN C    C  N N 76  
GLN O    O  N N 77  
GLN CB   C  N N 78  
GLN CG   C  N N 79  
GLN CD   C  N N 80  
GLN OE1  O  N N 81  
GLN NE2  N  N N 82  
GLN OXT  O  N N 83  
GLN H    H  N N 84  
GLN H2   H  N N 85  
GLN HA   H  N N 86  
GLN HB2  H  N N 87  
GLN HB3  H  N N 88  
GLN HG2  H  N N 89  
GLN HG3  H  N N 90  
GLN HE21 H  N N 91  
GLN HE22 H  N N 92  
GLN HXT  H  N N 93  
GLU N    N  N N 94  
GLU CA   C  N S 95  
GLU C    C  N N 96  
GLU O    O  N N 97  
GLU CB   C  N N 98  
GLU CG   C  N N 99  
GLU CD   C  N N 100 
GLU OE1  O  N N 101 
GLU OE2  O  N N 102 
GLU OXT  O  N N 103 
GLU H    H  N N 104 
GLU H2   H  N N 105 
GLU HA   H  N N 106 
GLU HB2  H  N N 107 
GLU HB3  H  N N 108 
GLU HG2  H  N N 109 
GLU HG3  H  N N 110 
GLU HE2  H  N N 111 
GLU HXT  H  N N 112 
GLY N    N  N N 113 
GLY CA   C  N N 114 
GLY C    C  N N 115 
GLY O    O  N N 116 
GLY OXT  O  N N 117 
GLY H    H  N N 118 
GLY H2   H  N N 119 
GLY HA2  H  N N 120 
GLY HA3  H  N N 121 
GLY HXT  H  N N 122 
HEM CHA  C  N N 123 
HEM CHB  C  N N 124 
HEM CHC  C  N N 125 
HEM CHD  C  N N 126 
HEM C1A  C  Y N 127 
HEM C2A  C  Y N 128 
HEM C3A  C  Y N 129 
HEM C4A  C  Y N 130 
HEM CMA  C  N N 131 
HEM CAA  C  N N 132 
HEM CBA  C  N N 133 
HEM CGA  C  N N 134 
HEM O1A  O  N N 135 
HEM O2A  O  N N 136 
HEM C1B  C  N N 137 
HEM C2B  C  N N 138 
HEM C3B  C  N N 139 
HEM C4B  C  N N 140 
HEM CMB  C  N N 141 
HEM CAB  C  N N 142 
HEM CBB  C  N N 143 
HEM C1C  C  Y N 144 
HEM C2C  C  Y N 145 
HEM C3C  C  Y N 146 
HEM C4C  C  Y N 147 
HEM CMC  C  N N 148 
HEM CAC  C  N N 149 
HEM CBC  C  N N 150 
HEM C1D  C  N N 151 
HEM C2D  C  N N 152 
HEM C3D  C  N N 153 
HEM C4D  C  N N 154 
HEM CMD  C  N N 155 
HEM CAD  C  N N 156 
HEM CBD  C  N N 157 
HEM CGD  C  N N 158 
HEM O1D  O  N N 159 
HEM O2D  O  N N 160 
HEM NA   N  Y N 161 
HEM NB   N  N N 162 
HEM NC   N  Y N 163 
HEM ND   N  N N 164 
HEM FE   FE N N 165 
HEM HHB  H  N N 166 
HEM HHC  H  N N 167 
HEM HHD  H  N N 168 
HEM HMA  H  N N 169 
HEM HMAA H  N N 170 
HEM HMAB H  N N 171 
HEM HAA  H  N N 172 
HEM HAAA H  N N 173 
HEM HBA  H  N N 174 
HEM HBAA H  N N 175 
HEM HMB  H  N N 176 
HEM HMBA H  N N 177 
HEM HMBB H  N N 178 
HEM HAB  H  N N 179 
HEM HBB  H  N N 180 
HEM HBBA H  N N 181 
HEM HMC  H  N N 182 
HEM HMCA H  N N 183 
HEM HMCB H  N N 184 
HEM HAC  H  N N 185 
HEM HBC  H  N N 186 
HEM HBCA H  N N 187 
HEM HMD  H  N N 188 
HEM HMDA H  N N 189 
HEM HMDB H  N N 190 
HEM HAD  H  N N 191 
HEM HADA H  N N 192 
HEM HBD  H  N N 193 
HEM HBDA H  N N 194 
HEM H2A  H  N N 195 
HEM H2D  H  N N 196 
HEM HHA  H  N N 197 
HIS N    N  N N 198 
HIS CA   C  N S 199 
HIS C    C  N N 200 
HIS O    O  N N 201 
HIS CB   C  N N 202 
HIS CG   C  Y N 203 
HIS ND1  N  Y N 204 
HIS CD2  C  Y N 205 
HIS CE1  C  Y N 206 
HIS NE2  N  Y N 207 
HIS OXT  O  N N 208 
HIS H    H  N N 209 
HIS H2   H  N N 210 
HIS HA   H  N N 211 
HIS HB2  H  N N 212 
HIS HB3  H  N N 213 
HIS HD1  H  N N 214 
HIS HD2  H  N N 215 
HIS HE1  H  N N 216 
HIS HE2  H  N N 217 
HIS HXT  H  N N 218 
HOH O    O  N N 219 
HOH H1   H  N N 220 
HOH H2   H  N N 221 
ILE N    N  N N 222 
ILE CA   C  N S 223 
ILE C    C  N N 224 
ILE O    O  N N 225 
ILE CB   C  N S 226 
ILE CG1  C  N N 227 
ILE CG2  C  N N 228 
ILE CD1  C  N N 229 
ILE OXT  O  N N 230 
ILE H    H  N N 231 
ILE H2   H  N N 232 
ILE HA   H  N N 233 
ILE HB   H  N N 234 
ILE HG12 H  N N 235 
ILE HG13 H  N N 236 
ILE HG21 H  N N 237 
ILE HG22 H  N N 238 
ILE HG23 H  N N 239 
ILE HD11 H  N N 240 
ILE HD12 H  N N 241 
ILE HD13 H  N N 242 
ILE HXT  H  N N 243 
LEU N    N  N N 244 
LEU CA   C  N S 245 
LEU C    C  N N 246 
LEU O    O  N N 247 
LEU CB   C  N N 248 
LEU CG   C  N N 249 
LEU CD1  C  N N 250 
LEU CD2  C  N N 251 
LEU OXT  O  N N 252 
LEU H    H  N N 253 
LEU H2   H  N N 254 
LEU HA   H  N N 255 
LEU HB2  H  N N 256 
LEU HB3  H  N N 257 
LEU HG   H  N N 258 
LEU HD11 H  N N 259 
LEU HD12 H  N N 260 
LEU HD13 H  N N 261 
LEU HD21 H  N N 262 
LEU HD22 H  N N 263 
LEU HD23 H  N N 264 
LEU HXT  H  N N 265 
LYS N    N  N N 266 
LYS CA   C  N S 267 
LYS C    C  N N 268 
LYS O    O  N N 269 
LYS CB   C  N N 270 
LYS CG   C  N N 271 
LYS CD   C  N N 272 
LYS CE   C  N N 273 
LYS NZ   N  N N 274 
LYS OXT  O  N N 275 
LYS H    H  N N 276 
LYS H2   H  N N 277 
LYS HA   H  N N 278 
LYS HB2  H  N N 279 
LYS HB3  H  N N 280 
LYS HG2  H  N N 281 
LYS HG3  H  N N 282 
LYS HD2  H  N N 283 
LYS HD3  H  N N 284 
LYS HE2  H  N N 285 
LYS HE3  H  N N 286 
LYS HZ1  H  N N 287 
LYS HZ2  H  N N 288 
LYS HZ3  H  N N 289 
LYS HXT  H  N N 290 
MET N    N  N N 291 
MET CA   C  N S 292 
MET C    C  N N 293 
MET O    O  N N 294 
MET CB   C  N N 295 
MET CG   C  N N 296 
MET SD   S  N N 297 
MET CE   C  N N 298 
MET OXT  O  N N 299 
MET H    H  N N 300 
MET H2   H  N N 301 
MET HA   H  N N 302 
MET HB2  H  N N 303 
MET HB3  H  N N 304 
MET HG2  H  N N 305 
MET HG3  H  N N 306 
MET HE1  H  N N 307 
MET HE2  H  N N 308 
MET HE3  H  N N 309 
MET HXT  H  N N 310 
OXY O1   O  N N 311 
OXY O2   O  N N 312 
PHE N    N  N N 313 
PHE CA   C  N S 314 
PHE C    C  N N 315 
PHE O    O  N N 316 
PHE CB   C  N N 317 
PHE CG   C  Y N 318 
PHE CD1  C  Y N 319 
PHE CD2  C  Y N 320 
PHE CE1  C  Y N 321 
PHE CE2  C  Y N 322 
PHE CZ   C  Y N 323 
PHE OXT  O  N N 324 
PHE H    H  N N 325 
PHE H2   H  N N 326 
PHE HA   H  N N 327 
PHE HB2  H  N N 328 
PHE HB3  H  N N 329 
PHE HD1  H  N N 330 
PHE HD2  H  N N 331 
PHE HE1  H  N N 332 
PHE HE2  H  N N 333 
PHE HZ   H  N N 334 
PHE HXT  H  N N 335 
PRO N    N  N N 336 
PRO CA   C  N S 337 
PRO C    C  N N 338 
PRO O    O  N N 339 
PRO CB   C  N N 340 
PRO CG   C  N N 341 
PRO CD   C  N N 342 
PRO OXT  O  N N 343 
PRO H    H  N N 344 
PRO HA   H  N N 345 
PRO HB2  H  N N 346 
PRO HB3  H  N N 347 
PRO HG2  H  N N 348 
PRO HG3  H  N N 349 
PRO HD2  H  N N 350 
PRO HD3  H  N N 351 
PRO HXT  H  N N 352 
SER N    N  N N 353 
SER CA   C  N S 354 
SER C    C  N N 355 
SER O    O  N N 356 
SER CB   C  N N 357 
SER OG   O  N N 358 
SER OXT  O  N N 359 
SER H    H  N N 360 
SER H2   H  N N 361 
SER HA   H  N N 362 
SER HB2  H  N N 363 
SER HB3  H  N N 364 
SER HG   H  N N 365 
SER HXT  H  N N 366 
SO4 S    S  N N 367 
SO4 O1   O  N N 368 
SO4 O2   O  N N 369 
SO4 O3   O  N N 370 
SO4 O4   O  N N 371 
THR N    N  N N 372 
THR CA   C  N S 373 
THR C    C  N N 374 
THR O    O  N N 375 
THR CB   C  N R 376 
THR OG1  O  N N 377 
THR CG2  C  N N 378 
THR OXT  O  N N 379 
THR H    H  N N 380 
THR H2   H  N N 381 
THR HA   H  N N 382 
THR HB   H  N N 383 
THR HG1  H  N N 384 
THR HG21 H  N N 385 
THR HG22 H  N N 386 
THR HG23 H  N N 387 
THR HXT  H  N N 388 
TRP N    N  N N 389 
TRP CA   C  N S 390 
TRP C    C  N N 391 
TRP O    O  N N 392 
TRP CB   C  N N 393 
TRP CG   C  Y N 394 
TRP CD1  C  Y N 395 
TRP CD2  C  Y N 396 
TRP NE1  N  Y N 397 
TRP CE2  C  Y N 398 
TRP CE3  C  Y N 399 
TRP CZ2  C  Y N 400 
TRP CZ3  C  Y N 401 
TRP CH2  C  Y N 402 
TRP OXT  O  N N 403 
TRP H    H  N N 404 
TRP H2   H  N N 405 
TRP HA   H  N N 406 
TRP HB2  H  N N 407 
TRP HB3  H  N N 408 
TRP HD1  H  N N 409 
TRP HE1  H  N N 410 
TRP HE3  H  N N 411 
TRP HZ2  H  N N 412 
TRP HZ3  H  N N 413 
TRP HH2  H  N N 414 
TRP HXT  H  N N 415 
TYR N    N  N N 416 
TYR CA   C  N S 417 
TYR C    C  N N 418 
TYR O    O  N N 419 
TYR CB   C  N N 420 
TYR CG   C  Y N 421 
TYR CD1  C  Y N 422 
TYR CD2  C  Y N 423 
TYR CE1  C  Y N 424 
TYR CE2  C  Y N 425 
TYR CZ   C  Y N 426 
TYR OH   O  N N 427 
TYR OXT  O  N N 428 
TYR H    H  N N 429 
TYR H2   H  N N 430 
TYR HA   H  N N 431 
TYR HB2  H  N N 432 
TYR HB3  H  N N 433 
TYR HD1  H  N N 434 
TYR HD2  H  N N 435 
TYR HE1  H  N N 436 
TYR HE2  H  N N 437 
TYR HH   H  N N 438 
TYR HXT  H  N N 439 
VAL N    N  N N 440 
VAL CA   C  N S 441 
VAL C    C  N N 442 
VAL O    O  N N 443 
VAL CB   C  N N 444 
VAL CG1  C  N N 445 
VAL CG2  C  N N 446 
VAL OXT  O  N N 447 
VAL H    H  N N 448 
VAL H2   H  N N 449 
VAL HA   H  N N 450 
VAL HB   H  N N 451 
VAL HG11 H  N N 452 
VAL HG12 H  N N 453 
VAL HG13 H  N N 454 
VAL HG21 H  N N 455 
VAL HG22 H  N N 456 
VAL HG23 H  N N 457 
VAL HXT  H  N N 458 
# 
loop_
_chem_comp_bond.comp_id 
_chem_comp_bond.atom_id_1 
_chem_comp_bond.atom_id_2 
_chem_comp_bond.value_order 
_chem_comp_bond.pdbx_aromatic_flag 
_chem_comp_bond.pdbx_stereo_config 
_chem_comp_bond.pdbx_ordinal 
ALA N   CA   sing N N 1   
ALA N   H    sing N N 2   
ALA N   H2   sing N N 3   
ALA CA  C    sing N N 4   
ALA CA  CB   sing N N 5   
ALA CA  HA   sing N N 6   
ALA C   O    doub N N 7   
ALA C   OXT  sing N N 8   
ALA CB  HB1  sing N N 9   
ALA CB  HB2  sing N N 10  
ALA CB  HB3  sing N N 11  
ALA OXT HXT  sing N N 12  
ARG N   CA   sing N N 13  
ARG N   H    sing N N 14  
ARG N   H2   sing N N 15  
ARG CA  C    sing N N 16  
ARG CA  CB   sing N N 17  
ARG CA  HA   sing N N 18  
ARG C   O    doub N N 19  
ARG C   OXT  sing N N 20  
ARG CB  CG   sing N N 21  
ARG CB  HB2  sing N N 22  
ARG CB  HB3  sing N N 23  
ARG CG  CD   sing N N 24  
ARG CG  HG2  sing N N 25  
ARG CG  HG3  sing N N 26  
ARG CD  NE   sing N N 27  
ARG CD  HD2  sing N N 28  
ARG CD  HD3  sing N N 29  
ARG NE  CZ   sing N N 30  
ARG NE  HE   sing N N 31  
ARG CZ  NH1  sing N N 32  
ARG CZ  NH2  doub N N 33  
ARG NH1 HH11 sing N N 34  
ARG NH1 HH12 sing N N 35  
ARG NH2 HH21 sing N N 36  
ARG NH2 HH22 sing N N 37  
ARG OXT HXT  sing N N 38  
ASN N   CA   sing N N 39  
ASN N   H    sing N N 40  
ASN N   H2   sing N N 41  
ASN CA  C    sing N N 42  
ASN CA  CB   sing N N 43  
ASN CA  HA   sing N N 44  
ASN C   O    doub N N 45  
ASN C   OXT  sing N N 46  
ASN CB  CG   sing N N 47  
ASN CB  HB2  sing N N 48  
ASN CB  HB3  sing N N 49  
ASN CG  OD1  doub N N 50  
ASN CG  ND2  sing N N 51  
ASN ND2 HD21 sing N N 52  
ASN ND2 HD22 sing N N 53  
ASN OXT HXT  sing N N 54  
ASP N   CA   sing N N 55  
ASP N   H    sing N N 56  
ASP N   H2   sing N N 57  
ASP CA  C    sing N N 58  
ASP CA  CB   sing N N 59  
ASP CA  HA   sing N N 60  
ASP C   O    doub N N 61  
ASP C   OXT  sing N N 62  
ASP CB  CG   sing N N 63  
ASP CB  HB2  sing N N 64  
ASP CB  HB3  sing N N 65  
ASP CG  OD1  doub N N 66  
ASP CG  OD2  sing N N 67  
ASP OD2 HD2  sing N N 68  
ASP OXT HXT  sing N N 69  
GLN N   CA   sing N N 70  
GLN N   H    sing N N 71  
GLN N   H2   sing N N 72  
GLN CA  C    sing N N 73  
GLN CA  CB   sing N N 74  
GLN CA  HA   sing N N 75  
GLN C   O    doub N N 76  
GLN C   OXT  sing N N 77  
GLN CB  CG   sing N N 78  
GLN CB  HB2  sing N N 79  
GLN CB  HB3  sing N N 80  
GLN CG  CD   sing N N 81  
GLN CG  HG2  sing N N 82  
GLN CG  HG3  sing N N 83  
GLN CD  OE1  doub N N 84  
GLN CD  NE2  sing N N 85  
GLN NE2 HE21 sing N N 86  
GLN NE2 HE22 sing N N 87  
GLN OXT HXT  sing N N 88  
GLU N   CA   sing N N 89  
GLU N   H    sing N N 90  
GLU N   H2   sing N N 91  
GLU CA  C    sing N N 92  
GLU CA  CB   sing N N 93  
GLU CA  HA   sing N N 94  
GLU C   O    doub N N 95  
GLU C   OXT  sing N N 96  
GLU CB  CG   sing N N 97  
GLU CB  HB2  sing N N 98  
GLU CB  HB3  sing N N 99  
GLU CG  CD   sing N N 100 
GLU CG  HG2  sing N N 101 
GLU CG  HG3  sing N N 102 
GLU CD  OE1  doub N N 103 
GLU CD  OE2  sing N N 104 
GLU OE2 HE2  sing N N 105 
GLU OXT HXT  sing N N 106 
GLY N   CA   sing N N 107 
GLY N   H    sing N N 108 
GLY N   H2   sing N N 109 
GLY CA  C    sing N N 110 
GLY CA  HA2  sing N N 111 
GLY CA  HA3  sing N N 112 
GLY C   O    doub N N 113 
GLY C   OXT  sing N N 114 
GLY OXT HXT  sing N N 115 
HEM CHA C1A  sing N N 116 
HEM CHA C4D  doub N N 117 
HEM CHA HHA  sing N N 118 
HEM CHB C4A  sing N N 119 
HEM CHB C1B  doub N N 120 
HEM CHB HHB  sing N N 121 
HEM CHC C4B  sing N N 122 
HEM CHC C1C  doub N N 123 
HEM CHC HHC  sing N N 124 
HEM CHD C4C  doub N N 125 
HEM CHD C1D  sing N N 126 
HEM CHD HHD  sing N N 127 
HEM C1A C2A  doub Y N 128 
HEM C1A NA   sing Y N 129 
HEM C2A C3A  sing Y N 130 
HEM C2A CAA  sing N N 131 
HEM C3A C4A  doub Y N 132 
HEM C3A CMA  sing N N 133 
HEM C4A NA   sing Y N 134 
HEM CMA HMA  sing N N 135 
HEM CMA HMAA sing N N 136 
HEM CMA HMAB sing N N 137 
HEM CAA CBA  sing N N 138 
HEM CAA HAA  sing N N 139 
HEM CAA HAAA sing N N 140 
HEM CBA CGA  sing N N 141 
HEM CBA HBA  sing N N 142 
HEM CBA HBAA sing N N 143 
HEM CGA O1A  doub N N 144 
HEM CGA O2A  sing N N 145 
HEM C1B C2B  sing N N 146 
HEM C1B NB   sing N N 147 
HEM C2B C3B  doub N N 148 
HEM C2B CMB  sing N N 149 
HEM C3B C4B  sing N N 150 
HEM C3B CAB  sing N N 151 
HEM C4B NB   doub N N 152 
HEM CMB HMB  sing N N 153 
HEM CMB HMBA sing N N 154 
HEM CMB HMBB sing N N 155 
HEM CAB CBB  doub N N 156 
HEM CAB HAB  sing N N 157 
HEM CBB HBB  sing N N 158 
HEM CBB HBBA sing N N 159 
HEM C1C C2C  sing Y N 160 
HEM C1C NC   sing Y N 161 
HEM C2C C3C  doub Y N 162 
HEM C2C CMC  sing N N 163 
HEM C3C C4C  sing Y N 164 
HEM C3C CAC  sing N N 165 
HEM C4C NC   sing Y N 166 
HEM CMC HMC  sing N N 167 
HEM CMC HMCA sing N N 168 
HEM CMC HMCB sing N N 169 
HEM CAC CBC  doub N N 170 
HEM CAC HAC  sing N N 171 
HEM CBC HBC  sing N N 172 
HEM CBC HBCA sing N N 173 
HEM C1D C2D  sing N N 174 
HEM C1D ND   doub N N 175 
HEM C2D C3D  doub N N 176 
HEM C2D CMD  sing N N 177 
HEM C3D C4D  sing N N 178 
HEM C3D CAD  sing N N 179 
HEM C4D ND   sing N N 180 
HEM CMD HMD  sing N N 181 
HEM CMD HMDA sing N N 182 
HEM CMD HMDB sing N N 183 
HEM CAD CBD  sing N N 184 
HEM CAD HAD  sing N N 185 
HEM CAD HADA sing N N 186 
HEM CBD CGD  sing N N 187 
HEM CBD HBD  sing N N 188 
HEM CBD HBDA sing N N 189 
HEM CGD O1D  doub N N 190 
HEM CGD O2D  sing N N 191 
HEM O2A H2A  sing N N 192 
HEM O2D H2D  sing N N 193 
HEM FE  NA   sing N N 194 
HEM FE  NB   sing N N 195 
HEM FE  NC   sing N N 196 
HEM FE  ND   sing N N 197 
HIS N   CA   sing N N 198 
HIS N   H    sing N N 199 
HIS N   H2   sing N N 200 
HIS CA  C    sing N N 201 
HIS CA  CB   sing N N 202 
HIS CA  HA   sing N N 203 
HIS C   O    doub N N 204 
HIS C   OXT  sing N N 205 
HIS CB  CG   sing N N 206 
HIS CB  HB2  sing N N 207 
HIS CB  HB3  sing N N 208 
HIS CG  ND1  sing Y N 209 
HIS CG  CD2  doub Y N 210 
HIS ND1 CE1  doub Y N 211 
HIS ND1 HD1  sing N N 212 
HIS CD2 NE2  sing Y N 213 
HIS CD2 HD2  sing N N 214 
HIS CE1 NE2  sing Y N 215 
HIS CE1 HE1  sing N N 216 
HIS NE2 HE2  sing N N 217 
HIS OXT HXT  sing N N 218 
HOH O   H1   sing N N 219 
HOH O   H2   sing N N 220 
ILE N   CA   sing N N 221 
ILE N   H    sing N N 222 
ILE N   H2   sing N N 223 
ILE CA  C    sing N N 224 
ILE CA  CB   sing N N 225 
ILE CA  HA   sing N N 226 
ILE C   O    doub N N 227 
ILE C   OXT  sing N N 228 
ILE CB  CG1  sing N N 229 
ILE CB  CG2  sing N N 230 
ILE CB  HB   sing N N 231 
ILE CG1 CD1  sing N N 232 
ILE CG1 HG12 sing N N 233 
ILE CG1 HG13 sing N N 234 
ILE CG2 HG21 sing N N 235 
ILE CG2 HG22 sing N N 236 
ILE CG2 HG23 sing N N 237 
ILE CD1 HD11 sing N N 238 
ILE CD1 HD12 sing N N 239 
ILE CD1 HD13 sing N N 240 
ILE OXT HXT  sing N N 241 
LEU N   CA   sing N N 242 
LEU N   H    sing N N 243 
LEU N   H2   sing N N 244 
LEU CA  C    sing N N 245 
LEU CA  CB   sing N N 246 
LEU CA  HA   sing N N 247 
LEU C   O    doub N N 248 
LEU C   OXT  sing N N 249 
LEU CB  CG   sing N N 250 
LEU CB  HB2  sing N N 251 
LEU CB  HB3  sing N N 252 
LEU CG  CD1  sing N N 253 
LEU CG  CD2  sing N N 254 
LEU CG  HG   sing N N 255 
LEU CD1 HD11 sing N N 256 
LEU CD1 HD12 sing N N 257 
LEU CD1 HD13 sing N N 258 
LEU CD2 HD21 sing N N 259 
LEU CD2 HD22 sing N N 260 
LEU CD2 HD23 sing N N 261 
LEU OXT HXT  sing N N 262 
LYS N   CA   sing N N 263 
LYS N   H    sing N N 264 
LYS N   H2   sing N N 265 
LYS CA  C    sing N N 266 
LYS CA  CB   sing N N 267 
LYS CA  HA   sing N N 268 
LYS C   O    doub N N 269 
LYS C   OXT  sing N N 270 
LYS CB  CG   sing N N 271 
LYS CB  HB2  sing N N 272 
LYS CB  HB3  sing N N 273 
LYS CG  CD   sing N N 274 
LYS CG  HG2  sing N N 275 
LYS CG  HG3  sing N N 276 
LYS CD  CE   sing N N 277 
LYS CD  HD2  sing N N 278 
LYS CD  HD3  sing N N 279 
LYS CE  NZ   sing N N 280 
LYS CE  HE2  sing N N 281 
LYS CE  HE3  sing N N 282 
LYS NZ  HZ1  sing N N 283 
LYS NZ  HZ2  sing N N 284 
LYS NZ  HZ3  sing N N 285 
LYS OXT HXT  sing N N 286 
MET N   CA   sing N N 287 
MET N   H    sing N N 288 
MET N   H2   sing N N 289 
MET CA  C    sing N N 290 
MET CA  CB   sing N N 291 
MET CA  HA   sing N N 292 
MET C   O    doub N N 293 
MET C   OXT  sing N N 294 
MET CB  CG   sing N N 295 
MET CB  HB2  sing N N 296 
MET CB  HB3  sing N N 297 
MET CG  SD   sing N N 298 
MET CG  HG2  sing N N 299 
MET CG  HG3  sing N N 300 
MET SD  CE   sing N N 301 
MET CE  HE1  sing N N 302 
MET CE  HE2  sing N N 303 
MET CE  HE3  sing N N 304 
MET OXT HXT  sing N N 305 
OXY O1  O2   doub N N 306 
PHE N   CA   sing N N 307 
PHE N   H    sing N N 308 
PHE N   H2   sing N N 309 
PHE CA  C    sing N N 310 
PHE CA  CB   sing N N 311 
PHE CA  HA   sing N N 312 
PHE C   O    doub N N 313 
PHE C   OXT  sing N N 314 
PHE CB  CG   sing N N 315 
PHE CB  HB2  sing N N 316 
PHE CB  HB3  sing N N 317 
PHE CG  CD1  doub Y N 318 
PHE CG  CD2  sing Y N 319 
PHE CD1 CE1  sing Y N 320 
PHE CD1 HD1  sing N N 321 
PHE CD2 CE2  doub Y N 322 
PHE CD2 HD2  sing N N 323 
PHE CE1 CZ   doub Y N 324 
PHE CE1 HE1  sing N N 325 
PHE CE2 CZ   sing Y N 326 
PHE CE2 HE2  sing N N 327 
PHE CZ  HZ   sing N N 328 
PHE OXT HXT  sing N N 329 
PRO N   CA   sing N N 330 
PRO N   CD   sing N N 331 
PRO N   H    sing N N 332 
PRO CA  C    sing N N 333 
PRO CA  CB   sing N N 334 
PRO CA  HA   sing N N 335 
PRO C   O    doub N N 336 
PRO C   OXT  sing N N 337 
PRO CB  CG   sing N N 338 
PRO CB  HB2  sing N N 339 
PRO CB  HB3  sing N N 340 
PRO CG  CD   sing N N 341 
PRO CG  HG2  sing N N 342 
PRO CG  HG3  sing N N 343 
PRO CD  HD2  sing N N 344 
PRO CD  HD3  sing N N 345 
PRO OXT HXT  sing N N 346 
SER N   CA   sing N N 347 
SER N   H    sing N N 348 
SER N   H2   sing N N 349 
SER CA  C    sing N N 350 
SER CA  CB   sing N N 351 
SER CA  HA   sing N N 352 
SER C   O    doub N N 353 
SER C   OXT  sing N N 354 
SER CB  OG   sing N N 355 
SER CB  HB2  sing N N 356 
SER CB  HB3  sing N N 357 
SER OG  HG   sing N N 358 
SER OXT HXT  sing N N 359 
SO4 S   O1   doub N N 360 
SO4 S   O2   doub N N 361 
SO4 S   O3   sing N N 362 
SO4 S   O4   sing N N 363 
THR N   CA   sing N N 364 
THR N   H    sing N N 365 
THR N   H2   sing N N 366 
THR CA  C    sing N N 367 
THR CA  CB   sing N N 368 
THR CA  HA   sing N N 369 
THR C   O    doub N N 370 
THR C   OXT  sing N N 371 
THR CB  OG1  sing N N 372 
THR CB  CG2  sing N N 373 
THR CB  HB   sing N N 374 
THR OG1 HG1  sing N N 375 
THR CG2 HG21 sing N N 376 
THR CG2 HG22 sing N N 377 
THR CG2 HG23 sing N N 378 
THR OXT HXT  sing N N 379 
TRP N   CA   sing N N 380 
TRP N   H    sing N N 381 
TRP N   H2   sing N N 382 
TRP CA  C    sing N N 383 
TRP CA  CB   sing N N 384 
TRP CA  HA   sing N N 385 
TRP C   O    doub N N 386 
TRP C   OXT  sing N N 387 
TRP CB  CG   sing N N 388 
TRP CB  HB2  sing N N 389 
TRP CB  HB3  sing N N 390 
TRP CG  CD1  doub Y N 391 
TRP CG  CD2  sing Y N 392 
TRP CD1 NE1  sing Y N 393 
TRP CD1 HD1  sing N N 394 
TRP CD2 CE2  doub Y N 395 
TRP CD2 CE3  sing Y N 396 
TRP NE1 CE2  sing Y N 397 
TRP NE1 HE1  sing N N 398 
TRP CE2 CZ2  sing Y N 399 
TRP CE3 CZ3  doub Y N 400 
TRP CE3 HE3  sing N N 401 
TRP CZ2 CH2  doub Y N 402 
TRP CZ2 HZ2  sing N N 403 
TRP CZ3 CH2  sing Y N 404 
TRP CZ3 HZ3  sing N N 405 
TRP CH2 HH2  sing N N 406 
TRP OXT HXT  sing N N 407 
TYR N   CA   sing N N 408 
TYR N   H    sing N N 409 
TYR N   H2   sing N N 410 
TYR CA  C    sing N N 411 
TYR CA  CB   sing N N 412 
TYR CA  HA   sing N N 413 
TYR C   O    doub N N 414 
TYR C   OXT  sing N N 415 
TYR CB  CG   sing N N 416 
TYR CB  HB2  sing N N 417 
TYR CB  HB3  sing N N 418 
TYR CG  CD1  doub Y N 419 
TYR CG  CD2  sing Y N 420 
TYR CD1 CE1  sing Y N 421 
TYR CD1 HD1  sing N N 422 
TYR CD2 CE2  doub Y N 423 
TYR CD2 HD2  sing N N 424 
TYR CE1 CZ   doub Y N 425 
TYR CE1 HE1  sing N N 426 
TYR CE2 CZ   sing Y N 427 
TYR CE2 HE2  sing N N 428 
TYR CZ  OH   sing N N 429 
TYR OH  HH   sing N N 430 
TYR OXT HXT  sing N N 431 
VAL N   CA   sing N N 432 
VAL N   H    sing N N 433 
VAL N   H2   sing N N 434 
VAL CA  C    sing N N 435 
VAL CA  CB   sing N N 436 
VAL CA  HA   sing N N 437 
VAL C   O    doub N N 438 
VAL C   OXT  sing N N 439 
VAL CB  CG1  sing N N 440 
VAL CB  CG2  sing N N 441 
VAL CB  HB   sing N N 442 
VAL CG1 HG11 sing N N 443 
VAL CG1 HG12 sing N N 444 
VAL CG1 HG13 sing N N 445 
VAL CG2 HG21 sing N N 446 
VAL CG2 HG22 sing N N 447 
VAL CG2 HG23 sing N N 448 
VAL OXT HXT  sing N N 449 
# 
loop_
_pdbx_entity_nonpoly.entity_id 
_pdbx_entity_nonpoly.name 
_pdbx_entity_nonpoly.comp_id 
2 'PROTOPORPHYRIN IX CONTAINING FE' HEM 
3 'OXYGEN MOLECULE'                 OXY 
4 'SULFATE ION'                     SO4 
5 water                             HOH 
# 
_pdbx_initial_refinement_model.id               1 
_pdbx_initial_refinement_model.entity_id_list   ? 
_pdbx_initial_refinement_model.type             'experimental model' 
_pdbx_initial_refinement_model.source_name      PDB 
_pdbx_initial_refinement_model.accession_code   1U55 
_pdbx_initial_refinement_model.details          'PDB Entry 1U55' 
# 
